data_1ZFD
#
_entry.id   1ZFD
#
_cell.length_a   1.000
_cell.length_b   1.000
_cell.length_c   1.000
_cell.angle_alpha   90.00
_cell.angle_beta   90.00
_cell.angle_gamma   90.00
#
_symmetry.space_group_name_H-M   'P 1'
#
loop_
_entity.id
_entity.type
_entity.pdbx_description
1 polymer SWI5
2 non-polymer 'ZINC ION'
#
_entity_poly.entity_id   1
_entity_poly.type   'polypeptide(L)'
_entity_poly.pdbx_seq_one_letter_code
;DRPYSCDHPGCDKAFVRNHDLIRHKKSHQEKA
;
_entity_poly.pdbx_strand_id   A
#
loop_
_chem_comp.id
_chem_comp.type
_chem_comp.name
_chem_comp.formula
ZN non-polymer 'ZINC ION' 'Zn 2'
#
# COMPACT_ATOMS: atom_id res chain seq x y z
N ASP A 1 10.15 -11.14 2.47
CA ASP A 1 9.83 -11.07 1.02
C ASP A 1 8.71 -10.07 0.78
N ARG A 2 8.78 -8.96 1.47
CA ARG A 2 7.72 -7.93 1.28
C ARG A 2 6.31 -8.55 1.37
N PRO A 3 5.97 -9.06 2.55
CA PRO A 3 4.65 -9.67 2.76
C PRO A 3 3.52 -8.68 2.45
N TYR A 4 3.88 -7.43 2.27
CA TYR A 4 2.85 -6.38 1.97
C TYR A 4 3.24 -5.58 0.74
N SER A 5 3.00 -6.15 -0.41
CA SER A 5 3.35 -5.44 -1.68
C SER A 5 2.09 -5.03 -2.43
N CYS A 6 1.46 -3.98 -1.97
CA CYS A 6 0.23 -3.52 -2.65
C CYS A 6 0.42 -3.50 -4.16
N ASP A 7 -0.64 -3.74 -4.89
CA ASP A 7 -0.54 -3.74 -6.39
C ASP A 7 -1.65 -2.90 -7.02
N HIS A 8 -1.80 -1.70 -6.54
CA HIS A 8 -2.86 -0.80 -7.09
C HIS A 8 -2.30 -0.05 -8.34
N PRO A 9 -3.13 0.15 -9.38
CA PRO A 9 -2.66 0.85 -10.58
C PRO A 9 -2.11 2.25 -10.24
N GLY A 10 -0.89 2.50 -10.64
CA GLY A 10 -0.29 3.84 -10.34
C GLY A 10 0.43 3.83 -8.99
N CYS A 11 0.64 2.65 -8.47
CA CYS A 11 1.33 2.53 -7.15
C CYS A 11 2.84 2.38 -7.33
N ASP A 12 3.56 2.63 -6.28
CA ASP A 12 5.03 2.50 -6.36
C ASP A 12 5.68 2.59 -4.98
N LYS A 13 5.05 1.96 -4.01
CA LYS A 13 5.62 1.99 -2.61
C LYS A 13 5.46 0.64 -1.93
N ALA A 14 6.54 -0.09 -1.85
CA ALA A 14 6.49 -1.42 -1.19
C ALA A 14 6.44 -1.29 0.31
N PHE A 15 6.16 -2.38 0.97
CA PHE A 15 6.08 -2.34 2.46
C PHE A 15 6.49 -3.67 3.09
N VAL A 16 6.83 -3.63 4.35
CA VAL A 16 7.25 -4.87 5.08
C VAL A 16 6.31 -5.12 6.25
N ARG A 17 5.80 -4.04 6.81
CA ARG A 17 4.87 -4.18 7.96
C ARG A 17 3.43 -4.32 7.48
N ASN A 18 2.52 -4.47 8.41
CA ASN A 18 1.08 -4.62 8.02
C ASN A 18 0.35 -3.28 8.05
N HIS A 19 0.28 -2.67 9.20
CA HIS A 19 -0.41 -1.36 9.30
C HIS A 19 -0.04 -0.45 8.11
N ASP A 20 1.22 -0.46 7.75
CA ASP A 20 1.64 0.39 6.62
C ASP A 20 0.73 0.18 5.41
N LEU A 21 0.54 -1.07 5.06
CA LEU A 21 -0.33 -1.38 3.90
C LEU A 21 -1.74 -0.87 4.15
N ILE A 22 -2.14 -0.85 5.40
CA ILE A 22 -3.49 -0.36 5.72
C ILE A 22 -3.56 1.15 5.56
N ARG A 23 -2.56 1.82 6.06
CA ARG A 23 -2.54 3.30 5.95
C ARG A 23 -2.16 3.71 4.53
N HIS A 24 -1.50 2.81 3.84
CA HIS A 24 -1.08 3.11 2.45
C HIS A 24 -2.21 2.78 1.45
N LYS A 25 -2.89 1.70 1.69
CA LYS A 25 -3.99 1.32 0.77
C LYS A 25 -5.11 2.36 0.79
N LYS A 26 -5.45 2.82 1.96
CA LYS A 26 -6.53 3.84 2.05
C LYS A 26 -6.12 5.11 1.33
N SER A 27 -4.87 5.19 0.96
CA SER A 27 -4.39 6.40 0.25
C SER A 27 -4.84 6.39 -1.21
N HIS A 28 -4.85 5.22 -1.80
CA HIS A 28 -5.27 5.13 -3.21
C HIS A 28 -6.70 5.64 -3.39
N GLN A 29 -7.33 5.96 -2.29
CA GLN A 29 -8.73 6.47 -2.36
C GLN A 29 -8.76 7.99 -2.46
N GLU A 30 -8.40 8.66 -1.39
CA GLU A 30 -8.40 10.15 -1.39
C GLU A 30 -9.76 10.71 -1.80
N LYS A 31 -10.03 11.92 -1.40
CA LYS A 31 -11.33 12.55 -1.74
C LYS A 31 -11.27 13.22 -3.10
N ALA A 32 -12.23 14.07 -3.38
CA ALA A 32 -12.23 14.76 -4.69
C ALA A 32 -12.13 13.77 -5.84
ZN ZN B . -0.34 0.98 -3.33
N ASP A 1 11.84 -9.54 1.25
CA ASP A 1 12.15 -8.12 0.97
C ASP A 1 10.86 -7.32 0.81
N ARG A 2 10.34 -6.85 1.92
CA ARG A 2 9.08 -6.07 1.86
C ARG A 2 8.03 -6.78 1.01
N PRO A 3 7.51 -7.89 1.50
CA PRO A 3 6.49 -8.66 0.77
C PRO A 3 5.18 -7.88 0.65
N TYR A 4 5.00 -6.89 1.50
CA TYR A 4 3.74 -6.09 1.44
C TYR A 4 3.83 -5.05 0.35
N SER A 5 3.94 -5.51 -0.85
CA SER A 5 4.04 -4.58 -2.00
C SER A 5 2.65 -4.29 -2.56
N CYS A 6 2.04 -3.22 -2.08
CA CYS A 6 0.69 -2.87 -2.58
C CYS A 6 0.62 -2.99 -4.10
N ASP A 7 -0.58 -3.14 -4.62
CA ASP A 7 -0.74 -3.27 -6.10
C ASP A 7 -1.87 -2.38 -6.61
N HIS A 8 -1.87 -1.13 -6.20
CA HIS A 8 -2.93 -0.22 -6.66
C HIS A 8 -2.59 0.27 -8.10
N PRO A 9 -3.59 0.37 -9.00
CA PRO A 9 -3.32 0.83 -10.35
C PRO A 9 -2.44 2.09 -10.37
N GLY A 10 -1.15 1.88 -10.54
CA GLY A 10 -0.22 3.05 -10.56
C GLY A 10 0.49 3.21 -9.21
N CYS A 11 1.22 2.20 -8.82
CA CYS A 11 1.94 2.29 -7.52
C CYS A 11 2.99 1.21 -7.38
N ASP A 12 3.89 1.44 -6.47
CA ASP A 12 4.98 0.45 -6.25
C ASP A 12 5.61 0.68 -4.88
N LYS A 13 4.86 1.30 -4.01
CA LYS A 13 5.39 1.57 -2.65
C LYS A 13 5.53 0.26 -1.84
N ALA A 14 6.75 -0.09 -1.54
CA ALA A 14 6.98 -1.34 -0.76
C ALA A 14 6.76 -1.10 0.72
N PHE A 15 6.57 -2.18 1.45
CA PHE A 15 6.34 -2.06 2.92
C PHE A 15 6.93 -3.26 3.66
N VAL A 16 7.34 -3.03 4.88
CA VAL A 16 7.93 -4.14 5.69
C VAL A 16 6.87 -4.78 6.58
N ARG A 17 5.86 -4.01 6.94
CA ARG A 17 4.77 -4.56 7.82
C ARG A 17 3.45 -4.64 7.07
N ASN A 18 2.41 -5.05 7.77
CA ASN A 18 1.07 -5.16 7.12
C ASN A 18 0.26 -3.89 7.30
N HIS A 19 0.06 -3.49 8.53
CA HIS A 19 -0.73 -2.26 8.80
C HIS A 19 -0.34 -1.14 7.83
N ASP A 20 0.93 -0.93 7.66
CA ASP A 20 1.35 0.15 6.72
C ASP A 20 0.57 0.04 5.42
N LEU A 21 0.36 -1.19 4.99
CA LEU A 21 -0.39 -1.42 3.74
C LEU A 21 -1.84 -0.93 3.91
N ILE A 22 -2.38 -1.11 5.09
CA ILE A 22 -3.77 -0.66 5.32
C ILE A 22 -3.83 0.86 5.33
N ARG A 23 -2.94 1.46 6.08
CA ARG A 23 -2.93 2.94 6.15
C ARG A 23 -2.44 3.52 4.82
N HIS A 24 -1.65 2.74 4.12
CA HIS A 24 -1.12 3.21 2.82
C HIS A 24 -2.23 3.17 1.75
N LYS A 25 -3.02 2.13 1.78
CA LYS A 25 -4.12 2.02 0.79
C LYS A 25 -5.33 2.84 1.21
N LYS A 26 -5.10 3.82 2.05
CA LYS A 26 -6.23 4.68 2.53
C LYS A 26 -6.27 6.00 1.76
N SER A 27 -5.45 6.11 0.74
CA SER A 27 -5.42 7.37 -0.09
C SER A 27 -5.61 7.05 -1.57
N HIS A 28 -5.31 5.84 -1.94
CA HIS A 28 -5.47 5.47 -3.37
C HIS A 28 -6.87 5.82 -3.86
N GLN A 29 -7.85 5.37 -3.13
CA GLN A 29 -9.24 5.66 -3.53
C GLN A 29 -9.43 7.14 -3.84
N GLU A 30 -8.90 7.97 -2.97
CA GLU A 30 -9.03 9.45 -3.19
C GLU A 30 -7.81 10.18 -2.64
N LYS A 31 -6.78 10.25 -3.44
CA LYS A 31 -5.55 10.95 -2.98
C LYS A 31 -5.84 12.40 -2.66
N ALA A 32 -5.45 12.83 -1.49
CA ALA A 32 -5.69 14.23 -1.09
C ALA A 32 -4.87 14.61 0.13
ZN ZN B . -0.10 1.73 -3.16
N ASP A 1 10.28 -11.72 1.06
CA ASP A 1 10.68 -10.35 1.45
C ASP A 1 9.60 -9.35 1.07
N ARG A 2 9.29 -8.47 1.98
CA ARG A 2 8.23 -7.47 1.69
C ARG A 2 6.94 -8.14 1.22
N PRO A 3 6.29 -8.87 2.13
CA PRO A 3 5.04 -9.57 1.78
C PRO A 3 3.90 -8.58 1.52
N TYR A 4 4.06 -7.36 2.02
CA TYR A 4 2.99 -6.32 1.80
C TYR A 4 3.37 -5.39 0.69
N SER A 5 3.35 -5.89 -0.50
CA SER A 5 3.71 -5.05 -1.68
C SER A 5 2.45 -4.62 -2.42
N CYS A 6 1.83 -3.57 -1.96
CA CYS A 6 0.60 -3.10 -2.64
C CYS A 6 0.83 -2.99 -4.15
N ASP A 7 -0.21 -3.23 -4.90
CA ASP A 7 -0.08 -3.14 -6.39
C ASP A 7 -1.33 -2.52 -7.00
N HIS A 8 -1.67 -1.35 -6.52
CA HIS A 8 -2.87 -0.65 -7.05
C HIS A 8 -2.50 0.13 -8.34
N PRO A 9 -3.44 0.21 -9.30
CA PRO A 9 -3.17 0.93 -10.54
C PRO A 9 -2.56 2.30 -10.27
N GLY A 10 -1.33 2.47 -10.66
CA GLY A 10 -0.65 3.78 -10.43
C GLY A 10 -0.04 3.85 -9.04
N CYS A 11 0.73 2.83 -8.69
CA CYS A 11 1.38 2.81 -7.34
C CYS A 11 2.79 2.26 -7.43
N ASP A 12 3.57 2.57 -6.44
CA ASP A 12 4.98 2.08 -6.42
C ASP A 12 5.55 2.20 -5.02
N LYS A 13 4.99 1.45 -4.10
CA LYS A 13 5.49 1.50 -2.69
C LYS A 13 5.57 0.09 -2.10
N ALA A 14 6.57 -0.13 -1.27
CA ALA A 14 6.75 -1.48 -0.63
C ALA A 14 6.58 -1.38 0.87
N PHE A 15 6.40 -2.52 1.50
CA PHE A 15 6.22 -2.51 2.98
C PHE A 15 6.60 -3.85 3.59
N VAL A 16 7.01 -3.81 4.84
CA VAL A 16 7.40 -5.07 5.53
C VAL A 16 6.28 -5.52 6.47
N ARG A 17 5.68 -4.56 7.15
CA ARG A 17 4.58 -4.91 8.09
C ARG A 17 3.22 -4.86 7.38
N ASN A 18 2.16 -4.90 8.16
CA ASN A 18 0.79 -4.86 7.55
C ASN A 18 0.16 -3.48 7.70
N HIS A 19 0.12 -2.99 8.91
CA HIS A 19 -0.47 -1.64 9.15
C HIS A 19 -0.05 -0.65 8.06
N ASP A 20 1.22 -0.53 7.82
CA ASP A 20 1.67 0.41 6.77
C ASP A 20 0.82 0.25 5.51
N LEU A 21 0.61 -0.97 5.13
CA LEU A 21 -0.20 -1.23 3.91
C LEU A 21 -1.61 -0.68 4.11
N ILE A 22 -2.08 -0.71 5.33
CA ILE A 22 -3.43 -0.19 5.60
C ILE A 22 -3.45 1.32 5.46
N ARG A 23 -2.56 1.96 6.16
CA ARG A 23 -2.51 3.45 6.07
C ARG A 23 -2.09 3.87 4.66
N HIS A 24 -1.34 3.02 4.02
CA HIS A 24 -0.89 3.35 2.64
C HIS A 24 -2.04 3.16 1.64
N LYS A 25 -2.72 2.06 1.74
CA LYS A 25 -3.83 1.80 0.81
C LYS A 25 -4.86 2.92 0.85
N LYS A 26 -4.95 3.59 1.98
CA LYS A 26 -5.93 4.70 2.09
C LYS A 26 -5.81 5.64 0.88
N SER A 27 -4.61 5.82 0.41
CA SER A 27 -4.41 6.71 -0.75
C SER A 27 -5.23 6.23 -1.94
N HIS A 28 -5.34 4.94 -2.07
CA HIS A 28 -6.12 4.37 -3.21
C HIS A 28 -7.60 4.37 -2.86
N GLN A 29 -8.01 5.29 -2.03
CA GLN A 29 -9.45 5.36 -1.64
C GLN A 29 -10.36 5.15 -2.85
N GLU A 30 -9.82 5.34 -4.02
CA GLU A 30 -10.66 5.16 -5.24
C GLU A 30 -10.93 3.67 -5.48
N LYS A 31 -11.77 3.10 -4.65
CA LYS A 31 -12.09 1.65 -4.82
C LYS A 31 -13.11 1.46 -5.93
N ALA A 32 -13.02 2.27 -6.95
CA ALA A 32 -13.99 2.13 -8.07
C ALA A 32 -13.83 0.78 -8.75
ZN ZN B . -0.36 1.35 -3.21
N ASP A 1 9.65 -11.41 3.40
CA ASP A 1 9.68 -11.30 1.92
C ASP A 1 8.61 -10.32 1.45
N ARG A 2 8.64 -9.14 2.01
CA ARG A 2 7.64 -8.11 1.61
C ARG A 2 6.22 -8.72 1.55
N PRO A 3 5.71 -9.14 2.72
CA PRO A 3 4.37 -9.74 2.77
C PRO A 3 3.29 -8.73 2.38
N TYR A 4 3.66 -7.48 2.29
CA TYR A 4 2.67 -6.41 1.91
C TYR A 4 3.16 -5.59 0.74
N SER A 5 3.00 -6.13 -0.44
CA SER A 5 3.45 -5.39 -1.67
C SER A 5 2.25 -4.83 -2.43
N CYS A 6 1.71 -3.73 -1.96
CA CYS A 6 0.55 -3.15 -2.66
C CYS A 6 0.81 -3.06 -4.16
N ASP A 7 -0.26 -2.98 -4.91
CA ASP A 7 -0.12 -2.89 -6.38
C ASP A 7 -1.32 -2.21 -7.01
N HIS A 8 -1.68 -1.09 -6.43
CA HIS A 8 -2.85 -0.35 -6.97
C HIS A 8 -2.47 0.32 -8.32
N PRO A 9 -3.42 0.45 -9.24
CA PRO A 9 -3.14 1.06 -10.53
C PRO A 9 -2.38 2.38 -10.38
N GLY A 10 -1.09 2.33 -10.64
CA GLY A 10 -0.27 3.58 -10.52
C GLY A 10 0.38 3.66 -9.14
N CYS A 11 1.08 2.61 -8.75
CA CYS A 11 1.74 2.61 -7.40
C CYS A 11 3.05 1.84 -7.45
N ASP A 12 3.88 2.09 -6.47
CA ASP A 12 5.19 1.40 -6.42
C ASP A 12 5.80 1.50 -5.03
N LYS A 13 4.97 1.78 -4.05
CA LYS A 13 5.48 1.90 -2.66
C LYS A 13 5.44 0.55 -1.94
N ALA A 14 6.55 -0.13 -1.94
CA ALA A 14 6.59 -1.45 -1.27
C ALA A 14 6.58 -1.29 0.24
N PHE A 15 6.28 -2.35 0.93
CA PHE A 15 6.24 -2.29 2.42
C PHE A 15 6.76 -3.58 3.04
N VAL A 16 6.87 -3.58 4.35
CA VAL A 16 7.36 -4.79 5.07
C VAL A 16 6.48 -5.07 6.27
N ARG A 17 6.00 -4.02 6.89
CA ARG A 17 5.12 -4.18 8.07
C ARG A 17 3.73 -4.61 7.63
N ASN A 18 2.73 -4.15 8.35
CA ASN A 18 1.32 -4.52 8.00
C ASN A 18 0.42 -3.29 8.01
N HIS A 19 0.14 -2.78 9.17
CA HIS A 19 -0.73 -1.59 9.26
C HIS A 19 -0.30 -0.53 8.25
N ASP A 20 0.91 -0.64 7.79
CA ASP A 20 1.40 0.36 6.81
C ASP A 20 0.61 0.22 5.52
N LEU A 21 0.39 -1.01 5.13
CA LEU A 21 -0.37 -1.26 3.87
C LEU A 21 -1.82 -0.80 4.05
N ILE A 22 -2.30 -0.90 5.25
CA ILE A 22 -3.68 -0.47 5.52
C ILE A 22 -3.79 1.05 5.42
N ARG A 23 -2.82 1.71 6.00
CA ARG A 23 -2.83 3.18 5.95
C ARG A 23 -2.40 3.67 4.58
N HIS A 24 -1.56 2.90 3.94
CA HIS A 24 -1.08 3.28 2.59
C HIS A 24 -2.15 2.98 1.55
N LYS A 25 -2.87 1.89 1.75
CA LYS A 25 -3.92 1.54 0.77
C LYS A 25 -5.13 2.46 0.92
N LYS A 26 -5.22 3.12 2.03
CA LYS A 26 -6.36 4.04 2.24
C LYS A 26 -6.18 5.31 1.40
N SER A 27 -4.98 5.55 0.97
CA SER A 27 -4.71 6.76 0.15
C SER A 27 -5.14 6.54 -1.30
N HIS A 28 -5.16 5.30 -1.70
CA HIS A 28 -5.58 5.00 -3.10
C HIS A 28 -7.08 5.24 -3.27
N GLN A 29 -7.67 5.90 -2.33
CA GLN A 29 -9.14 6.17 -2.43
C GLN A 29 -9.55 7.26 -1.46
N GLU A 30 -9.42 8.50 -1.87
CA GLU A 30 -9.80 9.64 -0.98
C GLU A 30 -11.10 10.28 -1.47
N LYS A 31 -12.16 9.53 -1.42
CA LYS A 31 -13.47 10.07 -1.87
C LYS A 31 -13.35 10.67 -3.27
N ALA A 32 -13.51 9.86 -4.27
CA ALA A 32 -13.41 10.36 -5.66
C ALA A 32 -13.89 9.32 -6.66
ZN ZN B . -0.12 1.44 -3.20
N ASP A 1 10.29 -11.77 -0.07
CA ASP A 1 10.25 -10.75 1.00
C ASP A 1 9.10 -9.78 0.73
N ARG A 2 9.10 -8.68 1.45
CA ARG A 2 8.02 -7.68 1.24
C ARG A 2 6.64 -8.35 1.29
N PRO A 3 6.26 -8.86 2.45
CA PRO A 3 4.97 -9.52 2.62
C PRO A 3 3.81 -8.57 2.30
N TYR A 4 4.11 -7.31 2.10
CA TYR A 4 3.05 -6.30 1.79
C TYR A 4 3.45 -5.44 0.60
N SER A 5 3.21 -5.94 -0.57
CA SER A 5 3.56 -5.17 -1.81
C SER A 5 2.29 -4.73 -2.54
N CYS A 6 1.68 -3.67 -2.05
CA CYS A 6 0.44 -3.19 -2.72
C CYS A 6 0.60 -3.17 -4.23
N ASP A 7 -0.50 -3.29 -4.92
CA ASP A 7 -0.46 -3.28 -6.42
C ASP A 7 -1.58 -2.42 -6.98
N HIS A 8 -1.68 -1.22 -6.49
CA HIS A 8 -2.75 -0.31 -6.97
C HIS A 8 -2.32 0.31 -8.33
N PRO A 9 -3.23 0.42 -9.31
CA PRO A 9 -2.87 1.00 -10.60
C PRO A 9 -2.13 2.32 -10.41
N GLY A 10 -0.86 2.31 -10.75
CA GLY A 10 -0.05 3.56 -10.61
C GLY A 10 0.57 3.64 -9.21
N CYS A 11 1.21 2.57 -8.80
CA CYS A 11 1.83 2.56 -7.44
C CYS A 11 3.09 1.70 -7.41
N ASP A 12 3.93 1.96 -6.46
CA ASP A 12 5.19 1.17 -6.35
C ASP A 12 5.76 1.30 -4.95
N LYS A 13 4.91 1.69 -4.02
CA LYS A 13 5.38 1.84 -2.61
C LYS A 13 5.40 0.50 -1.89
N ALA A 14 6.54 -0.13 -1.87
CA ALA A 14 6.64 -1.44 -1.18
C ALA A 14 6.52 -1.25 0.32
N PHE A 15 6.21 -2.33 1.00
CA PHE A 15 6.06 -2.24 2.49
C PHE A 15 6.46 -3.54 3.17
N VAL A 16 7.04 -3.41 4.34
CA VAL A 16 7.47 -4.63 5.10
C VAL A 16 6.50 -4.89 6.24
N ARG A 17 5.98 -3.82 6.81
CA ARG A 17 5.03 -3.97 7.95
C ARG A 17 3.62 -4.22 7.42
N ASN A 18 2.69 -4.44 8.32
CA ASN A 18 1.28 -4.70 7.88
C ASN A 18 0.43 -3.43 7.91
N HIS A 19 0.21 -2.92 9.09
CA HIS A 19 -0.61 -1.67 9.20
C HIS A 19 -0.22 -0.65 8.13
N ASP A 20 1.01 -0.69 7.72
CA ASP A 20 1.45 0.28 6.69
C ASP A 20 0.60 0.12 5.43
N LEU A 21 0.39 -1.11 5.05
CA LEU A 21 -0.43 -1.36 3.84
C LEU A 21 -1.85 -0.85 4.06
N ILE A 22 -2.29 -0.90 5.29
CA ILE A 22 -3.66 -0.41 5.58
C ILE A 22 -3.72 1.10 5.46
N ARG A 23 -2.82 1.76 6.13
CA ARG A 23 -2.81 3.24 6.05
C ARG A 23 -2.39 3.68 4.66
N HIS A 24 -1.62 2.86 4.00
CA HIS A 24 -1.16 3.21 2.63
C HIS A 24 -2.29 2.98 1.62
N LYS A 25 -2.97 1.87 1.76
CA LYS A 25 -4.07 1.58 0.82
C LYS A 25 -5.20 2.60 0.97
N LYS A 26 -5.41 3.04 2.17
CA LYS A 26 -6.50 4.03 2.39
C LYS A 26 -6.20 5.32 1.62
N SER A 27 -5.02 5.41 1.08
CA SER A 27 -4.64 6.63 0.30
C SER A 27 -5.05 6.50 -1.16
N HIS A 28 -5.28 5.28 -1.60
CA HIS A 28 -5.68 5.08 -3.01
C HIS A 28 -7.16 5.43 -3.20
N GLN A 29 -7.66 6.29 -2.34
CA GLN A 29 -9.09 6.70 -2.45
C GLN A 29 -9.23 8.21 -2.33
N GLU A 30 -8.61 8.92 -3.24
CA GLU A 30 -8.70 10.40 -3.20
C GLU A 30 -8.18 11.00 -4.49
N LYS A 31 -8.93 11.93 -5.04
CA LYS A 31 -8.50 12.56 -6.31
C LYS A 31 -7.19 13.33 -6.10
N ALA A 32 -7.00 14.36 -6.88
CA ALA A 32 -5.76 15.16 -6.74
C ALA A 32 -5.69 15.84 -5.38
ZN ZN B . -0.32 1.41 -3.27
N ASP A 1 10.72 -11.08 -0.70
CA ASP A 1 10.50 -10.38 0.59
C ASP A 1 9.32 -9.40 0.46
N ARG A 2 9.30 -8.39 1.28
CA ARG A 2 8.19 -7.41 1.20
C ARG A 2 6.84 -8.14 1.13
N PRO A 3 6.43 -8.75 2.23
CA PRO A 3 5.16 -9.48 2.28
C PRO A 3 3.97 -8.56 2.01
N TYR A 4 4.22 -7.27 1.95
CA TYR A 4 3.10 -6.29 1.70
C TYR A 4 3.44 -5.38 0.53
N SER A 5 3.33 -5.90 -0.65
CA SER A 5 3.63 -5.08 -1.87
C SER A 5 2.34 -4.66 -2.57
N CYS A 6 1.71 -3.63 -2.05
CA CYS A 6 0.44 -3.16 -2.66
C CYS A 6 0.56 -3.09 -4.18
N ASP A 7 -0.47 -3.53 -4.85
CA ASP A 7 -0.47 -3.51 -6.34
C ASP A 7 -1.65 -2.68 -6.87
N HIS A 8 -1.82 -1.51 -6.30
CA HIS A 8 -2.93 -0.65 -6.76
C HIS A 8 -2.61 -0.07 -8.16
N PRO A 9 -3.61 0.07 -9.03
CA PRO A 9 -3.37 0.61 -10.36
C PRO A 9 -2.50 1.88 -10.32
N GLY A 10 -1.22 1.71 -10.57
CA GLY A 10 -0.29 2.88 -10.55
C GLY A 10 0.31 3.07 -9.16
N CYS A 11 1.07 2.08 -8.72
CA CYS A 11 1.71 2.19 -7.37
C CYS A 11 3.12 1.64 -7.39
N ASP A 12 3.88 2.01 -6.39
CA ASP A 12 5.28 1.54 -6.31
C ASP A 12 5.85 1.76 -4.93
N LYS A 13 4.97 1.91 -3.95
CA LYS A 13 5.44 2.13 -2.56
C LYS A 13 5.50 0.82 -1.79
N ALA A 14 6.60 0.13 -1.92
CA ALA A 14 6.74 -1.17 -1.22
C ALA A 14 6.64 -0.98 0.29
N PHE A 15 6.42 -2.06 0.99
CA PHE A 15 6.32 -1.97 2.48
C PHE A 15 6.91 -3.22 3.12
N VAL A 16 6.86 -3.26 4.43
CA VAL A 16 7.40 -4.44 5.18
C VAL A 16 6.42 -4.87 6.25
N ARG A 17 5.78 -3.92 6.87
CA ARG A 17 4.79 -4.24 7.93
C ARG A 17 3.40 -4.44 7.34
N ASN A 18 2.42 -4.62 8.19
CA ASN A 18 1.02 -4.83 7.70
C ASN A 18 0.23 -3.53 7.76
N HIS A 19 0.06 -3.02 8.95
CA HIS A 19 -0.71 -1.75 9.10
C HIS A 19 -0.32 -0.75 8.03
N ASP A 20 0.96 -0.58 7.82
CA ASP A 20 1.40 0.38 6.78
C ASP A 20 0.62 0.17 5.49
N LEU A 21 0.51 -1.07 5.10
CA LEU A 21 -0.23 -1.37 3.85
C LEU A 21 -1.70 -0.97 4.01
N ILE A 22 -2.23 -1.21 5.16
CA ILE A 22 -3.65 -0.84 5.41
C ILE A 22 -3.84 0.66 5.36
N ARG A 23 -2.95 1.37 5.99
CA ARG A 23 -3.07 2.84 5.99
C ARG A 23 -2.62 3.41 4.65
N HIS A 24 -1.78 2.67 3.97
CA HIS A 24 -1.29 3.13 2.65
C HIS A 24 -2.37 2.90 1.58
N LYS A 25 -3.16 1.86 1.76
CA LYS A 25 -4.23 1.58 0.76
C LYS A 25 -5.36 2.61 0.90
N LYS A 26 -5.51 3.14 2.07
CA LYS A 26 -6.59 4.14 2.30
C LYS A 26 -6.15 5.52 1.81
N SER A 27 -5.06 5.54 1.04
CA SER A 27 -4.54 6.84 0.51
C SER A 27 -4.69 6.91 -1.01
N HIS A 28 -4.75 5.75 -1.63
CA HIS A 28 -4.89 5.74 -3.11
C HIS A 28 -6.14 6.49 -3.54
N GLN A 29 -6.90 6.95 -2.58
CA GLN A 29 -8.14 7.70 -2.93
C GLN A 29 -7.80 8.94 -3.76
N GLU A 30 -6.69 9.55 -3.44
CA GLU A 30 -6.27 10.77 -4.18
C GLU A 30 -7.42 11.77 -4.27
N LYS A 31 -7.39 12.76 -3.43
CA LYS A 31 -8.46 13.78 -3.45
C LYS A 31 -8.02 15.05 -2.73
N ALA A 32 -8.25 16.17 -3.35
CA ALA A 32 -7.85 17.45 -2.71
C ALA A 32 -8.31 18.64 -3.55
ZN ZN B . -0.24 1.35 -3.21
N ASP A 1 12.91 -8.82 5.36
CA ASP A 1 12.02 -8.99 4.18
C ASP A 1 11.03 -7.83 4.10
N ARG A 2 10.65 -7.47 2.89
CA ARG A 2 9.68 -6.35 2.72
C ARG A 2 8.68 -6.68 1.60
N PRO A 3 7.80 -7.65 1.85
CA PRO A 3 6.80 -8.03 0.86
C PRO A 3 5.73 -6.93 0.66
N TYR A 4 4.69 -6.98 1.51
CA TYR A 4 3.56 -5.97 1.44
C TYR A 4 3.72 -4.97 0.31
N SER A 5 3.64 -5.48 -0.88
CA SER A 5 3.79 -4.60 -2.08
C SER A 5 2.43 -4.29 -2.68
N CYS A 6 1.79 -3.27 -2.15
CA CYS A 6 0.45 -2.91 -2.69
C CYS A 6 0.47 -2.90 -4.22
N ASP A 7 -0.69 -3.14 -4.81
CA ASP A 7 -0.77 -3.16 -6.30
C ASP A 7 -1.90 -2.27 -6.79
N HIS A 8 -1.90 -1.04 -6.36
CA HIS A 8 -2.97 -0.10 -6.79
C HIS A 8 -2.62 0.46 -8.20
N PRO A 9 -3.61 0.66 -9.06
CA PRO A 9 -3.34 1.19 -10.40
C PRO A 9 -2.37 2.37 -10.36
N GLY A 10 -1.12 2.11 -10.66
CA GLY A 10 -0.10 3.20 -10.65
C GLY A 10 0.59 3.28 -9.28
N CYS A 11 1.27 2.24 -8.92
CA CYS A 11 1.98 2.25 -7.60
C CYS A 11 3.06 1.18 -7.54
N ASP A 12 3.99 1.39 -6.64
CA ASP A 12 5.09 0.41 -6.49
C ASP A 12 5.78 0.62 -5.15
N LYS A 13 5.07 1.23 -4.23
CA LYS A 13 5.66 1.48 -2.89
C LYS A 13 5.64 0.20 -2.05
N ALA A 14 6.81 -0.31 -1.77
CA ALA A 14 6.89 -1.55 -0.94
C ALA A 14 6.74 -1.23 0.53
N PHE A 15 6.52 -2.25 1.32
CA PHE A 15 6.35 -2.04 2.78
C PHE A 15 6.87 -3.23 3.58
N VAL A 16 6.95 -3.05 4.88
CA VAL A 16 7.45 -4.16 5.77
C VAL A 16 6.34 -4.69 6.65
N ARG A 17 5.68 -3.81 7.36
CA ARG A 17 4.57 -4.23 8.25
C ARG A 17 3.24 -4.22 7.52
N ASN A 18 2.25 -4.81 8.12
CA ASN A 18 0.91 -4.84 7.46
C ASN A 18 0.21 -3.49 7.60
N HIS A 19 0.12 -3.01 8.82
CA HIS A 19 -0.56 -1.70 9.04
C HIS A 19 -0.18 -0.68 7.98
N ASP A 20 1.09 -0.57 7.70
CA ASP A 20 1.52 0.40 6.65
C ASP A 20 0.66 0.23 5.41
N LEU A 21 0.54 -0.98 4.96
CA LEU A 21 -0.27 -1.26 3.75
C LEU A 21 -1.73 -0.82 3.99
N ILE A 22 -2.20 -1.00 5.19
CA ILE A 22 -3.59 -0.59 5.49
C ILE A 22 -3.71 0.93 5.41
N ARG A 23 -2.77 1.61 5.99
CA ARG A 23 -2.82 3.10 5.95
C ARG A 23 -2.37 3.62 4.60
N HIS A 24 -1.62 2.80 3.88
CA HIS A 24 -1.13 3.23 2.55
C HIS A 24 -2.15 2.86 1.46
N LYS A 25 -2.93 1.85 1.71
CA LYS A 25 -3.95 1.44 0.72
C LYS A 25 -5.16 2.36 0.72
N LYS A 26 -5.90 2.34 1.80
CA LYS A 26 -7.09 3.21 1.88
C LYS A 26 -6.75 4.66 1.50
N SER A 27 -5.47 4.92 1.40
CA SER A 27 -5.06 6.30 1.03
C SER A 27 -5.23 6.55 -0.46
N HIS A 28 -4.95 5.54 -1.24
CA HIS A 28 -5.10 5.69 -2.71
C HIS A 28 -6.43 6.37 -3.06
N GLN A 29 -7.35 6.32 -2.13
CA GLN A 29 -8.67 6.94 -2.39
C GLN A 29 -8.52 8.46 -2.52
N GLU A 30 -8.67 9.15 -1.43
CA GLU A 30 -8.55 10.62 -1.49
C GLU A 30 -8.48 11.21 -0.08
N LYS A 31 -7.45 11.97 0.18
CA LYS A 31 -7.32 12.58 1.52
C LYS A 31 -8.44 13.57 1.79
N ALA A 32 -8.93 13.58 3.00
CA ALA A 32 -10.02 14.51 3.35
C ALA A 32 -9.55 15.96 3.28
ZN ZN B . -0.13 1.65 -3.28
N ASP A 1 9.83 -12.21 1.02
CA ASP A 1 9.94 -10.97 1.82
C ASP A 1 8.89 -9.96 1.38
N ARG A 2 8.80 -8.88 2.11
CA ARG A 2 7.79 -7.84 1.75
C ARG A 2 6.43 -8.48 1.39
N PRO A 3 5.80 -9.12 2.37
CA PRO A 3 4.50 -9.76 2.15
C PRO A 3 3.42 -8.72 1.83
N TYR A 4 3.72 -7.46 2.11
CA TYR A 4 2.72 -6.38 1.84
C TYR A 4 3.14 -5.56 0.64
N SER A 5 2.99 -6.13 -0.50
CA SER A 5 3.37 -5.42 -1.76
C SER A 5 2.13 -4.89 -2.46
N CYS A 6 1.64 -3.76 -2.02
CA CYS A 6 0.43 -3.19 -2.67
C CYS A 6 0.56 -3.22 -4.19
N ASP A 7 -0.57 -3.35 -4.86
CA ASP A 7 -0.53 -3.40 -6.35
C ASP A 7 -1.69 -2.60 -6.94
N HIS A 8 -1.82 -1.36 -6.50
CA HIS A 8 -2.92 -0.51 -7.01
C HIS A 8 -2.46 0.19 -8.33
N PRO A 9 -3.36 0.33 -9.32
CA PRO A 9 -3.00 0.97 -10.57
C PRO A 9 -2.31 2.33 -10.33
N GLY A 10 -1.08 2.43 -10.76
CA GLY A 10 -0.35 3.72 -10.57
C GLY A 10 0.26 3.79 -9.16
N CYS A 11 0.90 2.71 -8.75
CA CYS A 11 1.53 2.68 -7.39
C CYS A 11 2.97 2.21 -7.46
N ASP A 12 3.68 2.44 -6.40
CA ASP A 12 5.11 2.01 -6.36
C ASP A 12 5.67 2.24 -4.97
N LYS A 13 5.05 1.64 -3.98
CA LYS A 13 5.53 1.80 -2.57
C LYS A 13 5.56 0.45 -1.85
N ALA A 14 6.69 -0.18 -1.86
CA ALA A 14 6.81 -1.49 -1.18
C ALA A 14 6.72 -1.33 0.32
N PHE A 15 6.45 -2.42 1.00
CA PHE A 15 6.34 -2.36 2.48
C PHE A 15 6.83 -3.68 3.11
N VAL A 16 6.51 -3.85 4.36
CA VAL A 16 6.94 -5.09 5.06
C VAL A 16 6.13 -5.29 6.32
N ARG A 17 5.86 -4.20 6.99
CA ARG A 17 5.06 -4.27 8.25
C ARG A 17 3.59 -4.07 7.95
N ASN A 18 2.76 -4.93 8.47
CA ASN A 18 1.32 -4.78 8.21
C ASN A 18 0.89 -3.39 8.63
N HIS A 19 -0.37 -3.10 8.53
CA HIS A 19 -0.85 -1.75 8.93
C HIS A 19 -0.38 -0.70 7.93
N ASP A 20 0.92 -0.57 7.78
CA ASP A 20 1.43 0.43 6.81
C ASP A 20 0.70 0.27 5.47
N LEU A 21 0.42 -0.96 5.13
CA LEU A 21 -0.29 -1.24 3.85
C LEU A 21 -1.75 -0.81 4.00
N ILE A 22 -2.29 -0.99 5.18
CA ILE A 22 -3.70 -0.60 5.38
C ILE A 22 -3.81 0.90 5.37
N ARG A 23 -2.76 1.55 5.81
CA ARG A 23 -2.76 3.03 5.85
C ARG A 23 -2.36 3.56 4.49
N HIS A 24 -1.47 2.85 3.84
CA HIS A 24 -1.02 3.29 2.49
C HIS A 24 -2.09 2.95 1.46
N LYS A 25 -2.79 1.86 1.70
CA LYS A 25 -3.85 1.45 0.75
C LYS A 25 -5.05 2.38 0.86
N LYS A 26 -5.09 3.15 1.91
CA LYS A 26 -6.22 4.08 2.10
C LYS A 26 -6.00 5.35 1.28
N SER A 27 -4.77 5.52 0.84
CA SER A 27 -4.45 6.73 0.03
C SER A 27 -4.89 6.55 -1.42
N HIS A 28 -5.07 5.32 -1.82
CA HIS A 28 -5.50 5.07 -3.22
C HIS A 28 -6.98 5.42 -3.41
N GLN A 29 -7.48 6.25 -2.54
CA GLN A 29 -8.91 6.66 -2.64
C GLN A 29 -9.17 7.92 -1.83
N GLU A 30 -8.12 8.68 -1.61
CA GLU A 30 -8.28 9.94 -0.82
C GLU A 30 -7.17 10.92 -1.18
N LYS A 31 -7.02 11.94 -0.37
CA LYS A 31 -5.96 12.95 -0.64
C LYS A 31 -5.49 13.61 0.65
N ALA A 32 -5.01 12.82 1.57
CA ALA A 32 -4.55 13.38 2.86
C ALA A 32 -3.93 12.29 3.73
ZN ZN B . -0.20 1.37 -3.30
N ASP A 1 11.50 -9.91 3.85
CA ASP A 1 11.85 -9.54 2.46
C ASP A 1 10.91 -8.44 1.96
N ARG A 2 10.47 -7.60 2.86
CA ARG A 2 9.55 -6.51 2.46
C ARG A 2 8.45 -7.04 1.52
N PRO A 3 7.55 -7.85 2.06
CA PRO A 3 6.46 -8.42 1.27
C PRO A 3 5.42 -7.32 0.92
N TYR A 4 4.44 -7.13 1.81
CA TYR A 4 3.35 -6.10 1.62
C TYR A 4 3.60 -5.18 0.43
N SER A 5 3.47 -5.74 -0.71
CA SER A 5 3.69 -4.94 -1.97
C SER A 5 2.37 -4.56 -2.61
N CYS A 6 1.80 -3.48 -2.16
CA CYS A 6 0.51 -3.05 -2.74
C CYS A 6 0.56 -3.06 -4.27
N ASP A 7 -0.58 -3.15 -4.89
CA ASP A 7 -0.61 -3.18 -6.39
C ASP A 7 -1.78 -2.37 -6.92
N HIS A 8 -1.82 -1.11 -6.55
CA HIS A 8 -2.94 -0.23 -7.02
C HIS A 8 -2.53 0.48 -8.35
N PRO A 9 -3.46 0.66 -9.28
CA PRO A 9 -3.13 1.32 -10.55
C PRO A 9 -2.34 2.61 -10.30
N GLY A 10 -1.09 2.60 -10.69
CA GLY A 10 -0.23 3.81 -10.50
C GLY A 10 0.43 3.80 -9.12
N CYS A 11 1.13 2.73 -8.82
CA CYS A 11 1.81 2.64 -7.50
C CYS A 11 2.96 1.66 -7.53
N ASP A 12 3.80 1.75 -6.53
CA ASP A 12 4.97 0.83 -6.47
C ASP A 12 5.70 0.99 -5.13
N LYS A 13 4.94 1.30 -4.09
CA LYS A 13 5.57 1.48 -2.75
C LYS A 13 5.55 0.17 -1.95
N ALA A 14 6.73 -0.36 -1.69
CA ALA A 14 6.80 -1.63 -0.91
C ALA A 14 6.64 -1.36 0.57
N PHE A 15 6.35 -2.40 1.31
CA PHE A 15 6.18 -2.21 2.79
C PHE A 15 6.61 -3.46 3.55
N VAL A 16 7.06 -3.26 4.77
CA VAL A 16 7.50 -4.41 5.61
C VAL A 16 6.46 -4.74 6.66
N ARG A 17 5.94 -3.71 7.27
CA ARG A 17 4.90 -3.92 8.31
C ARG A 17 3.55 -4.25 7.66
N ASN A 18 2.54 -4.45 8.46
CA ASN A 18 1.18 -4.78 7.90
C ASN A 18 0.28 -3.55 7.88
N HIS A 19 0.00 -3.01 9.03
CA HIS A 19 -0.87 -1.81 9.07
C HIS A 19 -0.38 -0.76 8.10
N ASP A 20 0.87 -0.86 7.72
CA ASP A 20 1.42 0.15 6.78
C ASP A 20 0.68 0.05 5.44
N LEU A 21 0.34 -1.15 5.07
CA LEU A 21 -0.39 -1.37 3.79
C LEU A 21 -1.82 -0.87 3.94
N ILE A 22 -2.35 -1.03 5.12
CA ILE A 22 -3.73 -0.57 5.35
C ILE A 22 -3.77 0.95 5.34
N ARG A 23 -2.73 1.54 5.88
CA ARG A 23 -2.66 3.01 5.93
C ARG A 23 -2.23 3.54 4.56
N HIS A 24 -1.37 2.79 3.92
CA HIS A 24 -0.89 3.23 2.58
C HIS A 24 -2.00 3.01 1.54
N LYS A 25 -2.76 1.96 1.73
CA LYS A 25 -3.84 1.68 0.77
C LYS A 25 -4.99 2.67 0.94
N LYS A 26 -5.08 3.23 2.11
CA LYS A 26 -6.16 4.22 2.36
C LYS A 26 -6.01 5.42 1.43
N SER A 27 -4.83 5.60 0.90
CA SER A 27 -4.61 6.75 -0.02
C SER A 27 -5.22 6.47 -1.38
N HIS A 28 -5.26 5.21 -1.74
CA HIS A 28 -5.83 4.86 -3.07
C HIS A 28 -7.36 4.99 -3.05
N GLN A 29 -7.87 5.50 -1.97
CA GLN A 29 -9.34 5.66 -1.88
C GLN A 29 -9.87 6.56 -3.00
N GLU A 30 -8.97 7.17 -3.72
CA GLU A 30 -9.40 8.05 -4.83
C GLU A 30 -10.37 9.11 -4.33
N LYS A 31 -9.85 10.26 -4.01
CA LYS A 31 -10.74 11.34 -3.51
C LYS A 31 -10.02 12.70 -3.60
N ALA A 32 -10.39 13.47 -4.59
CA ALA A 32 -9.75 14.80 -4.75
C ALA A 32 -8.23 14.67 -4.70
ZN ZN B . -0.24 1.51 -3.29
N ASP A 1 9.94 -11.60 3.54
CA ASP A 1 9.54 -11.94 2.15
C ASP A 1 8.52 -10.93 1.63
N ARG A 2 8.74 -9.69 1.97
CA ARG A 2 7.80 -8.64 1.50
C ARG A 2 6.33 -9.09 1.66
N PRO A 3 5.91 -9.37 2.90
CA PRO A 3 4.54 -9.82 3.17
C PRO A 3 3.50 -8.75 2.80
N TYR A 4 3.97 -7.57 2.47
CA TYR A 4 3.03 -6.47 2.10
C TYR A 4 3.57 -5.66 0.95
N SER A 5 3.15 -6.00 -0.22
CA SER A 5 3.60 -5.28 -1.44
C SER A 5 2.40 -4.76 -2.23
N CYS A 6 1.88 -3.62 -1.84
CA CYS A 6 0.72 -3.07 -2.57
C CYS A 6 0.91 -3.16 -4.07
N ASP A 7 -0.19 -3.09 -4.78
CA ASP A 7 -0.12 -3.16 -6.27
C ASP A 7 -1.29 -2.42 -6.88
N HIS A 8 -1.56 -1.25 -6.35
CA HIS A 8 -2.68 -0.45 -6.88
C HIS A 8 -2.29 0.21 -8.23
N PRO A 9 -3.18 0.23 -9.22
CA PRO A 9 -2.85 0.84 -10.51
C PRO A 9 -2.29 2.25 -10.31
N GLY A 10 -1.06 2.43 -10.72
CA GLY A 10 -0.43 3.78 -10.57
C GLY A 10 0.31 3.89 -9.23
N CYS A 11 0.88 2.78 -8.79
CA CYS A 11 1.62 2.80 -7.48
C CYS A 11 2.97 2.11 -7.62
N ASP A 12 3.82 2.37 -6.67
CA ASP A 12 5.16 1.75 -6.70
C ASP A 12 5.78 1.78 -5.30
N LYS A 13 4.94 1.94 -4.31
CA LYS A 13 5.45 2.00 -2.90
C LYS A 13 5.35 0.60 -2.25
N ALA A 14 6.50 0.05 -1.94
CA ALA A 14 6.51 -1.31 -1.30
C ALA A 14 6.47 -1.21 0.21
N PHE A 15 6.17 -2.32 0.85
CA PHE A 15 6.10 -2.34 2.35
C PHE A 15 6.59 -3.68 2.90
N VAL A 16 6.51 -3.82 4.20
CA VAL A 16 6.96 -5.11 4.83
C VAL A 16 6.13 -5.40 6.07
N ARG A 17 5.73 -4.37 6.77
CA ARG A 17 4.91 -4.57 8.01
C ARG A 17 3.43 -4.36 7.74
N ASN A 18 2.62 -5.19 8.32
CA ASN A 18 1.17 -5.03 8.10
C ASN A 18 0.74 -3.68 8.62
N HIS A 19 -0.51 -3.36 8.45
CA HIS A 19 -0.99 -2.03 8.92
C HIS A 19 -0.50 -0.93 7.99
N ASP A 20 0.81 -0.87 7.78
CA ASP A 20 1.33 0.18 6.88
C ASP A 20 0.59 0.11 5.55
N LEU A 21 0.21 -1.09 5.19
CA LEU A 21 -0.53 -1.27 3.91
C LEU A 21 -1.95 -0.71 4.06
N ILE A 22 -2.48 -0.82 5.25
CA ILE A 22 -3.86 -0.31 5.47
C ILE A 22 -3.81 1.21 5.45
N ARG A 23 -2.78 1.76 6.04
CA ARG A 23 -2.66 3.23 6.08
C ARG A 23 -2.20 3.74 4.71
N HIS A 24 -1.41 2.94 4.04
CA HIS A 24 -0.92 3.35 2.70
C HIS A 24 -2.01 3.19 1.65
N LYS A 25 -2.78 2.13 1.78
CA LYS A 25 -3.86 1.90 0.81
C LYS A 25 -4.99 2.89 1.01
N LYS A 26 -4.98 3.56 2.13
CA LYS A 26 -6.05 4.55 2.40
C LYS A 26 -5.99 5.70 1.39
N SER A 27 -4.91 5.76 0.66
CA SER A 27 -4.76 6.85 -0.36
C SER A 27 -5.33 6.43 -1.71
N HIS A 28 -5.33 5.14 -1.94
CA HIS A 28 -5.87 4.65 -3.24
C HIS A 28 -7.39 4.72 -3.25
N GLN A 29 -7.93 5.61 -2.46
CA GLN A 29 -9.41 5.74 -2.40
C GLN A 29 -9.95 6.45 -3.65
N GLU A 30 -9.46 6.07 -4.80
CA GLU A 30 -9.94 6.71 -6.05
C GLU A 30 -9.68 8.22 -6.02
N LYS A 31 -8.91 8.69 -6.96
CA LYS A 31 -8.60 10.14 -7.01
C LYS A 31 -9.79 10.94 -7.54
N ALA A 32 -10.81 11.06 -6.73
CA ALA A 32 -12.01 11.81 -7.18
C ALA A 32 -12.98 12.02 -6.03
ZN ZN B . -0.10 1.55 -3.18
N ASP A 1 10.04 -12.12 2.45
CA ASP A 1 10.65 -10.93 1.79
C ASP A 1 9.55 -10.01 1.27
N ARG A 2 9.43 -8.87 1.88
CA ARG A 2 8.39 -7.91 1.44
C ARG A 2 6.97 -8.51 1.61
N PRO A 3 6.64 -8.94 2.83
CA PRO A 3 5.32 -9.53 3.12
C PRO A 3 4.17 -8.58 2.77
N TYR A 4 4.51 -7.39 2.36
CA TYR A 4 3.45 -6.41 2.00
C TYR A 4 3.91 -5.49 0.90
N SER A 5 3.41 -5.75 -0.26
CA SER A 5 3.78 -4.91 -1.46
C SER A 5 2.53 -4.56 -2.24
N CYS A 6 1.79 -3.59 -1.77
CA CYS A 6 0.56 -3.18 -2.49
C CYS A 6 0.76 -3.14 -3.99
N ASP A 7 -0.28 -3.47 -4.72
CA ASP A 7 -0.19 -3.47 -6.21
C ASP A 7 -1.41 -2.77 -6.80
N HIS A 8 -1.71 -1.62 -6.27
CA HIS A 8 -2.88 -0.86 -6.77
C HIS A 8 -2.56 -0.24 -8.15
N PRO A 9 -3.56 -0.17 -9.06
CA PRO A 9 -3.33 0.40 -10.38
C PRO A 9 -2.65 1.77 -10.27
N GLY A 10 -1.35 1.77 -10.45
CA GLY A 10 -0.58 3.06 -10.36
C GLY A 10 0.05 3.23 -8.98
N CYS A 11 0.86 2.26 -8.58
CA CYS A 11 1.52 2.33 -7.24
C CYS A 11 2.99 1.97 -7.35
N ASP A 12 3.75 2.37 -6.36
CA ASP A 12 5.20 2.06 -6.38
C ASP A 12 5.80 2.17 -4.98
N LYS A 13 4.95 2.17 -3.98
CA LYS A 13 5.44 2.27 -2.57
C LYS A 13 5.43 0.91 -1.87
N ALA A 14 6.49 0.16 -2.04
CA ALA A 14 6.54 -1.17 -1.40
C ALA A 14 6.49 -1.04 0.12
N PHE A 15 6.17 -2.13 0.76
CA PHE A 15 6.10 -2.10 2.26
C PHE A 15 6.65 -3.39 2.86
N VAL A 16 6.63 -3.46 4.17
CA VAL A 16 7.17 -4.69 4.86
C VAL A 16 6.22 -5.12 5.97
N ARG A 17 5.55 -4.16 6.57
CA ARG A 17 4.59 -4.50 7.67
C ARG A 17 3.16 -4.60 7.13
N ASN A 18 2.24 -4.91 8.00
CA ASN A 18 0.82 -5.02 7.57
C ASN A 18 0.08 -3.70 7.68
N HIS A 19 -0.10 -3.24 8.89
CA HIS A 19 -0.82 -1.94 9.10
C HIS A 19 -0.39 -0.91 8.07
N ASP A 20 0.90 -0.81 7.83
CA ASP A 20 1.37 0.18 6.84
C ASP A 20 0.56 0.07 5.56
N LEU A 21 0.29 -1.15 5.16
CA LEU A 21 -0.50 -1.36 3.92
C LEU A 21 -1.93 -0.85 4.11
N ILE A 22 -2.44 -1.03 5.30
CA ILE A 22 -3.82 -0.55 5.56
C ILE A 22 -3.83 0.96 5.63
N ARG A 23 -2.75 1.51 6.11
CA ARG A 23 -2.66 3.00 6.22
C ARG A 23 -2.23 3.59 4.89
N HIS A 24 -1.65 2.75 4.05
CA HIS A 24 -1.18 3.23 2.72
C HIS A 24 -2.27 3.05 1.67
N LYS A 25 -3.00 1.97 1.78
CA LYS A 25 -4.07 1.72 0.79
C LYS A 25 -5.14 2.81 0.84
N LYS A 26 -5.34 3.39 1.99
CA LYS A 26 -6.38 4.46 2.09
C LYS A 26 -5.89 5.73 1.38
N SER A 27 -4.71 5.64 0.79
CA SER A 27 -4.15 6.81 0.06
C SER A 27 -4.47 6.74 -1.43
N HIS A 28 -4.84 5.57 -1.89
CA HIS A 28 -5.17 5.42 -3.33
C HIS A 28 -6.53 6.01 -3.62
N GLN A 29 -6.93 6.95 -2.83
CA GLN A 29 -8.26 7.57 -3.05
C GLN A 29 -8.28 8.37 -4.36
N GLU A 30 -7.24 8.20 -5.15
CA GLU A 30 -7.18 8.93 -6.45
C GLU A 30 -7.25 10.44 -6.22
N LYS A 31 -6.09 11.08 -6.21
CA LYS A 31 -6.05 12.56 -6.00
C LYS A 31 -5.14 13.22 -7.04
N ALA A 32 -5.73 13.70 -8.09
CA ALA A 32 -4.92 14.36 -9.15
C ALA A 32 -5.80 15.11 -10.13
ZN ZN B . -0.32 1.24 -3.17
N ASP A 1 11.76 -9.62 2.40
CA ASP A 1 10.48 -9.92 3.10
C ASP A 1 9.51 -8.76 2.92
N ARG A 2 8.58 -8.92 2.01
CA ARG A 2 7.59 -7.83 1.77
C ARG A 2 6.22 -8.42 1.39
N PRO A 3 5.58 -9.10 2.33
CA PRO A 3 4.27 -9.70 2.07
C PRO A 3 3.22 -8.62 1.74
N TYR A 4 3.54 -7.38 2.09
CA TYR A 4 2.58 -6.26 1.81
C TYR A 4 3.12 -5.38 0.72
N SER A 5 3.13 -5.89 -0.47
CA SER A 5 3.63 -5.09 -1.63
C SER A 5 2.48 -4.54 -2.44
N CYS A 6 2.00 -3.38 -2.05
CA CYS A 6 0.87 -2.79 -2.79
C CYS A 6 1.12 -2.82 -4.29
N ASP A 7 0.07 -2.73 -5.05
CA ASP A 7 0.22 -2.75 -6.52
C ASP A 7 -1.01 -2.14 -7.19
N HIS A 8 -1.46 -1.03 -6.65
CA HIS A 8 -2.65 -0.37 -7.22
C HIS A 8 -2.24 0.44 -8.49
N PRO A 9 -3.17 0.58 -9.45
CA PRO A 9 -2.87 1.32 -10.69
C PRO A 9 -2.35 2.73 -10.38
N GLY A 10 -1.06 2.92 -10.52
CA GLY A 10 -0.47 4.28 -10.24
C GLY A 10 0.33 4.28 -8.93
N CYS A 11 1.04 3.20 -8.67
CA CYS A 11 1.83 3.14 -7.42
C CYS A 11 2.68 1.89 -7.34
N ASP A 12 3.62 1.92 -6.43
CA ASP A 12 4.52 0.75 -6.26
C ASP A 12 5.24 0.81 -4.90
N LYS A 13 4.61 1.46 -3.95
CA LYS A 13 5.24 1.57 -2.61
C LYS A 13 5.33 0.20 -1.93
N ALA A 14 6.53 -0.18 -1.59
CA ALA A 14 6.73 -1.50 -0.92
C ALA A 14 6.63 -1.37 0.59
N PHE A 15 6.51 -2.48 1.25
CA PHE A 15 6.41 -2.44 2.74
C PHE A 15 6.87 -3.76 3.36
N VAL A 16 6.63 -3.91 4.64
CA VAL A 16 7.03 -5.15 5.34
C VAL A 16 5.92 -5.62 6.28
N ARG A 17 5.33 -4.68 6.98
CA ARG A 17 4.22 -5.06 7.92
C ARG A 17 2.87 -4.79 7.27
N ASN A 18 1.82 -4.96 8.03
CA ASN A 18 0.46 -4.73 7.47
C ASN A 18 0.04 -3.27 7.66
N HIS A 19 0.08 -2.80 8.88
CA HIS A 19 -0.31 -1.39 9.17
C HIS A 19 0.18 -0.44 8.07
N ASP A 20 1.47 -0.43 7.85
CA ASP A 20 2.00 0.48 6.80
C ASP A 20 1.16 0.40 5.53
N LEU A 21 0.72 -0.80 5.22
CA LEU A 21 -0.10 -0.98 4.00
C LEU A 21 -1.50 -0.40 4.23
N ILE A 22 -1.94 -0.43 5.46
CA ILE A 22 -3.29 0.12 5.76
C ILE A 22 -3.23 1.64 5.75
N ARG A 23 -2.19 2.17 6.31
CA ARG A 23 -2.05 3.64 6.35
C ARG A 23 -1.55 4.15 5.00
N HIS A 24 -1.35 3.22 4.08
CA HIS A 24 -0.87 3.61 2.71
C HIS A 24 -1.97 3.36 1.67
N LYS A 25 -2.58 2.21 1.73
CA LYS A 25 -3.65 1.88 0.76
C LYS A 25 -4.84 2.84 0.92
N LYS A 26 -4.95 3.42 2.08
CA LYS A 26 -6.07 4.37 2.33
C LYS A 26 -6.29 5.29 1.14
N SER A 27 -5.27 5.45 0.33
CA SER A 27 -5.40 6.34 -0.85
C SER A 27 -6.08 5.60 -2.01
N HIS A 28 -5.77 4.33 -2.13
CA HIS A 28 -6.38 3.54 -3.25
C HIS A 28 -7.79 3.06 -2.88
N GLN A 29 -8.41 3.71 -1.93
CA GLN A 29 -9.79 3.27 -1.53
C GLN A 29 -10.69 4.48 -1.18
N GLU A 30 -10.52 5.01 0.01
CA GLU A 30 -11.36 6.17 0.41
C GLU A 30 -12.82 5.99 0.00
N LYS A 31 -13.61 5.38 0.87
CA LYS A 31 -15.06 5.15 0.53
C LYS A 31 -15.95 6.12 1.30
N ALA A 32 -17.23 5.84 1.31
CA ALA A 32 -18.18 6.71 2.04
C ALA A 32 -17.87 8.19 1.77
ZN ZN B . -0.04 1.90 -3.17
N ASP A 1 12.22 -9.38 1.73
CA ASP A 1 12.69 -7.99 1.96
C ASP A 1 11.62 -6.99 1.55
N ARG A 2 11.03 -6.36 2.53
CA ARG A 2 9.97 -5.36 2.22
C ARG A 2 8.94 -5.95 1.25
N PRO A 3 8.16 -6.93 1.71
CA PRO A 3 7.16 -7.55 0.87
C PRO A 3 5.96 -6.59 0.63
N TYR A 4 4.96 -6.66 1.51
CA TYR A 4 3.73 -5.79 1.41
C TYR A 4 3.80 -4.78 0.28
N SER A 5 3.75 -5.28 -0.91
CA SER A 5 3.81 -4.40 -2.11
C SER A 5 2.41 -4.15 -2.66
N CYS A 6 1.76 -3.14 -2.15
CA CYS A 6 0.38 -2.83 -2.64
C CYS A 6 0.29 -2.93 -4.14
N ASP A 7 -0.89 -3.21 -4.63
CA ASP A 7 -1.10 -3.32 -6.11
C ASP A 7 -2.16 -2.34 -6.58
N HIS A 8 -2.08 -1.13 -6.11
CA HIS A 8 -3.07 -0.13 -6.52
C HIS A 8 -2.80 0.27 -7.99
N PRO A 9 -3.86 0.47 -8.79
CA PRO A 9 -3.66 0.85 -10.19
C PRO A 9 -2.58 1.91 -10.35
N GLY A 10 -1.37 1.47 -10.58
CA GLY A 10 -0.24 2.44 -10.74
C GLY A 10 0.45 2.69 -9.40
N CYS A 11 1.18 1.71 -8.92
CA CYS A 11 1.88 1.89 -7.62
C CYS A 11 3.06 0.93 -7.48
N ASP A 12 3.93 1.26 -6.58
CA ASP A 12 5.12 0.40 -6.35
C ASP A 12 5.76 0.76 -5.01
N LYS A 13 4.98 1.33 -4.13
CA LYS A 13 5.52 1.70 -2.80
C LYS A 13 5.59 0.49 -1.88
N ALA A 14 6.75 -0.11 -1.81
CA ALA A 14 6.92 -1.30 -0.93
C ALA A 14 6.71 -0.94 0.53
N PHE A 15 6.60 -1.95 1.35
CA PHE A 15 6.40 -1.72 2.81
C PHE A 15 7.03 -2.83 3.64
N VAL A 16 7.18 -2.57 4.93
CA VAL A 16 7.78 -3.60 5.83
C VAL A 16 6.71 -4.23 6.71
N ARG A 17 5.94 -3.39 7.36
CA ARG A 17 4.86 -3.92 8.24
C ARG A 17 3.62 -4.28 7.43
N ASN A 18 2.57 -4.64 8.12
CA ASN A 18 1.30 -5.01 7.41
C ASN A 18 0.32 -3.86 7.45
N HIS A 19 -0.03 -3.43 8.63
CA HIS A 19 -0.99 -2.31 8.75
C HIS A 19 -0.61 -1.18 7.81
N ASP A 20 0.67 -0.98 7.63
CA ASP A 20 1.11 0.11 6.73
C ASP A 20 0.38 0.00 5.40
N LEU A 21 0.31 -1.19 4.89
CA LEU A 21 -0.38 -1.41 3.59
C LEU A 21 -1.86 -1.06 3.73
N ILE A 22 -2.45 -1.43 4.84
CA ILE A 22 -3.88 -1.14 5.04
C ILE A 22 -4.07 0.37 5.17
N ARG A 23 -3.09 1.03 5.72
CA ARG A 23 -3.18 2.51 5.88
C ARG A 23 -2.69 3.21 4.61
N HIS A 24 -1.85 2.53 3.85
CA HIS A 24 -1.33 3.13 2.60
C HIS A 24 -2.31 2.89 1.45
N LYS A 25 -3.14 1.89 1.59
CA LYS A 25 -4.12 1.61 0.51
C LYS A 25 -5.23 2.64 0.52
N LYS A 26 -5.84 2.83 1.66
CA LYS A 26 -6.93 3.82 1.73
C LYS A 26 -6.39 5.23 1.51
N SER A 27 -5.08 5.32 1.40
CA SER A 27 -4.46 6.65 1.17
C SER A 27 -4.49 7.01 -0.31
N HIS A 28 -4.43 6.02 -1.15
CA HIS A 28 -4.46 6.30 -2.61
C HIS A 28 -5.57 7.30 -2.94
N GLN A 29 -6.51 7.44 -2.03
CA GLN A 29 -7.63 8.39 -2.24
C GLN A 29 -7.31 9.74 -1.59
N GLU A 30 -6.55 9.69 -0.53
CA GLU A 30 -6.18 10.94 0.17
C GLU A 30 -7.42 11.73 0.58
N LYS A 31 -7.77 11.63 1.83
CA LYS A 31 -8.96 12.37 2.32
C LYS A 31 -9.06 12.28 3.83
N ALA A 32 -7.93 12.22 4.49
CA ALA A 32 -7.94 12.13 5.96
C ALA A 32 -6.56 12.44 6.54
ZN ZN B . -0.24 1.66 -3.32
N ASP A 1 12.33 -9.21 3.08
CA ASP A 1 10.96 -9.73 2.83
C ASP A 1 9.97 -8.57 2.71
N ARG A 2 9.17 -8.61 1.68
CA ARG A 2 8.16 -7.53 1.46
C ARG A 2 6.83 -8.11 0.96
N PRO A 3 6.14 -8.84 1.84
CA PRO A 3 4.86 -9.45 1.47
C PRO A 3 3.76 -8.40 1.27
N TYR A 4 3.90 -7.28 1.94
CA TYR A 4 2.87 -6.20 1.77
C TYR A 4 3.20 -5.31 0.62
N SER A 5 3.14 -5.85 -0.54
CA SER A 5 3.46 -5.05 -1.77
C SER A 5 2.18 -4.61 -2.44
N CYS A 6 1.69 -3.45 -2.05
CA CYS A 6 0.43 -2.94 -2.67
C CYS A 6 0.49 -3.11 -4.18
N ASP A 7 -0.66 -3.09 -4.81
CA ASP A 7 -0.69 -3.24 -6.30
C ASP A 7 -1.71 -2.29 -6.93
N HIS A 8 -1.71 -1.06 -6.50
CA HIS A 8 -2.67 -0.08 -7.07
C HIS A 8 -2.10 0.51 -8.39
N PRO A 9 -2.91 0.61 -9.46
CA PRO A 9 -2.42 1.17 -10.72
C PRO A 9 -1.76 2.53 -10.52
N GLY A 10 -0.56 2.68 -11.02
CA GLY A 10 0.18 3.97 -10.88
C GLY A 10 0.96 4.01 -9.56
N CYS A 11 1.05 2.88 -8.89
CA CYS A 11 1.80 2.84 -7.58
C CYS A 11 2.96 1.85 -7.65
N ASP A 12 3.85 1.99 -6.71
CA ASP A 12 5.03 1.08 -6.67
C ASP A 12 5.67 1.14 -5.28
N LYS A 13 4.88 1.55 -4.31
CA LYS A 13 5.40 1.64 -2.93
C LYS A 13 5.46 0.27 -2.28
N ALA A 14 6.62 -0.06 -1.74
CA ALA A 14 6.79 -1.40 -1.06
C ALA A 14 6.65 -1.24 0.44
N PHE A 15 6.49 -2.35 1.11
CA PHE A 15 6.34 -2.30 2.60
C PHE A 15 6.75 -3.61 3.25
N VAL A 16 6.56 -3.68 4.55
CA VAL A 16 6.93 -4.92 5.30
C VAL A 16 5.92 -5.20 6.42
N ARG A 17 5.41 -4.13 7.00
CA ARG A 17 4.42 -4.29 8.11
C ARG A 17 3.01 -4.03 7.60
N ASN A 18 2.11 -4.92 7.91
CA ASN A 18 0.71 -4.75 7.46
C ASN A 18 0.22 -3.33 7.71
N HIS A 19 0.36 -2.89 8.94
CA HIS A 19 -0.08 -1.52 9.30
C HIS A 19 0.24 -0.51 8.19
N ASP A 20 1.49 -0.45 7.79
CA ASP A 20 1.85 0.51 6.72
C ASP A 20 0.91 0.33 5.52
N LEU A 21 0.72 -0.90 5.12
CA LEU A 21 -0.18 -1.17 3.97
C LEU A 21 -1.59 -0.70 4.32
N ILE A 22 -1.94 -0.80 5.59
CA ILE A 22 -3.29 -0.36 6.01
C ILE A 22 -3.34 1.15 6.09
N ARG A 23 -2.18 1.74 6.24
CA ARG A 23 -2.11 3.24 6.33
C ARG A 23 -1.65 3.79 4.98
N HIS A 24 -1.58 2.91 4.00
CA HIS A 24 -1.13 3.33 2.64
C HIS A 24 -2.19 2.95 1.58
N LYS A 25 -2.91 1.88 1.82
CA LYS A 25 -3.94 1.47 0.82
C LYS A 25 -5.18 2.38 0.89
N LYS A 26 -5.67 2.60 2.07
CA LYS A 26 -6.88 3.47 2.20
C LYS A 26 -6.74 4.73 1.35
N SER A 27 -5.52 5.11 1.09
CA SER A 27 -5.31 6.34 0.27
C SER A 27 -5.77 6.12 -1.16
N HIS A 28 -5.55 4.94 -1.67
CA HIS A 28 -5.97 4.64 -3.05
C HIS A 28 -7.50 4.70 -3.18
N GLN A 29 -8.17 4.79 -2.06
CA GLN A 29 -9.66 4.85 -2.10
C GLN A 29 -10.16 5.75 -3.24
N GLU A 30 -9.42 6.79 -3.50
CA GLU A 30 -9.83 7.73 -4.60
C GLU A 30 -11.06 8.56 -4.20
N LYS A 31 -11.92 7.96 -3.39
CA LYS A 31 -13.16 8.68 -2.94
C LYS A 31 -13.71 9.61 -4.03
N ALA A 32 -14.46 10.60 -3.62
CA ALA A 32 -15.03 11.54 -4.62
C ALA A 32 -15.78 10.78 -5.71
ZN ZN B . -0.13 1.77 -3.26
N ASP A 1 10.99 -10.80 0.65
CA ASP A 1 11.36 -9.52 -0.01
C ASP A 1 10.15 -8.58 -0.02
N ARG A 2 9.98 -7.87 1.07
CA ARG A 2 8.84 -6.92 1.14
C ARG A 2 7.55 -7.58 0.62
N PRO A 3 7.04 -8.57 1.37
CA PRO A 3 5.83 -9.28 0.97
C PRO A 3 4.61 -8.35 0.91
N TYR A 4 4.68 -7.24 1.61
CA TYR A 4 3.54 -6.28 1.61
C TYR A 4 3.64 -5.36 0.41
N SER A 5 3.48 -5.93 -0.73
CA SER A 5 3.55 -5.13 -2.00
C SER A 5 2.15 -4.78 -2.51
N CYS A 6 1.63 -3.65 -2.07
CA CYS A 6 0.27 -3.25 -2.53
C CYS A 6 0.14 -3.45 -4.03
N ASP A 7 -1.09 -3.46 -4.50
CA ASP A 7 -1.32 -3.66 -5.98
C ASP A 7 -2.38 -2.70 -6.51
N HIS A 8 -2.11 -1.41 -6.40
CA HIS A 8 -3.10 -0.40 -6.91
C HIS A 8 -2.60 0.16 -8.28
N PRO A 9 -3.50 0.36 -9.25
CA PRO A 9 -3.10 0.88 -10.54
C PRO A 9 -2.21 2.13 -10.39
N GLY A 10 -0.92 1.94 -10.60
CA GLY A 10 0.01 3.10 -10.47
C GLY A 10 0.54 3.22 -9.04
N CYS A 11 1.34 2.26 -8.62
CA CYS A 11 1.89 2.31 -7.23
C CYS A 11 3.26 1.66 -7.16
N ASP A 12 4.22 2.41 -6.67
CA ASP A 12 5.62 1.89 -6.55
C ASP A 12 6.06 1.93 -5.09
N LYS A 13 5.12 2.18 -4.22
CA LYS A 13 5.45 2.25 -2.77
C LYS A 13 5.46 0.85 -2.14
N ALA A 14 6.63 0.39 -1.80
CA ALA A 14 6.75 -0.97 -1.18
C ALA A 14 6.66 -0.86 0.34
N PHE A 15 6.34 -1.97 0.97
CA PHE A 15 6.23 -1.98 2.47
C PHE A 15 6.85 -3.24 3.06
N VAL A 16 6.80 -3.33 4.36
CA VAL A 16 7.39 -4.52 5.05
C VAL A 16 6.56 -4.89 6.28
N ARG A 17 6.02 -3.89 6.93
CA ARG A 17 5.20 -4.13 8.16
C ARG A 17 3.71 -4.09 7.83
N ASN A 18 2.96 -4.94 8.47
CA ASN A 18 1.51 -4.93 8.21
C ASN A 18 0.94 -3.61 8.67
N HIS A 19 -0.33 -3.42 8.48
CA HIS A 19 -0.95 -2.14 8.89
C HIS A 19 -0.57 -1.03 7.92
N ASP A 20 0.73 -0.84 7.71
CA ASP A 20 1.14 0.22 6.77
C ASP A 20 0.42 0.01 5.45
N LEU A 21 0.31 -1.23 5.07
CA LEU A 21 -0.37 -1.56 3.79
C LEU A 21 -1.85 -1.17 3.89
N ILE A 22 -2.43 -1.41 5.04
CA ILE A 22 -3.85 -1.05 5.24
C ILE A 22 -4.03 0.45 5.19
N ARG A 23 -3.25 1.16 5.96
CA ARG A 23 -3.39 2.63 5.96
C ARG A 23 -2.90 3.18 4.64
N HIS A 24 -1.98 2.49 4.04
CA HIS A 24 -1.44 2.95 2.74
C HIS A 24 -2.51 2.87 1.67
N LYS A 25 -3.25 1.79 1.67
CA LYS A 25 -4.31 1.64 0.67
C LYS A 25 -5.30 2.81 0.74
N LYS A 26 -5.31 3.47 1.86
CA LYS A 26 -6.24 4.62 2.01
C LYS A 26 -5.75 5.78 1.15
N SER A 27 -4.48 5.78 0.86
CA SER A 27 -3.92 6.88 0.05
C SER A 27 -4.52 6.84 -1.35
N HIS A 28 -4.64 5.66 -1.89
CA HIS A 28 -5.22 5.53 -3.24
C HIS A 28 -6.66 6.03 -3.26
N GLN A 29 -7.48 5.42 -2.47
CA GLN A 29 -8.89 5.83 -2.40
C GLN A 29 -9.61 5.51 -3.70
N GLU A 30 -10.46 4.53 -3.66
CA GLU A 30 -11.22 4.12 -4.88
C GLU A 30 -11.68 5.34 -5.67
N LYS A 31 -11.76 6.48 -5.01
CA LYS A 31 -12.20 7.70 -5.72
C LYS A 31 -11.13 8.21 -6.67
N ALA A 32 -11.56 8.73 -7.79
CA ALA A 32 -10.59 9.25 -8.79
C ALA A 32 -11.31 9.96 -9.92
ZN ZN B . -0.38 1.29 -3.20
N ASP A 1 14.10 -6.94 4.77
CA ASP A 1 12.72 -7.48 4.88
C ASP A 1 11.70 -6.39 4.62
N ARG A 2 11.10 -6.43 3.46
CA ARG A 2 10.08 -5.40 3.13
C ARG A 2 9.19 -5.86 1.95
N PRO A 3 8.41 -6.91 2.18
CA PRO A 3 7.52 -7.44 1.15
C PRO A 3 6.31 -6.49 0.89
N TYR A 4 5.22 -6.72 1.63
CA TYR A 4 3.97 -5.88 1.48
C TYR A 4 4.07 -4.81 0.42
N SER A 5 4.18 -5.25 -0.78
CA SER A 5 4.30 -4.29 -1.92
C SER A 5 2.93 -4.07 -2.56
N CYS A 6 2.23 -3.07 -2.09
CA CYS A 6 0.89 -2.79 -2.66
C CYS A 6 0.93 -2.86 -4.18
N ASP A 7 -0.23 -2.99 -4.77
CA ASP A 7 -0.31 -3.07 -6.26
C ASP A 7 -1.57 -2.40 -6.79
N HIS A 8 -1.82 -1.20 -6.32
CA HIS A 8 -3.03 -0.48 -6.78
C HIS A 8 -2.72 0.23 -8.13
N PRO A 9 -3.72 0.34 -9.02
CA PRO A 9 -3.51 1.00 -10.31
C PRO A 9 -2.88 2.39 -10.15
N GLY A 10 -1.58 2.47 -10.41
CA GLY A 10 -0.88 3.79 -10.28
C GLY A 10 -0.06 3.87 -8.99
N CYS A 11 0.69 2.84 -8.70
CA CYS A 11 1.51 2.86 -7.46
C CYS A 11 2.40 1.63 -7.36
N ASP A 12 3.33 1.69 -6.45
CA ASP A 12 4.25 0.55 -6.26
C ASP A 12 5.16 0.78 -5.05
N LYS A 13 4.58 1.12 -3.92
CA LYS A 13 5.40 1.36 -2.70
C LYS A 13 5.64 0.07 -1.93
N ALA A 14 6.78 0.00 -1.27
CA ALA A 14 7.11 -1.24 -0.47
C ALA A 14 6.79 -1.03 1.01
N PHE A 15 6.72 -2.11 1.73
CA PHE A 15 6.41 -1.99 3.18
C PHE A 15 6.89 -3.22 3.96
N VAL A 16 6.63 -3.23 5.26
CA VAL A 16 7.06 -4.39 6.11
C VAL A 16 5.89 -5.19 6.66
N ARG A 17 4.84 -4.51 7.07
CA ARG A 17 3.64 -5.24 7.63
C ARG A 17 2.35 -4.74 6.99
N ASN A 18 1.31 -5.52 7.13
CA ASN A 18 0.00 -5.12 6.55
C ASN A 18 -0.40 -3.75 7.04
N HIS A 19 -0.24 -3.51 8.32
CA HIS A 19 -0.61 -2.18 8.88
C HIS A 19 -0.13 -1.06 7.95
N ASP A 20 1.15 -0.98 7.75
CA ASP A 20 1.66 0.09 6.85
C ASP A 20 0.89 0.06 5.53
N LEU A 21 0.55 -1.13 5.11
CA LEU A 21 -0.20 -1.29 3.86
C LEU A 21 -1.63 -0.76 4.05
N ILE A 22 -2.13 -0.88 5.25
CA ILE A 22 -3.49 -0.39 5.51
C ILE A 22 -3.49 1.12 5.55
N ARG A 23 -2.45 1.66 6.14
CA ARG A 23 -2.35 3.14 6.22
C ARG A 23 -1.93 3.69 4.87
N HIS A 24 -1.17 2.91 4.14
CA HIS A 24 -0.72 3.37 2.80
C HIS A 24 -1.85 3.23 1.79
N LYS A 25 -2.57 2.14 1.86
CA LYS A 25 -3.68 1.94 0.91
C LYS A 25 -4.64 3.13 0.94
N LYS A 26 -4.43 4.01 1.89
CA LYS A 26 -5.32 5.19 1.99
C LYS A 26 -5.29 5.99 0.69
N SER A 27 -4.16 5.98 0.03
CA SER A 27 -4.04 6.73 -1.24
C SER A 27 -4.91 6.10 -2.32
N HIS A 28 -5.45 4.94 -2.01
CA HIS A 28 -6.32 4.21 -3.00
C HIS A 28 -7.73 4.06 -2.45
N GLN A 29 -8.26 5.13 -1.94
CA GLN A 29 -9.63 5.06 -1.38
C GLN A 29 -10.68 4.96 -2.49
N GLU A 30 -10.33 4.26 -3.55
CA GLU A 30 -11.27 4.11 -4.69
C GLU A 30 -11.75 5.46 -5.20
N LYS A 31 -12.28 5.46 -6.40
CA LYS A 31 -12.77 6.74 -7.00
C LYS A 31 -14.29 6.83 -6.89
N ALA A 32 -14.78 8.01 -6.63
CA ALA A 32 -16.25 8.17 -6.52
C ALA A 32 -16.62 9.66 -6.45
ZN ZN B . -0.29 1.73 -3.16
N ASP A 1 10.77 -9.34 5.54
CA ASP A 1 10.91 -10.02 4.22
C ASP A 1 9.85 -9.51 3.25
N ARG A 2 9.51 -8.26 3.38
CA ARG A 2 8.49 -7.70 2.48
C ARG A 2 7.26 -8.61 2.38
N PRO A 3 6.50 -8.68 3.46
CA PRO A 3 5.29 -9.52 3.50
C PRO A 3 4.16 -8.90 2.67
N TYR A 4 4.30 -7.62 2.36
CA TYR A 4 3.30 -6.93 1.60
C TYR A 4 3.94 -6.17 0.47
N SER A 5 3.16 -5.43 -0.12
CA SER A 5 3.57 -4.57 -1.28
C SER A 5 2.33 -4.17 -2.08
N CYS A 6 1.82 -3.01 -1.80
CA CYS A 6 0.60 -2.56 -2.53
C CYS A 6 0.74 -2.80 -4.02
N ASP A 7 -0.39 -2.84 -4.69
CA ASP A 7 -0.38 -3.06 -6.16
C ASP A 7 -1.46 -2.24 -6.82
N HIS A 8 -1.67 -1.06 -6.29
CA HIS A 8 -2.70 -0.18 -6.87
C HIS A 8 -2.25 0.30 -8.28
N PRO A 9 -3.16 0.31 -9.27
CA PRO A 9 -2.78 0.75 -10.62
C PRO A 9 -2.01 2.07 -10.58
N GLY A 10 -0.72 1.98 -10.82
CA GLY A 10 0.14 3.20 -10.80
C GLY A 10 0.75 3.41 -9.42
N CYS A 11 1.28 2.36 -8.86
CA CYS A 11 1.90 2.48 -7.51
C CYS A 11 2.94 1.39 -7.26
N ASP A 12 4.10 1.80 -6.81
CA ASP A 12 5.20 0.82 -6.52
C ASP A 12 5.67 1.00 -5.10
N LYS A 13 4.78 1.44 -4.26
CA LYS A 13 5.13 1.64 -2.83
C LYS A 13 5.33 0.31 -2.11
N ALA A 14 6.57 -0.08 -1.94
CA ALA A 14 6.84 -1.35 -1.24
C ALA A 14 6.52 -1.23 0.24
N PHE A 15 6.42 -2.35 0.91
CA PHE A 15 6.11 -2.31 2.37
C PHE A 15 6.76 -3.48 3.11
N VAL A 16 7.14 -3.20 4.34
CA VAL A 16 7.79 -4.25 5.18
C VAL A 16 6.84 -4.72 6.27
N ARG A 17 6.01 -3.81 6.74
CA ARG A 17 5.03 -4.17 7.81
C ARG A 17 3.65 -4.43 7.23
N ASN A 18 2.65 -4.46 8.09
CA ASN A 18 1.25 -4.71 7.62
C ASN A 18 0.39 -3.45 7.69
N HIS A 19 0.17 -3.00 8.90
CA HIS A 19 -0.66 -1.76 9.07
C HIS A 19 -0.31 -0.71 8.04
N ASP A 20 0.90 -0.74 7.57
CA ASP A 20 1.30 0.26 6.55
C ASP A 20 0.40 0.13 5.34
N LEU A 21 0.29 -1.07 4.82
CA LEU A 21 -0.58 -1.26 3.64
C LEU A 21 -2.01 -0.86 3.96
N ILE A 22 -2.43 -1.13 5.16
CA ILE A 22 -3.80 -0.75 5.54
C ILE A 22 -3.90 0.75 5.73
N ARG A 23 -2.79 1.34 6.10
CA ARG A 23 -2.77 2.81 6.32
C ARG A 23 -2.38 3.52 5.03
N HIS A 24 -1.85 2.75 4.11
CA HIS A 24 -1.42 3.34 2.80
C HIS A 24 -2.49 3.11 1.73
N LYS A 25 -3.19 2.01 1.81
CA LYS A 25 -4.24 1.75 0.81
C LYS A 25 -5.41 2.71 0.99
N LYS A 26 -5.46 3.35 2.12
CA LYS A 26 -6.57 4.30 2.37
C LYS A 26 -6.32 5.61 1.60
N SER A 27 -5.18 5.69 0.99
CA SER A 27 -4.85 6.93 0.22
C SER A 27 -5.41 6.84 -1.20
N HIS A 28 -5.26 5.69 -1.80
CA HIS A 28 -5.78 5.53 -3.19
C HIS A 28 -7.26 5.88 -3.25
N GLN A 29 -7.96 5.58 -2.19
CA GLN A 29 -9.41 5.88 -2.16
C GLN A 29 -9.64 7.39 -2.03
N GLU A 30 -8.57 8.13 -2.10
CA GLU A 30 -8.70 9.61 -1.98
C GLU A 30 -9.46 9.99 -0.71
N LYS A 31 -8.73 10.20 0.36
CA LYS A 31 -9.39 10.58 1.65
C LYS A 31 -8.58 11.66 2.37
N ALA A 32 -9.24 12.74 2.71
CA ALA A 32 -8.54 13.84 3.40
C ALA A 32 -8.28 13.47 4.87
ZN ZN B . -0.39 2.02 -3.23
N ASP A 1 14.28 -5.31 0.01
CA ASP A 1 13.69 -5.11 1.36
C ASP A 1 12.29 -4.51 1.23
N ARG A 2 11.60 -4.42 2.33
CA ARG A 2 10.23 -3.85 2.29
C ARG A 2 9.39 -4.50 1.17
N PRO A 3 9.00 -5.75 1.38
CA PRO A 3 8.20 -6.46 0.39
C PRO A 3 6.79 -5.84 0.27
N TYR A 4 5.85 -6.31 1.09
CA TYR A 4 4.43 -5.79 1.08
C TYR A 4 4.18 -4.81 -0.07
N SER A 5 4.10 -5.37 -1.24
CA SER A 5 3.86 -4.51 -2.44
C SER A 5 2.37 -4.37 -2.74
N CYS A 6 1.80 -3.27 -2.30
CA CYS A 6 0.35 -3.05 -2.54
C CYS A 6 0.03 -3.27 -4.01
N ASP A 7 -1.24 -3.47 -4.31
CA ASP A 7 -1.66 -3.69 -5.74
C ASP A 7 -2.65 -2.65 -6.24
N HIS A 8 -2.32 -1.38 -6.08
CA HIS A 8 -3.25 -0.31 -6.55
C HIS A 8 -2.87 0.06 -8.01
N PRO A 9 -3.86 0.30 -8.89
CA PRO A 9 -3.56 0.66 -10.28
C PRO A 9 -2.46 1.72 -10.37
N GLY A 10 -1.24 1.27 -10.53
CA GLY A 10 -0.09 2.21 -10.63
C GLY A 10 0.51 2.52 -9.24
N CYS A 11 1.30 1.61 -8.74
CA CYS A 11 1.92 1.83 -7.39
C CYS A 11 3.26 1.13 -7.27
N ASP A 12 4.15 1.75 -6.54
CA ASP A 12 5.51 1.17 -6.33
C ASP A 12 5.98 1.42 -4.90
N LYS A 13 5.11 2.01 -4.12
CA LYS A 13 5.47 2.29 -2.71
C LYS A 13 5.57 1.00 -1.90
N ALA A 14 6.75 0.45 -1.86
CA ALA A 14 6.95 -0.81 -1.11
C ALA A 14 6.69 -0.60 0.38
N PHE A 15 6.59 -1.69 1.09
CA PHE A 15 6.35 -1.60 2.57
C PHE A 15 6.90 -2.82 3.30
N VAL A 16 6.72 -2.83 4.61
CA VAL A 16 7.22 -3.97 5.43
C VAL A 16 6.17 -4.39 6.43
N ARG A 17 5.64 -3.43 7.11
CA ARG A 17 4.60 -3.73 8.13
C ARG A 17 3.27 -4.03 7.45
N ASN A 18 2.43 -4.78 8.12
CA ASN A 18 1.11 -5.12 7.54
C ASN A 18 0.16 -3.92 7.61
N HIS A 19 -0.09 -3.46 8.79
CA HIS A 19 -1.00 -2.31 8.94
C HIS A 19 -0.63 -1.20 7.97
N ASP A 20 0.64 -0.98 7.78
CA ASP A 20 1.06 0.08 6.85
C ASP A 20 0.37 -0.11 5.50
N LEU A 21 0.38 -1.33 5.02
CA LEU A 21 -0.27 -1.63 3.72
C LEU A 21 -1.76 -1.31 3.82
N ILE A 22 -2.34 -1.60 4.95
CA ILE A 22 -3.78 -1.32 5.13
C ILE A 22 -4.02 0.17 5.29
N ARG A 23 -3.05 0.85 5.84
CA ARG A 23 -3.18 2.32 6.04
C ARG A 23 -2.69 3.06 4.81
N HIS A 24 -1.92 2.35 4.01
CA HIS A 24 -1.39 2.96 2.77
C HIS A 24 -2.42 2.89 1.66
N LYS A 25 -3.18 1.83 1.65
CA LYS A 25 -4.22 1.69 0.60
C LYS A 25 -5.22 2.84 0.67
N LYS A 26 -5.51 3.27 1.86
CA LYS A 26 -6.47 4.38 2.01
C LYS A 26 -5.84 5.69 1.55
N SER A 27 -4.59 5.63 1.16
CA SER A 27 -3.89 6.85 0.70
C SER A 27 -4.09 7.06 -0.80
N HIS A 28 -4.28 5.98 -1.51
CA HIS A 28 -4.49 6.11 -2.97
C HIS A 28 -5.72 6.96 -3.28
N GLN A 29 -6.38 7.42 -2.24
CA GLN A 29 -7.61 8.26 -2.44
C GLN A 29 -7.49 9.57 -1.68
N GLU A 30 -6.32 10.15 -1.71
CA GLU A 30 -6.11 11.44 -0.99
C GLU A 30 -6.37 11.28 0.51
N LYS A 31 -5.57 11.94 1.29
CA LYS A 31 -5.75 11.85 2.78
C LYS A 31 -5.09 13.03 3.46
N ALA A 32 -5.61 14.20 3.22
CA ALA A 32 -5.03 15.41 3.85
C ALA A 32 -5.34 15.44 5.34
ZN ZN B . -0.26 1.38 -3.22
N ASP A 1 9.27 -12.25 3.19
CA ASP A 1 10.04 -11.51 2.14
C ASP A 1 9.21 -10.35 1.62
N ARG A 2 8.99 -9.38 2.47
CA ARG A 2 8.19 -8.20 2.05
C ARG A 2 6.93 -8.64 1.26
N PRO A 3 6.01 -9.31 1.94
CA PRO A 3 4.77 -9.78 1.30
C PRO A 3 3.80 -8.62 1.02
N TYR A 4 3.91 -7.55 1.78
CA TYR A 4 3.01 -6.41 1.57
C TYR A 4 3.52 -5.50 0.48
N SER A 5 3.39 -5.97 -0.71
CA SER A 5 3.85 -5.18 -1.89
C SER A 5 2.67 -4.55 -2.63
N CYS A 6 2.11 -3.49 -2.08
CA CYS A 6 0.96 -2.85 -2.78
C CYS A 6 1.30 -2.62 -4.24
N ASP A 7 0.28 -2.55 -5.06
CA ASP A 7 0.52 -2.33 -6.51
C ASP A 7 -0.75 -1.82 -7.18
N HIS A 8 -1.40 -0.90 -6.53
CA HIS A 8 -2.64 -0.35 -7.11
C HIS A 8 -2.31 0.38 -8.44
N PRO A 9 -3.30 0.48 -9.33
CA PRO A 9 -3.09 1.15 -10.62
C PRO A 9 -2.43 2.53 -10.43
N GLY A 10 -1.12 2.57 -10.60
CA GLY A 10 -0.39 3.87 -10.44
C GLY A 10 0.36 3.92 -9.10
N CYS A 11 1.03 2.83 -8.77
CA CYS A 11 1.78 2.81 -7.48
C CYS A 11 2.85 1.74 -7.49
N ASP A 12 3.77 1.86 -6.57
CA ASP A 12 4.87 0.86 -6.48
C ASP A 12 5.48 0.88 -5.08
N LYS A 13 4.75 1.41 -4.14
CA LYS A 13 5.26 1.48 -2.75
C LYS A 13 5.23 0.09 -2.10
N ALA A 14 6.39 -0.38 -1.70
CA ALA A 14 6.46 -1.72 -1.05
C ALA A 14 6.36 -1.59 0.47
N PHE A 15 6.05 -2.70 1.11
CA PHE A 15 5.93 -2.65 2.60
C PHE A 15 6.21 -4.01 3.22
N VAL A 16 6.58 -3.99 4.48
CA VAL A 16 6.88 -5.27 5.21
C VAL A 16 5.87 -5.47 6.34
N ARG A 17 5.39 -4.37 6.87
CA ARG A 17 4.39 -4.45 7.99
C ARG A 17 2.98 -4.21 7.45
N ASN A 18 2.01 -4.50 8.28
CA ASN A 18 0.59 -4.31 7.86
C ASN A 18 0.16 -2.85 7.98
N HIS A 19 0.19 -2.34 9.19
CA HIS A 19 -0.23 -0.93 9.42
C HIS A 19 0.20 -0.01 8.27
N ASP A 20 1.39 -0.20 7.79
CA ASP A 20 1.85 0.66 6.68
C ASP A 20 0.97 0.43 5.46
N LEU A 21 0.82 -0.83 5.10
CA LEU A 21 -0.02 -1.14 3.92
C LEU A 21 -1.45 -0.70 4.17
N ILE A 22 -1.84 -0.66 5.43
CA ILE A 22 -3.23 -0.23 5.75
C ILE A 22 -3.36 1.27 5.59
N ARG A 23 -2.47 2.00 6.20
CA ARG A 23 -2.54 3.46 6.09
C ARG A 23 -2.15 3.90 4.69
N HIS A 24 -1.40 3.05 4.03
CA HIS A 24 -0.96 3.39 2.64
C HIS A 24 -2.06 3.08 1.63
N LYS A 25 -2.67 1.93 1.77
CA LYS A 25 -3.75 1.56 0.81
C LYS A 25 -4.99 2.43 1.02
N LYS A 26 -5.24 2.77 2.26
CA LYS A 26 -6.43 3.61 2.55
C LYS A 26 -6.41 4.87 1.69
N SER A 27 -5.31 5.12 1.04
CA SER A 27 -5.20 6.33 0.18
C SER A 27 -5.66 6.05 -1.25
N HIS A 28 -5.56 4.80 -1.64
CA HIS A 28 -5.99 4.44 -3.02
C HIS A 28 -7.51 4.45 -3.14
N GLN A 29 -8.18 5.12 -2.22
CA GLN A 29 -9.68 5.18 -2.28
C GLN A 29 -10.15 6.58 -2.68
N GLU A 30 -9.22 7.40 -3.08
CA GLU A 30 -9.59 8.79 -3.49
C GLU A 30 -10.27 9.53 -2.35
N LYS A 31 -10.02 10.82 -2.28
CA LYS A 31 -10.65 11.63 -1.20
C LYS A 31 -10.76 13.09 -1.62
N ALA A 32 -11.34 13.89 -0.76
CA ALA A 32 -11.49 15.33 -1.10
C ALA A 32 -12.11 15.50 -2.47
ZN ZN B . -0.09 1.63 -3.16
N ASP A 1 10.17 -12.28 0.66
CA ASP A 1 9.43 -12.10 1.93
C ASP A 1 8.79 -10.72 1.96
N ARG A 2 7.61 -10.62 1.40
CA ARG A 2 6.91 -9.30 1.38
C ARG A 2 5.39 -9.49 1.37
N PRO A 3 4.84 -10.05 2.45
CA PRO A 3 3.40 -10.27 2.55
C PRO A 3 2.64 -8.95 2.37
N TYR A 4 3.38 -7.88 2.26
CA TYR A 4 2.75 -6.55 2.09
C TYR A 4 3.50 -5.78 1.03
N SER A 5 2.97 -5.81 -0.15
CA SER A 5 3.62 -5.08 -1.27
C SER A 5 2.56 -4.55 -2.22
N CYS A 6 1.93 -3.47 -1.82
CA CYS A 6 0.89 -2.88 -2.69
C CYS A 6 1.40 -2.68 -4.11
N ASP A 7 0.48 -2.56 -5.03
CA ASP A 7 0.87 -2.37 -6.45
C ASP A 7 -0.36 -2.13 -7.30
N HIS A 8 -1.09 -1.08 -7.00
CA HIS A 8 -2.32 -0.77 -7.79
C HIS A 8 -2.01 0.30 -8.86
N PRO A 9 -2.89 0.42 -9.86
CA PRO A 9 -2.69 1.40 -10.92
C PRO A 9 -2.36 2.80 -10.34
N GLY A 10 -1.14 3.22 -10.55
CA GLY A 10 -0.71 4.56 -10.03
C GLY A 10 0.02 4.41 -8.70
N CYS A 11 0.66 3.28 -8.51
CA CYS A 11 1.41 3.08 -7.22
C CYS A 11 2.62 2.18 -7.41
N ASP A 12 3.46 2.18 -6.42
CA ASP A 12 4.68 1.33 -6.49
C ASP A 12 5.39 1.30 -5.13
N LYS A 13 4.63 1.54 -4.09
CA LYS A 13 5.25 1.52 -2.72
C LYS A 13 5.28 0.10 -2.15
N ALA A 14 6.47 -0.37 -1.86
CA ALA A 14 6.62 -1.74 -1.30
C ALA A 14 6.50 -1.71 0.21
N PHE A 15 6.26 -2.86 0.79
CA PHE A 15 6.12 -2.90 2.27
C PHE A 15 6.45 -4.29 2.81
N VAL A 16 6.20 -4.47 4.09
CA VAL A 16 6.49 -5.79 4.71
C VAL A 16 5.67 -5.95 6.00
N ARG A 17 5.59 -4.89 6.75
CA ARG A 17 4.82 -4.93 8.02
C ARG A 17 3.32 -4.95 7.74
N ASN A 18 2.51 -4.63 8.74
CA ASN A 18 1.03 -4.61 8.51
C ASN A 18 0.38 -3.42 9.18
N HIS A 19 0.72 -2.28 8.69
CA HIS A 19 0.16 -1.03 9.24
C HIS A 19 0.39 0.06 8.22
N ASP A 20 1.55 0.01 7.61
CA ASP A 20 1.87 1.01 6.61
C ASP A 20 1.01 0.73 5.40
N LEU A 21 0.69 -0.54 5.20
CA LEU A 21 -0.15 -0.92 4.03
C LEU A 21 -1.58 -0.42 4.29
N ILE A 22 -1.91 -0.34 5.54
CA ILE A 22 -3.26 0.13 5.90
C ILE A 22 -3.39 1.62 5.62
N ARG A 23 -2.53 2.39 6.21
CA ARG A 23 -2.60 3.85 6.00
C ARG A 23 -2.24 4.18 4.55
N HIS A 24 -1.50 3.28 3.93
CA HIS A 24 -1.11 3.51 2.53
C HIS A 24 -2.24 3.16 1.56
N LYS A 25 -2.85 2.01 1.75
CA LYS A 25 -3.97 1.62 0.84
C LYS A 25 -5.14 2.58 0.97
N LYS A 26 -5.16 3.31 2.05
CA LYS A 26 -6.28 4.26 2.25
C LYS A 26 -6.30 5.29 1.12
N SER A 27 -5.21 5.35 0.39
CA SER A 27 -5.14 6.33 -0.73
C SER A 27 -5.65 5.71 -2.03
N HIS A 28 -6.06 4.46 -1.95
CA HIS A 28 -6.59 3.76 -3.17
C HIS A 28 -8.09 3.51 -3.05
N GLN A 29 -8.45 2.63 -2.16
CA GLN A 29 -9.88 2.31 -1.96
C GLN A 29 -10.72 3.58 -1.75
N GLU A 30 -10.06 4.70 -1.69
CA GLU A 30 -10.81 5.97 -1.48
C GLU A 30 -11.80 6.20 -2.64
N LYS A 31 -11.75 7.36 -3.23
CA LYS A 31 -12.69 7.64 -4.35
C LYS A 31 -12.25 6.91 -5.61
N ALA A 32 -11.78 5.70 -5.44
CA ALA A 32 -11.34 4.92 -6.63
C ALA A 32 -11.17 3.44 -6.27
ZN ZN B . -0.43 1.48 -3.17
N ASP A 1 11.24 -9.61 3.28
CA ASP A 1 11.48 -9.01 1.94
C ASP A 1 10.19 -8.40 1.40
N ARG A 2 9.85 -7.24 1.90
CA ARG A 2 8.60 -6.57 1.45
C ARG A 2 7.43 -7.57 1.35
N PRO A 3 6.99 -8.06 2.51
CA PRO A 3 5.88 -9.02 2.55
C PRO A 3 4.55 -8.35 2.18
N TYR A 4 4.56 -7.03 2.10
CA TYR A 4 3.31 -6.28 1.76
C TYR A 4 3.52 -5.36 0.56
N SER A 5 3.47 -5.93 -0.61
CA SER A 5 3.66 -5.11 -1.85
C SER A 5 2.31 -4.81 -2.50
N CYS A 6 1.68 -3.74 -2.08
CA CYS A 6 0.37 -3.38 -2.68
C CYS A 6 0.46 -3.27 -4.19
N ASP A 7 -0.64 -3.51 -4.86
CA ASP A 7 -0.66 -3.42 -6.34
C ASP A 7 -1.84 -2.58 -6.81
N HIS A 8 -2.04 -1.49 -6.14
CA HIS A 8 -3.17 -0.60 -6.50
C HIS A 8 -2.92 -0.02 -7.92
N PRO A 9 -3.99 0.29 -8.65
CA PRO A 9 -3.85 0.84 -9.99
C PRO A 9 -2.79 1.95 -10.04
N GLY A 10 -1.59 1.57 -10.40
CA GLY A 10 -0.48 2.58 -10.48
C GLY A 10 0.16 2.79 -9.10
N CYS A 11 0.90 1.79 -8.64
CA CYS A 11 1.58 1.91 -7.30
C CYS A 11 3.03 1.51 -7.38
N ASP A 12 3.77 1.87 -6.38
CA ASP A 12 5.21 1.52 -6.36
C ASP A 12 5.80 1.80 -4.98
N LYS A 13 4.97 1.68 -3.96
CA LYS A 13 5.45 1.93 -2.57
C LYS A 13 5.52 0.65 -1.76
N ALA A 14 6.61 -0.05 -1.87
CA ALA A 14 6.74 -1.32 -1.11
C ALA A 14 6.60 -1.04 0.39
N PHE A 15 6.33 -2.08 1.14
CA PHE A 15 6.18 -1.90 2.62
C PHE A 15 6.80 -3.06 3.39
N VAL A 16 7.31 -2.74 4.55
CA VAL A 16 7.95 -3.78 5.40
C VAL A 16 6.97 -4.24 6.48
N ARG A 17 6.06 -3.35 6.84
CA ARG A 17 5.04 -3.68 7.89
C ARG A 17 3.70 -4.02 7.24
N ASN A 18 2.76 -4.49 8.05
CA ASN A 18 1.42 -4.83 7.50
C ASN A 18 0.47 -3.64 7.53
N HIS A 19 0.14 -3.20 8.72
CA HIS A 19 -0.79 -2.03 8.86
C HIS A 19 -0.50 -0.97 7.81
N ASP A 20 0.75 -0.66 7.61
CA ASP A 20 1.08 0.36 6.59
C ASP A 20 0.34 0.07 5.31
N LEU A 21 0.31 -1.18 4.93
CA LEU A 21 -0.39 -1.57 3.69
C LEU A 21 -1.88 -1.22 3.81
N ILE A 22 -2.42 -1.38 5.00
CA ILE A 22 -3.85 -1.06 5.18
C ILE A 22 -4.08 0.45 5.12
N ARG A 23 -3.31 1.17 5.88
CA ARG A 23 -3.47 2.64 5.87
C ARG A 23 -2.92 3.24 4.57
N HIS A 24 -2.23 2.41 3.83
CA HIS A 24 -1.64 2.89 2.54
C HIS A 24 -2.66 2.78 1.39
N LYS A 25 -3.44 1.74 1.42
CA LYS A 25 -4.45 1.56 0.34
C LYS A 25 -5.47 2.70 0.32
N LYS A 26 -6.15 2.89 1.42
CA LYS A 26 -7.15 3.98 1.46
C LYS A 26 -6.47 5.35 1.41
N SER A 27 -5.18 5.34 1.20
CA SER A 27 -4.41 6.63 1.13
C SER A 27 -3.98 6.92 -0.29
N HIS A 28 -4.11 5.94 -1.17
CA HIS A 28 -3.70 6.18 -2.58
C HIS A 28 -4.30 7.50 -3.08
N GLN A 29 -5.26 7.98 -2.36
CA GLN A 29 -5.91 9.26 -2.74
C GLN A 29 -5.09 10.43 -2.21
N GLU A 30 -3.85 10.13 -1.86
CA GLU A 30 -2.92 11.18 -1.33
C GLU A 30 -3.65 12.29 -0.58
N LYS A 31 -4.42 11.91 0.40
CA LYS A 31 -5.17 12.93 1.18
C LYS A 31 -5.85 12.30 2.39
N ALA A 32 -6.06 13.09 3.41
CA ALA A 32 -6.72 12.55 4.63
C ALA A 32 -8.16 12.14 4.32
ZN ZN B . -0.27 1.06 -3.28
N ASP A 1 8.26 -12.91 0.30
CA ASP A 1 9.09 -11.69 0.17
C ASP A 1 8.21 -10.45 0.09
N ARG A 2 8.28 -9.62 1.09
CA ARG A 2 7.45 -8.40 1.08
C ARG A 2 6.00 -8.73 0.71
N PRO A 3 5.30 -9.43 1.61
CA PRO A 3 3.91 -9.81 1.36
C PRO A 3 3.01 -8.57 1.21
N TYR A 4 3.46 -7.46 1.76
CA TYR A 4 2.64 -6.22 1.67
C TYR A 4 3.10 -5.38 0.51
N SER A 5 2.88 -5.88 -0.66
CA SER A 5 3.28 -5.15 -1.90
C SER A 5 2.06 -4.59 -2.62
N CYS A 6 1.51 -3.54 -2.08
CA CYS A 6 0.31 -2.94 -2.73
C CYS A 6 0.60 -2.63 -4.19
N ASP A 7 0.16 -3.50 -5.06
CA ASP A 7 0.38 -3.27 -6.52
C ASP A 7 -0.87 -2.69 -7.17
N HIS A 8 -1.36 -1.60 -6.63
CA HIS A 8 -2.58 -0.98 -7.20
C HIS A 8 -2.19 -0.17 -8.46
N PRO A 9 -3.05 -0.15 -9.49
CA PRO A 9 -2.75 0.60 -10.70
C PRO A 9 -2.27 2.01 -10.37
N GLY A 10 -1.01 2.26 -10.64
CA GLY A 10 -0.44 3.62 -10.35
C GLY A 10 0.11 3.67 -8.93
N CYS A 11 0.90 2.67 -8.57
CA CYS A 11 1.49 2.64 -7.20
C CYS A 11 2.95 2.18 -7.24
N ASP A 12 3.68 2.52 -6.23
CA ASP A 12 5.11 2.11 -6.18
C ASP A 12 5.63 2.17 -4.75
N LYS A 13 4.75 1.88 -3.81
CA LYS A 13 5.15 1.90 -2.36
C LYS A 13 5.17 0.49 -1.78
N ALA A 14 6.33 -0.11 -1.74
CA ALA A 14 6.42 -1.49 -1.19
C ALA A 14 6.46 -1.45 0.34
N PHE A 15 6.08 -2.54 0.95
CA PHE A 15 6.08 -2.58 2.44
C PHE A 15 6.49 -3.96 2.95
N VAL A 16 6.75 -4.05 4.23
CA VAL A 16 7.16 -5.36 4.82
C VAL A 16 6.48 -5.55 6.19
N ARG A 17 5.67 -4.60 6.58
CA ARG A 17 4.97 -4.69 7.89
C ARG A 17 3.49 -4.36 7.73
N ASN A 18 2.65 -5.15 8.34
CA ASN A 18 1.22 -4.88 8.22
C ASN A 18 0.94 -3.47 8.71
N HIS A 19 -0.28 -3.06 8.64
CA HIS A 19 -0.64 -1.69 9.09
C HIS A 19 -0.14 -0.66 8.07
N ASP A 20 1.14 -0.67 7.78
CA ASP A 20 1.65 0.31 6.79
C ASP A 20 0.85 0.20 5.50
N LEU A 21 0.43 -1.00 5.21
CA LEU A 21 -0.37 -1.23 3.98
C LEU A 21 -1.79 -0.72 4.19
N ILE A 22 -2.25 -0.78 5.41
CA ILE A 22 -3.62 -0.29 5.70
C ILE A 22 -3.64 1.23 5.68
N ARG A 23 -2.62 1.81 6.25
CA ARG A 23 -2.54 3.28 6.29
C ARG A 23 -2.15 3.81 4.91
N HIS A 24 -1.64 2.92 4.09
CA HIS A 24 -1.23 3.31 2.72
C HIS A 24 -2.37 3.08 1.70
N LYS A 25 -2.97 1.93 1.76
CA LYS A 25 -4.07 1.63 0.81
C LYS A 25 -5.08 2.78 0.77
N LYS A 26 -5.16 3.52 1.83
CA LYS A 26 -6.13 4.65 1.85
C LYS A 26 -5.84 5.59 0.70
N SER A 27 -4.59 5.72 0.36
CA SER A 27 -4.23 6.61 -0.77
C SER A 27 -5.10 6.28 -1.96
N HIS A 28 -5.27 5.01 -2.20
CA HIS A 28 -6.10 4.57 -3.34
C HIS A 28 -7.56 4.56 -2.91
N GLN A 29 -7.91 3.59 -2.11
CA GLN A 29 -9.32 3.45 -1.60
C GLN A 29 -9.54 2.04 -1.06
N GLU A 30 -9.89 1.12 -1.92
CA GLU A 30 -10.12 -0.27 -1.47
C GLU A 30 -10.32 -1.21 -2.66
N LYS A 31 -10.11 -2.47 -2.44
CA LYS A 31 -10.28 -3.45 -3.55
C LYS A 31 -10.31 -4.88 -3.01
N ALA A 32 -10.81 -5.78 -3.81
CA ALA A 32 -10.86 -7.19 -3.37
C ALA A 32 -11.14 -8.11 -4.55
ZN ZN B . -0.48 1.43 -3.18
N ASP A 1 11.29 -11.12 1.62
CA ASP A 1 11.92 -9.81 1.95
C ASP A 1 10.99 -8.67 1.53
N ARG A 2 10.55 -7.90 2.49
CA ARG A 2 9.66 -6.77 2.14
C ARG A 2 8.48 -7.26 1.30
N PRO A 3 7.58 -8.03 1.91
CA PRO A 3 6.41 -8.56 1.20
C PRO A 3 5.40 -7.44 0.90
N TYR A 4 4.48 -7.20 1.83
CA TYR A 4 3.41 -6.14 1.69
C TYR A 4 3.64 -5.24 0.50
N SER A 5 3.43 -5.79 -0.64
CA SER A 5 3.62 -5.02 -1.90
C SER A 5 2.28 -4.54 -2.45
N CYS A 6 1.98 -3.29 -2.19
CA CYS A 6 0.69 -2.73 -2.68
C CYS A 6 0.42 -3.19 -4.11
N ASP A 7 -0.79 -3.01 -4.55
CA ASP A 7 -1.14 -3.42 -5.95
C ASP A 7 -2.14 -2.47 -6.59
N HIS A 8 -1.90 -1.17 -6.47
CA HIS A 8 -2.83 -0.18 -7.08
C HIS A 8 -2.14 0.50 -8.30
N PRO A 9 -2.82 0.62 -9.46
CA PRO A 9 -2.20 1.26 -10.63
C PRO A 9 -1.70 2.67 -10.29
N GLY A 10 -0.60 3.04 -10.89
CA GLY A 10 -0.05 4.41 -10.62
C GLY A 10 0.71 4.42 -9.29
N CYS A 11 1.05 3.25 -8.80
CA CYS A 11 1.79 3.19 -7.51
C CYS A 11 2.49 1.86 -7.34
N ASP A 12 3.40 1.84 -6.40
CA ASP A 12 4.15 0.59 -6.15
C ASP A 12 5.04 0.75 -4.93
N LYS A 13 4.49 1.33 -3.89
CA LYS A 13 5.28 1.53 -2.65
C LYS A 13 5.35 0.24 -1.83
N ALA A 14 6.44 -0.47 -1.95
CA ALA A 14 6.57 -1.73 -1.18
C ALA A 14 6.54 -1.43 0.31
N PHE A 15 6.30 -2.44 1.10
CA PHE A 15 6.26 -2.22 2.57
C PHE A 15 6.74 -3.44 3.36
N VAL A 16 6.84 -3.29 4.65
CA VAL A 16 7.30 -4.42 5.53
C VAL A 16 6.26 -4.72 6.60
N ARG A 17 5.69 -3.69 7.16
CA ARG A 17 4.66 -3.88 8.22
C ARG A 17 3.27 -3.99 7.59
N ASN A 18 2.38 -4.66 8.26
CA ASN A 18 1.02 -4.81 7.71
C ASN A 18 0.25 -3.48 7.77
N HIS A 19 0.15 -2.95 8.95
CA HIS A 19 -0.58 -1.65 9.12
C HIS A 19 -0.09 -0.64 8.07
N ASP A 20 1.17 -0.70 7.73
CA ASP A 20 1.67 0.27 6.72
C ASP A 20 0.88 0.11 5.43
N LEU A 21 0.65 -1.12 5.04
CA LEU A 21 -0.11 -1.37 3.79
C LEU A 21 -1.56 -0.94 3.98
N ILE A 22 -2.12 -1.27 5.12
CA ILE A 22 -3.51 -0.87 5.37
C ILE A 22 -3.63 0.63 5.44
N ARG A 23 -2.60 1.27 5.94
CA ARG A 23 -2.63 2.74 6.04
C ARG A 23 -2.20 3.37 4.73
N HIS A 24 -1.39 2.65 3.99
CA HIS A 24 -0.92 3.17 2.68
C HIS A 24 -2.01 2.99 1.63
N LYS A 25 -2.76 1.92 1.76
CA LYS A 25 -3.83 1.68 0.79
C LYS A 25 -4.92 2.74 0.87
N LYS A 26 -5.02 3.38 2.01
CA LYS A 26 -6.05 4.43 2.15
C LYS A 26 -5.89 5.49 1.06
N SER A 27 -4.68 5.67 0.61
CA SER A 27 -4.44 6.68 -0.44
C SER A 27 -5.17 6.30 -1.73
N HIS A 28 -5.28 5.02 -1.97
CA HIS A 28 -5.98 4.56 -3.19
C HIS A 28 -7.48 4.62 -3.01
N GLN A 29 -7.92 5.43 -2.08
CA GLN A 29 -9.39 5.58 -1.82
C GLN A 29 -9.83 7.01 -2.05
N GLU A 30 -9.77 7.44 -3.30
CA GLU A 30 -10.18 8.84 -3.61
C GLU A 30 -10.97 8.89 -4.92
N LYS A 31 -11.73 7.85 -5.16
CA LYS A 31 -12.52 7.83 -6.41
C LYS A 31 -13.53 8.98 -6.43
N ALA A 32 -14.05 9.27 -7.60
CA ALA A 32 -15.03 10.38 -7.72
C ALA A 32 -15.98 10.14 -8.88
ZN ZN B . -0.03 1.92 -3.37
N ASP A 1 11.09 -11.20 1.37
CA ASP A 1 9.80 -11.39 2.09
C ASP A 1 9.04 -10.07 2.11
N ARG A 2 7.90 -10.04 1.46
CA ARG A 2 7.08 -8.80 1.44
C ARG A 2 5.57 -9.12 1.47
N PRO A 3 5.11 -9.67 2.59
CA PRO A 3 3.69 -10.02 2.73
C PRO A 3 2.82 -8.78 2.55
N TYR A 4 3.45 -7.65 2.39
CA TYR A 4 2.72 -6.37 2.21
C TYR A 4 3.21 -5.65 0.97
N SER A 5 2.69 -6.04 -0.15
CA SER A 5 3.10 -5.40 -1.45
C SER A 5 1.90 -4.76 -2.15
N CYS A 6 1.67 -3.49 -1.87
CA CYS A 6 0.53 -2.80 -2.52
C CYS A 6 0.49 -3.12 -4.00
N ASP A 7 -0.59 -2.76 -4.64
CA ASP A 7 -0.69 -3.05 -6.10
C ASP A 7 -1.59 -2.04 -6.82
N HIS A 8 -1.48 -0.78 -6.46
CA HIS A 8 -2.32 0.24 -7.12
C HIS A 8 -1.60 0.71 -8.42
N PRO A 9 -2.31 0.84 -9.55
CA PRO A 9 -1.67 1.27 -10.80
C PRO A 9 -0.82 2.53 -10.63
N GLY A 10 -1.39 3.55 -10.08
CA GLY A 10 -0.61 4.81 -9.89
C GLY A 10 0.39 4.68 -8.74
N CYS A 11 1.01 3.53 -8.59
CA CYS A 11 1.99 3.38 -7.48
C CYS A 11 2.67 2.03 -7.48
N ASP A 12 3.69 1.94 -6.67
CA ASP A 12 4.45 0.67 -6.56
C ASP A 12 5.18 0.63 -5.21
N LYS A 13 4.75 1.46 -4.30
CA LYS A 13 5.39 1.49 -2.96
C LYS A 13 5.26 0.16 -2.24
N ALA A 14 6.27 -0.66 -2.37
CA ALA A 14 6.21 -1.98 -1.69
C ALA A 14 6.31 -1.79 -0.19
N PHE A 15 5.76 -2.71 0.56
CA PHE A 15 5.82 -2.59 2.05
C PHE A 15 6.21 -3.93 2.69
N VAL A 16 6.62 -3.85 3.93
CA VAL A 16 7.03 -5.09 4.65
C VAL A 16 6.43 -5.12 6.07
N ARG A 17 5.78 -4.03 6.44
CA ARG A 17 5.15 -3.94 7.80
C ARG A 17 3.66 -3.74 7.69
N ASN A 18 2.94 -4.35 8.59
CA ASN A 18 1.47 -4.20 8.54
C ASN A 18 1.10 -2.78 8.93
N HIS A 19 -0.16 -2.47 8.83
CA HIS A 19 -0.62 -1.10 9.18
C HIS A 19 -0.19 -0.11 8.11
N ASP A 20 1.10 -0.01 7.86
CA ASP A 20 1.55 0.93 6.83
C ASP A 20 0.81 0.66 5.53
N LEU A 21 0.75 -0.60 5.19
CA LEU A 21 0.05 -1.00 3.93
C LEU A 21 -1.43 -0.67 4.05
N ILE A 22 -1.97 -0.85 5.22
CA ILE A 22 -3.40 -0.55 5.42
C ILE A 22 -3.66 0.93 5.27
N ARG A 23 -2.80 1.72 5.86
CA ARG A 23 -2.98 3.19 5.76
C ARG A 23 -2.48 3.69 4.42
N HIS A 24 -1.60 2.94 3.80
CA HIS A 24 -1.07 3.36 2.48
C HIS A 24 -2.02 2.91 1.36
N LYS A 25 -2.71 1.81 1.59
CA LYS A 25 -3.65 1.29 0.56
C LYS A 25 -5.00 2.00 0.65
N LYS A 26 -5.61 1.92 1.80
CA LYS A 26 -6.93 2.58 1.96
C LYS A 26 -6.88 4.03 1.49
N SER A 27 -5.68 4.51 1.23
CA SER A 27 -5.54 5.91 0.75
C SER A 27 -5.69 6.00 -0.76
N HIS A 28 -5.30 4.95 -1.45
CA HIS A 28 -5.41 4.97 -2.93
C HIS A 28 -6.84 5.31 -3.36
N GLN A 29 -7.80 4.85 -2.61
CA GLN A 29 -9.21 5.14 -2.97
C GLN A 29 -9.61 6.54 -2.52
N GLU A 30 -8.79 7.51 -2.84
CA GLU A 30 -9.10 8.93 -2.45
C GLU A 30 -8.75 9.90 -3.58
N LYS A 31 -7.88 10.84 -3.31
CA LYS A 31 -7.50 11.83 -4.37
C LYS A 31 -6.47 11.22 -5.32
N ALA A 32 -6.81 11.17 -6.58
CA ALA A 32 -5.87 10.60 -7.59
C ALA A 32 -4.90 11.67 -8.08
ZN ZN B . 0.37 2.00 -3.31
N ASP A 1 12.43 -8.16 4.26
CA ASP A 1 11.56 -8.61 3.14
C ASP A 1 10.38 -7.66 2.99
N ARG A 2 9.80 -7.64 1.82
CA ARG A 2 8.63 -6.73 1.57
C ARG A 2 7.59 -7.44 0.68
N PRO A 3 6.90 -8.40 1.26
CA PRO A 3 5.87 -9.16 0.53
C PRO A 3 4.61 -8.32 0.29
N TYR A 4 4.45 -7.26 1.05
CA TYR A 4 3.23 -6.42 0.88
C TYR A 4 3.45 -5.33 -0.16
N SER A 5 3.54 -5.74 -1.36
CA SER A 5 3.75 -4.77 -2.46
C SER A 5 2.41 -4.37 -3.05
N CYS A 6 1.71 -3.49 -2.38
CA CYS A 6 0.38 -3.07 -2.91
C CYS A 6 0.46 -2.78 -4.40
N ASP A 7 -0.15 -3.64 -5.18
CA ASP A 7 -0.12 -3.45 -6.66
C ASP A 7 -1.35 -2.67 -7.13
N HIS A 8 -1.59 -1.54 -6.53
CA HIS A 8 -2.76 -0.74 -6.94
C HIS A 8 -2.44 0.00 -8.27
N PRO A 9 -3.43 0.11 -9.19
CA PRO A 9 -3.17 0.78 -10.46
C PRO A 9 -2.42 2.09 -10.24
N GLY A 10 -1.15 2.08 -10.57
CA GLY A 10 -0.33 3.32 -10.40
C GLY A 10 0.28 3.36 -9.00
N CYS A 11 1.03 2.33 -8.65
CA CYS A 11 1.66 2.29 -7.30
C CYS A 11 3.06 1.67 -7.37
N ASP A 12 3.86 1.98 -6.37
CA ASP A 12 5.23 1.43 -6.34
C ASP A 12 5.81 1.48 -4.93
N LYS A 13 4.94 1.62 -3.95
CA LYS A 13 5.44 1.68 -2.53
C LYS A 13 5.45 0.32 -1.87
N ALA A 14 6.62 -0.15 -1.53
CA ALA A 14 6.73 -1.48 -0.88
C ALA A 14 6.42 -1.37 0.60
N PHE A 15 6.30 -2.49 1.25
CA PHE A 15 5.99 -2.45 2.73
C PHE A 15 6.56 -3.65 3.46
N VAL A 16 6.95 -3.41 4.70
CA VAL A 16 7.52 -4.50 5.54
C VAL A 16 6.50 -4.96 6.58
N ARG A 17 5.79 -4.01 7.15
CA ARG A 17 4.77 -4.34 8.19
C ARG A 17 3.38 -4.42 7.55
N ASN A 18 2.36 -4.51 8.38
CA ASN A 18 0.96 -4.59 7.84
C ASN A 18 0.25 -3.25 7.96
N HIS A 19 0.31 -2.64 9.12
CA HIS A 19 -0.38 -1.33 9.30
C HIS A 19 -0.08 -0.38 8.14
N ASP A 20 1.17 -0.25 7.78
CA ASP A 20 1.50 0.67 6.66
C ASP A 20 0.60 0.38 5.47
N LEU A 21 0.46 -0.88 5.17
CA LEU A 21 -0.40 -1.29 4.04
C LEU A 21 -1.83 -0.79 4.26
N ILE A 22 -2.21 -0.68 5.50
CA ILE A 22 -3.58 -0.19 5.79
C ILE A 22 -3.68 1.29 5.53
N ARG A 23 -2.81 2.02 6.18
CA ARG A 23 -2.83 3.49 5.98
C ARG A 23 -2.41 3.83 4.56
N HIS A 24 -1.73 2.90 3.93
CA HIS A 24 -1.27 3.15 2.53
C HIS A 24 -2.38 2.80 1.53
N LYS A 25 -2.95 1.64 1.68
CA LYS A 25 -4.02 1.24 0.75
C LYS A 25 -5.19 2.21 0.83
N LYS A 26 -5.46 2.69 2.01
CA LYS A 26 -6.58 3.64 2.16
C LYS A 26 -6.19 4.99 1.58
N SER A 27 -4.98 5.07 1.10
CA SER A 27 -4.50 6.36 0.50
C SER A 27 -4.85 6.42 -0.97
N HIS A 28 -5.00 5.28 -1.59
CA HIS A 28 -5.34 5.27 -3.03
C HIS A 28 -6.75 5.80 -3.24
N GLN A 29 -7.72 5.01 -2.87
CA GLN A 29 -9.15 5.43 -3.03
C GLN A 29 -9.36 6.18 -4.34
N GLU A 30 -9.13 5.50 -5.43
CA GLU A 30 -9.33 6.16 -6.75
C GLU A 30 -10.80 6.49 -6.98
N LYS A 31 -11.26 6.24 -8.18
CA LYS A 31 -12.70 6.52 -8.49
C LYS A 31 -13.58 5.33 -8.15
N ALA A 32 -14.86 5.50 -8.31
CA ALA A 32 -15.79 4.39 -8.00
C ALA A 32 -17.19 4.68 -8.54
ZN ZN B . -0.37 1.26 -3.26
N ASP A 1 10.90 -11.14 4.07
CA ASP A 1 10.01 -11.65 3.00
C ASP A 1 8.78 -10.75 2.86
N ARG A 2 9.01 -9.54 2.38
CA ARG A 2 7.90 -8.55 2.19
C ARG A 2 6.50 -9.23 2.07
N PRO A 3 5.83 -9.44 3.20
CA PRO A 3 4.51 -10.09 3.17
C PRO A 3 3.49 -9.20 2.45
N TYR A 4 3.88 -7.97 2.19
CA TYR A 4 3.00 -7.04 1.51
C TYR A 4 3.77 -6.36 0.42
N SER A 5 3.10 -5.49 -0.15
CA SER A 5 3.64 -4.66 -1.28
C SER A 5 2.51 -4.13 -2.14
N CYS A 6 2.10 -2.91 -1.89
CA CYS A 6 0.99 -2.33 -2.68
C CYS A 6 1.14 -2.66 -4.16
N ASP A 7 0.05 -2.53 -4.88
CA ASP A 7 0.10 -2.83 -6.33
C ASP A 7 -1.05 -2.13 -7.05
N HIS A 8 -1.45 -0.99 -6.54
CA HIS A 8 -2.57 -0.25 -7.17
C HIS A 8 -2.03 0.59 -8.38
N PRO A 9 -2.80 0.70 -9.47
CA PRO A 9 -2.36 1.47 -10.63
C PRO A 9 -1.90 2.89 -10.23
N GLY A 10 -0.76 3.28 -10.73
CA GLY A 10 -0.23 4.63 -10.40
C GLY A 10 0.49 4.61 -9.04
N CYS A 11 0.82 3.44 -8.59
CA CYS A 11 1.53 3.33 -7.29
C CYS A 11 2.05 1.93 -7.05
N ASP A 12 3.02 1.82 -6.18
CA ASP A 12 3.59 0.49 -5.89
C ASP A 12 4.55 0.58 -4.70
N LYS A 13 4.14 1.31 -3.70
CA LYS A 13 5.01 1.46 -2.52
C LYS A 13 5.20 0.12 -1.80
N ALA A 14 6.41 -0.36 -1.81
CA ALA A 14 6.69 -1.66 -1.14
C ALA A 14 6.36 -1.57 0.33
N PHE A 15 6.27 -2.71 0.96
CA PHE A 15 5.94 -2.71 2.42
C PHE A 15 6.43 -3.98 3.09
N VAL A 16 6.75 -3.86 4.36
CA VAL A 16 7.24 -5.04 5.14
C VAL A 16 6.24 -5.42 6.23
N ARG A 17 5.63 -4.41 6.82
CA ARG A 17 4.63 -4.68 7.90
C ARG A 17 3.20 -4.57 7.36
N ASN A 18 2.23 -4.70 8.22
CA ASN A 18 0.80 -4.60 7.78
C ASN A 18 0.28 -3.17 7.88
N HIS A 19 0.18 -2.69 9.09
CA HIS A 19 -0.33 -1.30 9.30
C HIS A 19 0.14 -0.34 8.20
N ASP A 20 1.39 -0.41 7.88
CA ASP A 20 1.92 0.48 6.82
C ASP A 20 1.04 0.41 5.57
N LEU A 21 0.73 -0.79 5.17
CA LEU A 21 -0.12 -0.94 3.97
C LEU A 21 -1.53 -0.45 4.24
N ILE A 22 -1.92 -0.47 5.49
CA ILE A 22 -3.29 0.00 5.82
C ILE A 22 -3.35 1.53 5.79
N ARG A 23 -2.36 2.14 6.37
CA ARG A 23 -2.35 3.63 6.37
C ARG A 23 -1.90 4.15 5.02
N HIS A 24 -1.56 3.23 4.14
CA HIS A 24 -1.10 3.63 2.77
C HIS A 24 -2.17 3.30 1.71
N LYS A 25 -2.68 2.10 1.74
CA LYS A 25 -3.71 1.72 0.74
C LYS A 25 -4.86 2.72 0.73
N LYS A 26 -4.93 3.54 1.75
CA LYS A 26 -6.03 4.54 1.79
C LYS A 26 -6.07 5.33 0.49
N SER A 27 -4.92 5.68 -0.01
CA SER A 27 -4.89 6.46 -1.28
C SER A 27 -5.66 5.73 -2.37
N HIS A 28 -5.72 4.42 -2.26
CA HIS A 28 -6.46 3.62 -3.28
C HIS A 28 -7.83 3.21 -2.76
N GLN A 29 -8.46 4.10 -2.03
CA GLN A 29 -9.81 3.79 -1.48
C GLN A 29 -10.67 3.05 -2.50
N GLU A 30 -10.32 3.19 -3.76
CA GLU A 30 -11.10 2.51 -4.82
C GLU A 30 -10.62 1.07 -4.99
N LYS A 31 -11.50 0.14 -4.73
CA LYS A 31 -11.11 -1.29 -4.88
C LYS A 31 -9.94 -1.64 -3.98
N ALA A 32 -10.15 -2.54 -3.06
CA ALA A 32 -9.05 -2.93 -2.14
C ALA A 32 -8.04 -3.82 -2.86
ZN ZN B . -0.04 2.33 -3.21
N ASP A 1 9.43 -12.52 1.13
CA ASP A 1 9.06 -12.07 2.50
C ASP A 1 8.47 -10.66 2.43
N ARG A 2 7.36 -10.55 1.74
CA ARG A 2 6.69 -9.22 1.61
C ARG A 2 5.15 -9.36 1.74
N PRO A 3 4.70 -9.74 2.94
CA PRO A 3 3.27 -9.92 3.19
C PRO A 3 2.48 -8.65 2.87
N TYR A 4 3.18 -7.62 2.46
CA TYR A 4 2.51 -6.35 2.12
C TYR A 4 3.28 -5.61 1.07
N SER A 5 2.79 -5.66 -0.12
CA SER A 5 3.47 -4.97 -1.26
C SER A 5 2.43 -4.33 -2.18
N CYS A 6 1.97 -3.16 -1.82
CA CYS A 6 0.95 -2.49 -2.67
C CYS A 6 1.27 -2.65 -4.16
N ASP A 7 0.24 -2.58 -4.96
CA ASP A 7 0.43 -2.72 -6.43
C ASP A 7 -0.78 -2.16 -7.15
N HIS A 8 -1.32 -1.09 -6.62
CA HIS A 8 -2.50 -0.46 -7.25
C HIS A 8 -2.04 0.49 -8.39
N PRO A 9 -2.85 0.62 -9.45
CA PRO A 9 -2.49 1.49 -10.57
C PRO A 9 -2.13 2.91 -10.10
N GLY A 10 -0.99 3.38 -10.51
CA GLY A 10 -0.56 4.76 -10.10
C GLY A 10 0.24 4.72 -8.80
N CYS A 11 0.78 3.58 -8.47
CA CYS A 11 1.57 3.48 -7.22
C CYS A 11 2.35 2.17 -7.15
N ASP A 12 3.54 2.24 -6.59
CA ASP A 12 4.38 1.02 -6.47
C ASP A 12 5.17 1.06 -5.16
N LYS A 13 4.53 1.54 -4.13
CA LYS A 13 5.20 1.61 -2.81
C LYS A 13 5.19 0.24 -2.11
N ALA A 14 6.33 -0.40 -2.09
CA ALA A 14 6.42 -1.74 -1.44
C ALA A 14 6.40 -1.59 0.08
N PHE A 15 6.14 -2.69 0.75
CA PHE A 15 6.11 -2.65 2.24
C PHE A 15 6.52 -4.00 2.84
N VAL A 16 6.33 -4.11 4.13
CA VAL A 16 6.69 -5.37 4.84
C VAL A 16 5.72 -5.61 5.98
N ARG A 17 5.39 -4.53 6.65
CA ARG A 17 4.45 -4.60 7.80
C ARG A 17 3.00 -4.45 7.31
N ASN A 18 2.07 -4.78 8.16
CA ASN A 18 0.63 -4.65 7.77
C ASN A 18 0.12 -3.22 7.94
N HIS A 19 0.21 -2.72 9.15
CA HIS A 19 -0.27 -1.34 9.42
C HIS A 19 0.17 -0.38 8.29
N ASP A 20 1.39 -0.52 7.86
CA ASP A 20 1.87 0.38 6.78
C ASP A 20 0.92 0.32 5.60
N LEU A 21 0.66 -0.87 5.13
CA LEU A 21 -0.26 -1.03 3.97
C LEU A 21 -1.64 -0.47 4.30
N ILE A 22 -1.99 -0.52 5.56
CA ILE A 22 -3.33 0.00 5.95
C ILE A 22 -3.34 1.51 5.91
N ARG A 23 -2.33 2.10 6.48
CA ARG A 23 -2.26 3.58 6.48
C ARG A 23 -1.79 4.09 5.13
N HIS A 24 -1.39 3.18 4.28
CA HIS A 24 -0.90 3.58 2.92
C HIS A 24 -1.98 3.31 1.85
N LYS A 25 -2.64 2.19 1.97
CA LYS A 25 -3.69 1.86 0.97
C LYS A 25 -4.79 2.94 0.96
N LYS A 26 -4.63 3.93 1.78
CA LYS A 26 -5.65 5.01 1.80
C LYS A 26 -5.82 5.62 0.42
N SER A 27 -4.83 5.40 -0.43
CA SER A 27 -4.91 5.95 -1.81
C SER A 27 -5.61 4.97 -2.76
N HIS A 28 -5.81 3.77 -2.28
CA HIS A 28 -6.48 2.73 -3.11
C HIS A 28 -7.63 2.07 -2.32
N GLN A 29 -8.51 2.87 -1.79
CA GLN A 29 -9.63 2.31 -1.02
C GLN A 29 -10.55 1.52 -1.94
N GLU A 30 -11.75 2.03 -2.13
CA GLU A 30 -12.76 1.35 -3.01
C GLU A 30 -14.18 1.75 -2.58
N LYS A 31 -15.17 1.11 -3.16
CA LYS A 31 -16.59 1.43 -2.81
C LYS A 31 -17.25 0.23 -2.15
N ALA A 32 -16.78 -0.13 -0.99
CA ALA A 32 -17.37 -1.29 -0.28
C ALA A 32 -18.90 -1.26 -0.34
ZN ZN B . 0.12 2.30 -3.01
N ASP A 1 9.18 -12.79 6.73
CA ASP A 1 9.33 -12.19 5.38
C ASP A 1 8.86 -10.74 5.40
N ARG A 2 9.16 -10.03 4.34
CA ARG A 2 8.75 -8.58 4.25
C ARG A 2 8.25 -8.26 2.83
N PRO A 3 7.05 -8.72 2.51
CA PRO A 3 6.45 -8.49 1.20
C PRO A 3 5.61 -7.19 1.14
N TYR A 4 4.34 -7.34 1.44
CA TYR A 4 3.39 -6.18 1.43
C TYR A 4 3.74 -5.20 0.34
N SER A 5 3.43 -5.59 -0.88
CA SER A 5 3.72 -4.72 -2.06
C SER A 5 2.42 -4.29 -2.72
N CYS A 6 1.78 -3.33 -2.12
CA CYS A 6 0.50 -2.85 -2.70
C CYS A 6 0.62 -2.68 -4.22
N ASP A 7 -0.30 -3.30 -4.94
CA ASP A 7 -0.29 -3.19 -6.44
C ASP A 7 -1.51 -2.45 -6.96
N HIS A 8 -1.66 -1.21 -6.55
CA HIS A 8 -2.84 -0.42 -7.01
C HIS A 8 -2.47 0.32 -8.32
N PRO A 9 -3.41 0.43 -9.27
CA PRO A 9 -3.12 1.12 -10.53
C PRO A 9 -2.44 2.47 -10.28
N GLY A 10 -1.16 2.53 -10.55
CA GLY A 10 -0.41 3.81 -10.34
C GLY A 10 0.22 3.84 -8.94
N CYS A 11 1.04 2.86 -8.65
CA CYS A 11 1.69 2.81 -7.32
C CYS A 11 2.90 1.90 -7.32
N ASP A 12 3.73 2.06 -6.34
CA ASP A 12 4.94 1.21 -6.25
C ASP A 12 5.68 1.48 -4.94
N LYS A 13 5.10 1.06 -3.84
CA LYS A 13 5.76 1.27 -2.50
C LYS A 13 5.76 -0.01 -1.67
N ALA A 14 6.88 -0.72 -1.73
CA ALA A 14 6.97 -1.99 -0.95
C ALA A 14 6.90 -1.72 0.55
N PHE A 15 6.53 -2.73 1.31
CA PHE A 15 6.45 -2.53 2.80
C PHE A 15 6.96 -3.76 3.55
N VAL A 16 6.65 -3.83 4.82
CA VAL A 16 7.10 -5.00 5.64
C VAL A 16 5.98 -5.50 6.55
N ARG A 17 5.21 -4.58 7.08
CA ARG A 17 4.09 -4.96 8.01
C ARG A 17 2.74 -4.64 7.36
N ASN A 18 1.68 -4.99 8.03
CA ASN A 18 0.33 -4.73 7.47
C ASN A 18 -0.06 -3.26 7.64
N HIS A 19 -0.08 -2.81 8.88
CA HIS A 19 -0.45 -1.39 9.16
C HIS A 19 0.00 -0.43 8.07
N ASP A 20 1.28 -0.41 7.80
CA ASP A 20 1.78 0.50 6.74
C ASP A 20 0.93 0.36 5.49
N LEU A 21 0.66 -0.87 5.11
CA LEU A 21 -0.17 -1.12 3.90
C LEU A 21 -1.57 -0.54 4.12
N ILE A 22 -2.01 -0.54 5.35
CA ILE A 22 -3.37 0.00 5.64
C ILE A 22 -3.36 1.51 5.48
N ARG A 23 -2.41 2.14 6.09
CA ARG A 23 -2.33 3.62 5.98
C ARG A 23 -1.91 4.02 4.58
N HIS A 24 -1.17 3.15 3.94
CA HIS A 24 -0.71 3.47 2.56
C HIS A 24 -1.83 3.19 1.54
N LYS A 25 -2.56 2.13 1.76
CA LYS A 25 -3.66 1.80 0.82
C LYS A 25 -4.84 2.75 0.99
N LYS A 26 -4.97 3.30 2.17
CA LYS A 26 -6.09 4.25 2.43
C LYS A 26 -6.23 5.26 1.29
N SER A 27 -5.13 5.56 0.65
CA SER A 27 -5.19 6.54 -0.46
C SER A 27 -5.86 5.92 -1.69
N HIS A 28 -5.68 4.64 -1.87
CA HIS A 28 -6.31 3.98 -3.04
C HIS A 28 -7.80 3.75 -2.81
N GLN A 29 -8.17 3.50 -1.59
CA GLN A 29 -9.61 3.26 -1.31
C GLN A 29 -9.91 3.39 0.19
N GLU A 30 -10.30 4.58 0.59
CA GLU A 30 -10.64 4.86 2.04
C GLU A 30 -10.27 3.72 3.01
N LYS A 31 -11.19 2.84 3.27
CA LYS A 31 -10.90 1.71 4.20
C LYS A 31 -9.92 0.72 3.58
N ALA A 32 -9.91 -0.49 4.09
CA ALA A 32 -8.99 -1.51 3.54
C ALA A 32 -9.25 -2.88 4.16
ZN ZN B . -0.27 1.54 -3.16
N ASP A 1 8.04 -13.27 1.52
CA ASP A 1 8.63 -12.28 0.59
C ASP A 1 7.76 -11.04 0.53
N ARG A 2 8.03 -10.10 1.40
CA ARG A 2 7.22 -8.85 1.41
C ARG A 2 5.72 -9.18 1.35
N PRO A 3 5.21 -9.79 2.42
CA PRO A 3 3.79 -10.15 2.48
C PRO A 3 2.90 -8.91 2.31
N TYR A 4 3.54 -7.78 2.22
CA TYR A 4 2.79 -6.51 2.05
C TYR A 4 3.48 -5.65 1.02
N SER A 5 3.00 -5.72 -0.17
CA SER A 5 3.59 -4.91 -1.27
C SER A 5 2.50 -4.41 -2.21
N CYS A 6 1.82 -3.38 -1.79
CA CYS A 6 0.75 -2.82 -2.65
C CYS A 6 1.19 -2.70 -4.10
N ASP A 7 0.23 -2.60 -4.97
CA ASP A 7 0.55 -2.46 -6.41
C ASP A 7 -0.66 -1.96 -7.17
N HIS A 8 -1.35 -1.00 -6.60
CA HIS A 8 -2.54 -0.45 -7.28
C HIS A 8 -2.10 0.46 -8.46
N PRO A 9 -2.93 0.56 -9.51
CA PRO A 9 -2.59 1.39 -10.66
C PRO A 9 -2.23 2.82 -10.22
N GLY A 10 -1.03 3.22 -10.53
CA GLY A 10 -0.57 4.59 -10.14
C GLY A 10 0.22 4.54 -8.84
N CYS A 11 0.76 3.39 -8.54
CA CYS A 11 1.55 3.25 -7.28
C CYS A 11 2.49 2.07 -7.35
N ASP A 12 3.46 2.08 -6.48
CA ASP A 12 4.45 0.99 -6.45
C ASP A 12 5.21 0.99 -5.13
N LYS A 13 4.61 1.60 -4.15
CA LYS A 13 5.28 1.66 -2.82
C LYS A 13 5.25 0.30 -2.13
N ALA A 14 6.41 -0.31 -2.04
CA ALA A 14 6.47 -1.64 -1.39
C ALA A 14 6.40 -1.52 0.11
N PHE A 15 6.11 -2.62 0.77
CA PHE A 15 6.02 -2.59 2.26
C PHE A 15 6.44 -3.93 2.86
N VAL A 16 6.29 -4.04 4.15
CA VAL A 16 6.67 -5.30 4.85
C VAL A 16 5.73 -5.54 6.04
N ARG A 17 5.34 -4.47 6.68
CA ARG A 17 4.42 -4.60 7.86
C ARG A 17 2.97 -4.50 7.39
N ASN A 18 2.05 -4.76 8.28
CA ASN A 18 0.61 -4.67 7.90
C ASN A 18 0.10 -3.24 8.01
N HIS A 19 0.13 -2.72 9.19
CA HIS A 19 -0.34 -1.31 9.41
C HIS A 19 0.11 -0.40 8.25
N ASP A 20 1.38 -0.40 7.95
CA ASP A 20 1.85 0.48 6.84
C ASP A 20 0.94 0.35 5.63
N LEU A 21 0.50 -0.86 5.38
CA LEU A 21 -0.39 -1.09 4.21
C LEU A 21 -1.75 -0.45 4.47
N ILE A 22 -2.13 -0.40 5.72
CA ILE A 22 -3.44 0.23 6.03
C ILE A 22 -3.31 1.73 5.92
N ARG A 23 -2.24 2.25 6.47
CA ARG A 23 -2.02 3.70 6.41
C ARG A 23 -1.56 4.11 5.02
N HIS A 24 -1.50 3.14 4.14
CA HIS A 24 -1.06 3.43 2.73
C HIS A 24 -2.19 3.09 1.73
N LYS A 25 -2.71 1.91 1.86
CA LYS A 25 -3.81 1.46 0.96
C LYS A 25 -4.90 2.53 0.86
N LYS A 26 -4.93 3.44 1.82
CA LYS A 26 -5.97 4.49 1.75
C LYS A 26 -5.88 5.25 0.43
N SER A 27 -4.69 5.39 -0.08
CA SER A 27 -4.55 6.11 -1.37
C SER A 27 -5.42 5.45 -2.40
N HIS A 28 -5.78 4.21 -2.11
CA HIS A 28 -6.64 3.42 -3.03
C HIS A 28 -7.86 2.90 -2.25
N GLN A 29 -8.53 3.81 -1.55
CA GLN A 29 -9.74 3.47 -0.72
C GLN A 29 -10.15 2.00 -0.84
N GLU A 30 -10.71 1.67 -1.97
CA GLU A 30 -11.18 0.25 -2.24
C GLU A 30 -11.43 -0.54 -0.94
N LYS A 31 -12.06 0.11 0.01
CA LYS A 31 -12.34 -0.59 1.29
C LYS A 31 -13.28 -1.78 1.07
N ALA A 32 -13.60 -2.46 2.13
CA ALA A 32 -14.50 -3.63 2.02
C ALA A 32 -15.07 -4.03 3.37
ZN ZN B . -0.35 1.71 -3.09
N ASP A 1 11.49 -9.58 5.25
CA ASP A 1 10.23 -10.24 4.84
C ASP A 1 9.29 -9.21 4.22
N ARG A 2 8.59 -9.62 3.19
CA ARG A 2 7.63 -8.68 2.52
C ARG A 2 6.32 -9.41 2.16
N PRO A 3 5.56 -9.81 3.18
CA PRO A 3 4.30 -10.51 2.95
C PRO A 3 3.31 -9.65 2.15
N TYR A 4 3.67 -8.39 1.92
CA TYR A 4 2.80 -7.51 1.18
C TYR A 4 3.58 -6.82 0.10
N SER A 5 2.92 -5.92 -0.45
CA SER A 5 3.47 -5.09 -1.57
C SER A 5 2.33 -4.48 -2.37
N CYS A 6 1.92 -3.29 -2.02
CA CYS A 6 0.80 -2.67 -2.77
C CYS A 6 1.13 -2.60 -4.25
N ASP A 7 0.10 -2.51 -5.05
CA ASP A 7 0.30 -2.43 -6.51
C ASP A 7 -0.90 -1.79 -7.18
N HIS A 8 -1.45 -0.79 -6.54
CA HIS A 8 -2.62 -0.12 -7.12
C HIS A 8 -2.20 0.61 -8.42
N PRO A 9 -3.12 0.74 -9.38
CA PRO A 9 -2.81 1.42 -10.64
C PRO A 9 -2.11 2.77 -10.41
N GLY A 10 -0.81 2.77 -10.61
CA GLY A 10 -0.03 4.05 -10.41
C GLY A 10 0.72 4.04 -9.08
N CYS A 11 1.29 2.92 -8.72
CA CYS A 11 2.03 2.86 -7.43
C CYS A 11 2.87 1.61 -7.32
N ASP A 12 3.74 1.63 -6.35
CA ASP A 12 4.64 0.46 -6.13
C ASP A 12 5.32 0.60 -4.77
N LYS A 13 4.66 1.27 -3.86
CA LYS A 13 5.24 1.46 -2.52
C LYS A 13 5.41 0.11 -1.79
N ALA A 14 6.50 -0.55 -2.05
CA ALA A 14 6.73 -1.87 -1.39
C ALA A 14 6.41 -1.77 0.09
N PHE A 15 6.19 -2.91 0.72
CA PHE A 15 5.87 -2.88 2.18
C PHE A 15 6.43 -4.08 2.92
N VAL A 16 6.76 -3.86 4.17
CA VAL A 16 7.33 -4.94 5.03
C VAL A 16 6.42 -5.18 6.24
N ARG A 17 5.78 -4.12 6.70
CA ARG A 17 4.86 -4.26 7.88
C ARG A 17 3.43 -4.42 7.43
N ASN A 18 2.51 -3.88 8.20
CA ASN A 18 1.06 -3.99 7.83
C ASN A 18 0.33 -2.67 8.05
N HIS A 19 0.60 -2.02 9.15
CA HIS A 19 -0.10 -0.73 9.41
C HIS A 19 0.15 0.24 8.26
N ASP A 20 1.39 0.49 7.95
CA ASP A 20 1.68 1.43 6.85
C ASP A 20 0.86 1.06 5.62
N LEU A 21 0.79 -0.22 5.35
CA LEU A 21 0.02 -0.70 4.16
C LEU A 21 -1.46 -0.39 4.36
N ILE A 22 -1.90 -0.46 5.59
CA ILE A 22 -3.33 -0.17 5.85
C ILE A 22 -3.59 1.32 5.68
N ARG A 23 -2.68 2.12 6.15
CA ARG A 23 -2.87 3.59 6.02
C ARG A 23 -2.48 4.03 4.60
N HIS A 24 -1.66 3.24 3.96
CA HIS A 24 -1.22 3.59 2.58
C HIS A 24 -2.24 3.09 1.55
N LYS A 25 -2.80 1.93 1.77
CA LYS A 25 -3.78 1.41 0.80
C LYS A 25 -5.09 2.19 0.86
N LYS A 26 -5.65 2.30 2.02
CA LYS A 26 -6.94 3.05 2.15
C LYS A 26 -6.85 4.39 1.43
N SER A 27 -5.65 4.84 1.18
CA SER A 27 -5.49 6.14 0.48
C SER A 27 -5.90 6.02 -0.99
N HIS A 28 -5.51 4.94 -1.60
CA HIS A 28 -5.86 4.74 -3.03
C HIS A 28 -7.37 4.85 -3.23
N GLN A 29 -8.09 4.93 -2.14
CA GLN A 29 -9.57 5.03 -2.23
C GLN A 29 -10.13 5.84 -1.07
N GLU A 30 -10.10 7.15 -1.23
CA GLU A 30 -10.63 8.05 -0.15
C GLU A 30 -11.94 8.68 -0.58
N LYS A 31 -11.89 9.40 -1.68
CA LYS A 31 -13.13 10.06 -2.18
C LYS A 31 -13.86 9.16 -3.17
N ALA A 32 -15.12 8.92 -2.92
CA ALA A 32 -15.89 8.05 -3.83
C ALA A 32 -15.98 8.66 -5.22
ZN ZN B . -0.06 1.87 -3.18
N ASP A 1 10.75 -10.14 4.38
CA ASP A 1 10.55 -10.78 3.05
C ASP A 1 9.38 -10.13 2.34
N ARG A 2 9.15 -8.88 2.63
CA ARG A 2 8.03 -8.17 1.98
C ARG A 2 6.75 -9.02 1.98
N PRO A 3 6.24 -9.34 3.16
CA PRO A 3 5.03 -10.16 3.27
C PRO A 3 3.87 -9.51 2.50
N TYR A 4 4.08 -8.31 2.04
CA TYR A 4 3.06 -7.61 1.31
C TYR A 4 3.67 -6.91 0.12
N SER A 5 2.87 -6.17 -0.46
CA SER A 5 3.25 -5.36 -1.65
C SER A 5 2.00 -4.88 -2.36
N CYS A 6 1.55 -3.69 -2.03
CA CYS A 6 0.33 -3.17 -2.69
C CYS A 6 0.50 -3.18 -4.21
N ASP A 7 -0.59 -3.33 -4.91
CA ASP A 7 -0.52 -3.36 -6.41
C ASP A 7 -1.63 -2.51 -7.01
N HIS A 8 -1.73 -1.28 -6.57
CA HIS A 8 -2.78 -0.37 -7.10
C HIS A 8 -2.23 0.35 -8.37
N PRO A 9 -3.06 0.52 -9.42
CA PRO A 9 -2.60 1.19 -10.63
C PRO A 9 -1.92 2.54 -10.31
N GLY A 10 -0.69 2.65 -10.70
CA GLY A 10 0.05 3.93 -10.44
C GLY A 10 0.65 3.92 -9.03
N CYS A 11 1.18 2.78 -8.62
CA CYS A 11 1.79 2.68 -7.26
C CYS A 11 3.15 2.02 -7.31
N ASP A 12 3.90 2.21 -6.26
CA ASP A 12 5.24 1.61 -6.21
C ASP A 12 5.81 1.69 -4.79
N LYS A 13 4.92 1.81 -3.83
CA LYS A 13 5.38 1.90 -2.42
C LYS A 13 5.44 0.51 -1.77
N ALA A 14 6.54 -0.17 -1.96
CA ALA A 14 6.67 -1.52 -1.35
C ALA A 14 6.33 -1.48 0.11
N PHE A 15 6.18 -2.63 0.70
CA PHE A 15 5.83 -2.66 2.16
C PHE A 15 6.44 -3.85 2.86
N VAL A 16 6.78 -3.64 4.12
CA VAL A 16 7.39 -4.72 4.95
C VAL A 16 6.52 -4.98 6.17
N ARG A 17 5.88 -3.94 6.62
CA ARG A 17 5.00 -4.07 7.82
C ARG A 17 3.54 -4.33 7.38
N ASN A 18 2.59 -3.97 8.21
CA ASN A 18 1.15 -4.18 7.85
C ASN A 18 0.32 -2.93 8.10
N HIS A 19 0.72 -2.15 9.05
CA HIS A 19 -0.06 -0.92 9.34
C HIS A 19 0.12 0.09 8.22
N ASP A 20 1.35 0.43 7.92
CA ASP A 20 1.58 1.40 6.84
C ASP A 20 0.81 0.97 5.60
N LEU A 21 0.75 -0.33 5.41
CA LEU A 21 0.04 -0.90 4.23
C LEU A 21 -1.45 -0.62 4.37
N ILE A 22 -1.93 -0.66 5.59
CA ILE A 22 -3.37 -0.40 5.82
C ILE A 22 -3.66 1.08 5.63
N ARG A 23 -2.84 1.90 6.20
CA ARG A 23 -3.05 3.36 6.06
C ARG A 23 -2.61 3.83 4.68
N HIS A 24 -1.96 2.94 3.96
CA HIS A 24 -1.48 3.30 2.58
C HIS A 24 -2.52 2.91 1.55
N LYS A 25 -3.08 1.74 1.70
CA LYS A 25 -4.10 1.29 0.72
C LYS A 25 -5.30 2.22 0.70
N LYS A 26 -5.89 2.45 1.83
CA LYS A 26 -7.06 3.35 1.84
C LYS A 26 -6.67 4.73 1.32
N SER A 27 -5.40 4.91 1.06
CA SER A 27 -4.92 6.22 0.54
C SER A 27 -5.12 6.30 -0.98
N HIS A 28 -5.30 5.16 -1.60
CA HIS A 28 -5.50 5.15 -3.06
C HIS A 28 -6.91 5.66 -3.41
N GLN A 29 -7.46 6.46 -2.54
CA GLN A 29 -8.82 7.02 -2.78
C GLN A 29 -8.80 8.52 -2.54
N GLU A 30 -8.38 9.25 -3.54
CA GLU A 30 -8.31 10.74 -3.43
C GLU A 30 -7.86 11.19 -2.04
N LYS A 31 -8.16 12.40 -1.69
CA LYS A 31 -7.76 12.91 -0.35
C LYS A 31 -7.98 11.86 0.74
N ALA A 32 -7.23 11.96 1.79
CA ALA A 32 -7.38 10.98 2.90
C ALA A 32 -8.71 11.16 3.60
ZN ZN B . -0.31 1.37 -3.20
N ASP A 1 11.06 -10.97 0.62
CA ASP A 1 10.29 -10.97 1.89
C ASP A 1 9.48 -9.69 1.99
N ARG A 2 8.31 -9.70 1.38
CA ARG A 2 7.44 -8.49 1.43
C ARG A 2 5.96 -8.89 1.32
N PRO A 3 5.45 -9.59 2.34
CA PRO A 3 4.06 -10.02 2.33
C PRO A 3 3.11 -8.83 2.18
N TYR A 4 3.67 -7.64 2.18
CA TYR A 4 2.83 -6.41 2.05
C TYR A 4 3.31 -5.56 0.89
N SER A 5 2.90 -5.92 -0.28
CA SER A 5 3.30 -5.16 -1.50
C SER A 5 2.07 -4.74 -2.28
N CYS A 6 1.65 -3.52 -2.10
CA CYS A 6 0.44 -3.07 -2.83
C CYS A 6 0.62 -3.21 -4.33
N ASP A 7 -0.46 -3.15 -5.04
CA ASP A 7 -0.40 -3.27 -6.52
C ASP A 7 -1.55 -2.52 -7.16
N HIS A 8 -1.70 -1.27 -6.78
CA HIS A 8 -2.80 -0.45 -7.36
C HIS A 8 -2.27 0.35 -8.57
N PRO A 9 -3.03 0.41 -9.68
CA PRO A 9 -2.56 1.16 -10.87
C PRO A 9 -2.13 2.58 -10.48
N GLY A 10 -0.92 2.92 -10.87
CA GLY A 10 -0.40 4.28 -10.56
C GLY A 10 0.24 4.31 -9.17
N CYS A 11 0.89 3.23 -8.80
CA CYS A 11 1.56 3.19 -7.46
C CYS A 11 2.89 2.43 -7.53
N ASP A 12 3.82 2.80 -6.65
CA ASP A 12 5.15 2.12 -6.65
C ASP A 12 5.75 2.15 -5.24
N LYS A 13 5.11 1.47 -4.34
CA LYS A 13 5.58 1.41 -2.93
C LYS A 13 6.11 0.05 -2.55
N ALA A 14 6.32 -0.10 -1.30
CA ALA A 14 6.83 -1.38 -0.76
C ALA A 14 6.76 -1.36 0.76
N PHE A 15 6.57 -2.51 1.35
CA PHE A 15 6.49 -2.55 2.84
C PHE A 15 6.96 -3.89 3.39
N VAL A 16 6.71 -4.07 4.67
CA VAL A 16 7.10 -5.33 5.34
C VAL A 16 6.12 -5.63 6.46
N ARG A 17 5.67 -4.58 7.12
CA ARG A 17 4.70 -4.75 8.24
C ARG A 17 3.28 -4.79 7.70
N ASN A 18 2.31 -4.69 8.58
CA ASN A 18 0.88 -4.71 8.13
C ASN A 18 0.27 -3.32 8.13
N HIS A 19 0.12 -2.74 9.29
CA HIS A 19 -0.47 -1.37 9.38
C HIS A 19 -0.02 -0.47 8.22
N ASP A 20 1.22 -0.59 7.85
CA ASP A 20 1.70 0.26 6.73
C ASP A 20 0.78 0.12 5.52
N LEU A 21 0.46 -1.10 5.19
CA LEU A 21 -0.43 -1.34 4.02
C LEU A 21 -1.80 -0.70 4.29
N ILE A 22 -2.21 -0.69 5.52
CA ILE A 22 -3.53 -0.09 5.83
C ILE A 22 -3.44 1.43 5.72
N ARG A 23 -2.44 1.99 6.33
CA ARG A 23 -2.29 3.45 6.26
C ARG A 23 -1.89 3.88 4.85
N HIS A 24 -1.39 2.92 4.10
CA HIS A 24 -0.97 3.24 2.70
C HIS A 24 -2.14 3.08 1.72
N LYS A 25 -2.86 1.99 1.84
CA LYS A 25 -4.02 1.77 0.92
C LYS A 25 -4.99 2.97 0.98
N LYS A 26 -4.79 3.82 1.95
CA LYS A 26 -5.70 5.00 2.06
C LYS A 26 -5.85 5.69 0.71
N SER A 27 -4.74 5.91 0.06
CA SER A 27 -4.81 6.58 -1.26
C SER A 27 -5.83 5.88 -2.16
N HIS A 28 -5.77 4.57 -2.16
CA HIS A 28 -6.73 3.80 -3.00
C HIS A 28 -8.04 3.57 -2.25
N GLN A 29 -8.07 3.99 -1.02
CA GLN A 29 -9.30 3.83 -0.16
C GLN A 29 -9.50 2.36 0.20
N GLU A 30 -9.72 1.57 -0.81
CA GLU A 30 -9.94 0.10 -0.58
C GLU A 30 -10.66 -0.18 0.74
N LYS A 31 -11.97 -0.13 0.71
CA LYS A 31 -12.73 -0.38 1.95
C LYS A 31 -14.22 -0.54 1.66
N ALA A 32 -14.72 -1.73 1.82
CA ALA A 32 -16.16 -1.97 1.55
C ALA A 32 -17.02 -1.42 2.68
ZN ZN B . -0.51 1.68 -3.29
N ASP A 1 12.16 -9.13 2.96
CA ASP A 1 10.86 -9.70 2.55
C ASP A 1 9.84 -8.59 2.40
N ARG A 2 8.92 -8.77 1.47
CA ARG A 2 7.86 -7.73 1.24
C ARG A 2 6.49 -8.39 1.01
N PRO A 3 5.93 -8.97 2.07
CA PRO A 3 4.62 -9.62 1.97
C PRO A 3 3.51 -8.60 1.72
N TYR A 4 3.81 -7.34 1.95
CA TYR A 4 2.79 -6.27 1.72
C TYR A 4 3.14 -5.43 0.51
N SER A 5 2.99 -6.03 -0.64
CA SER A 5 3.30 -5.30 -1.91
C SER A 5 2.02 -4.81 -2.56
N CYS A 6 1.49 -3.73 -2.04
CA CYS A 6 0.24 -3.17 -2.61
C CYS A 6 0.33 -3.06 -4.13
N ASP A 7 -0.71 -3.53 -4.79
CA ASP A 7 -0.74 -3.48 -6.29
C ASP A 7 -1.85 -2.56 -6.76
N HIS A 8 -1.87 -1.37 -6.22
CA HIS A 8 -2.93 -0.40 -6.60
C HIS A 8 -2.59 0.21 -8.00
N PRO A 9 -3.62 0.53 -8.80
CA PRO A 9 -3.38 1.11 -10.12
C PRO A 9 -2.43 2.31 -10.05
N GLY A 10 -1.18 2.07 -10.38
CA GLY A 10 -0.17 3.18 -10.33
C GLY A 10 0.50 3.25 -8.96
N CYS A 11 1.20 2.19 -8.59
CA CYS A 11 1.89 2.16 -7.27
C CYS A 11 3.35 1.80 -7.42
N ASP A 12 4.12 2.07 -6.40
CA ASP A 12 5.55 1.74 -6.46
C ASP A 12 6.20 1.90 -5.09
N LYS A 13 5.39 1.82 -4.04
CA LYS A 13 5.94 1.96 -2.65
C LYS A 13 5.85 0.64 -1.89
N ALA A 14 6.80 -0.21 -2.13
CA ALA A 14 6.78 -1.52 -1.43
C ALA A 14 6.74 -1.30 0.06
N PHE A 15 6.39 -2.33 0.80
CA PHE A 15 6.32 -2.19 2.28
C PHE A 15 6.83 -3.46 2.98
N VAL A 16 6.70 -3.46 4.28
CA VAL A 16 7.15 -4.62 5.08
C VAL A 16 6.17 -4.87 6.23
N ARG A 17 5.62 -3.79 6.75
CA ARG A 17 4.65 -3.92 7.87
C ARG A 17 3.24 -4.09 7.33
N ASN A 18 2.31 -4.39 8.21
CA ASN A 18 0.90 -4.57 7.75
C ASN A 18 0.14 -3.25 7.79
N HIS A 19 0.00 -2.71 8.96
CA HIS A 19 -0.73 -1.42 9.09
C HIS A 19 -0.27 -0.43 8.01
N ASP A 20 1.02 -0.35 7.79
CA ASP A 20 1.53 0.59 6.76
C ASP A 20 0.77 0.40 5.45
N LEU A 21 0.57 -0.84 5.09
CA LEU A 21 -0.17 -1.13 3.84
C LEU A 21 -1.62 -0.67 3.97
N ILE A 22 -2.18 -0.87 5.13
CA ILE A 22 -3.58 -0.44 5.33
C ILE A 22 -3.68 1.08 5.27
N ARG A 23 -2.68 1.73 5.78
CA ARG A 23 -2.69 3.21 5.77
C ARG A 23 -2.24 3.73 4.42
N HIS A 24 -1.43 2.96 3.74
CA HIS A 24 -0.94 3.38 2.41
C HIS A 24 -1.97 3.10 1.34
N LYS A 25 -2.83 2.14 1.58
CA LYS A 25 -3.89 1.82 0.58
C LYS A 25 -5.23 2.34 1.07
N LYS A 26 -5.20 3.20 2.10
CA LYS A 26 -6.49 3.76 2.64
C LYS A 26 -7.36 4.16 1.47
N SER A 27 -6.67 4.42 0.45
CA SER A 27 -7.26 4.82 -0.83
C SER A 27 -6.11 5.45 -1.56
N HIS A 28 -4.98 4.82 -1.40
CA HIS A 28 -3.77 5.29 -2.03
C HIS A 28 -3.61 6.75 -1.67
N GLN A 29 -3.91 7.02 -0.41
CA GLN A 29 -3.80 8.39 0.13
C GLN A 29 -2.34 8.76 0.33
N GLU A 30 -1.59 8.74 -0.74
CA GLU A 30 -0.14 9.09 -0.66
C GLU A 30 0.12 10.22 0.34
N LYS A 31 -0.87 11.06 0.52
CA LYS A 31 -0.69 12.18 1.48
C LYS A 31 -0.83 11.68 2.92
N ALA A 32 -0.25 10.54 3.18
CA ALA A 32 -0.33 9.99 4.56
C ALA A 32 -1.77 9.97 5.05
ZN ZN B . 0.14 1.27 -3.32
N ASP A 1 11.28 -10.88 1.90
CA ASP A 1 11.96 -9.75 1.24
C ASP A 1 10.98 -8.59 1.05
N ARG A 2 10.77 -7.84 2.09
CA ARG A 2 9.83 -6.70 1.99
C ARG A 2 8.52 -7.10 1.31
N PRO A 3 7.71 -7.89 1.99
CA PRO A 3 6.46 -8.33 1.44
C PRO A 3 5.50 -7.12 1.28
N TYR A 4 4.25 -7.36 1.52
CA TYR A 4 3.21 -6.28 1.40
C TYR A 4 3.57 -5.28 0.31
N SER A 5 3.47 -5.73 -0.92
CA SER A 5 3.79 -4.84 -2.07
C SER A 5 2.53 -4.27 -2.68
N CYS A 6 2.09 -3.15 -2.18
CA CYS A 6 0.87 -2.56 -2.74
C CYS A 6 1.04 -2.29 -4.22
N ASP A 7 0.00 -2.53 -4.96
CA ASP A 7 0.05 -2.30 -6.43
C ASP A 7 -1.24 -1.64 -6.86
N HIS A 8 -1.64 -0.68 -6.08
CA HIS A 8 -2.89 0.05 -6.38
C HIS A 8 -2.84 0.61 -7.80
N PRO A 9 -3.99 0.98 -8.35
CA PRO A 9 -4.05 1.54 -9.70
C PRO A 9 -3.02 2.69 -9.88
N GLY A 10 -1.77 2.32 -10.10
CA GLY A 10 -0.70 3.36 -10.29
C GLY A 10 0.22 3.49 -9.05
N CYS A 11 0.98 2.47 -8.75
CA CYS A 11 1.88 2.54 -7.56
C CYS A 11 2.89 1.39 -7.55
N ASP A 12 3.92 1.57 -6.76
CA ASP A 12 4.97 0.52 -6.67
C ASP A 12 5.74 0.65 -5.36
N LYS A 13 5.01 0.75 -4.27
CA LYS A 13 5.67 0.89 -2.93
C LYS A 13 5.71 -0.45 -2.17
N ALA A 14 6.84 -0.75 -1.58
CA ALA A 14 6.99 -2.04 -0.82
C ALA A 14 6.88 -1.78 0.67
N PHE A 15 6.54 -2.82 1.43
CA PHE A 15 6.42 -2.62 2.92
C PHE A 15 6.96 -3.83 3.68
N VAL A 16 7.29 -3.60 4.94
CA VAL A 16 7.84 -4.71 5.80
C VAL A 16 6.88 -5.03 6.95
N ARG A 17 5.88 -4.21 7.12
CA ARG A 17 4.90 -4.46 8.23
C ARG A 17 3.47 -4.26 7.77
N ASN A 18 2.58 -5.09 8.27
CA ASN A 18 1.18 -4.92 7.84
C ASN A 18 0.73 -3.55 8.29
N HIS A 19 -0.56 -3.33 8.40
CA HIS A 19 -1.05 -1.99 8.84
C HIS A 19 -0.57 -0.90 7.85
N ASP A 20 0.72 -0.62 7.86
CA ASP A 20 1.24 0.42 6.93
C ASP A 20 0.61 0.29 5.56
N LEU A 21 0.44 -0.94 5.12
CA LEU A 21 -0.19 -1.18 3.80
C LEU A 21 -1.65 -0.75 3.85
N ILE A 22 -2.26 -0.98 4.98
CA ILE A 22 -3.68 -0.61 5.11
C ILE A 22 -3.84 0.91 5.05
N ARG A 23 -3.01 1.60 5.78
CA ARG A 23 -3.09 3.08 5.75
C ARG A 23 -2.56 3.61 4.43
N HIS A 24 -1.52 2.98 3.96
CA HIS A 24 -0.92 3.41 2.68
C HIS A 24 -1.91 3.15 1.52
N LYS A 25 -2.81 2.22 1.75
CA LYS A 25 -3.84 1.87 0.69
C LYS A 25 -5.16 2.59 0.95
N LYS A 26 -5.14 3.57 1.81
CA LYS A 26 -6.40 4.31 2.10
C LYS A 26 -6.69 5.36 1.04
N SER A 27 -5.84 6.35 0.97
CA SER A 27 -6.05 7.44 -0.04
C SER A 27 -5.86 6.93 -1.47
N HIS A 28 -5.53 5.68 -1.60
CA HIS A 28 -5.34 5.13 -2.97
C HIS A 28 -6.67 5.06 -3.72
N GLN A 29 -7.73 5.52 -3.10
CA GLN A 29 -9.07 5.48 -3.76
C GLN A 29 -9.55 6.87 -4.22
N GLU A 30 -10.09 7.63 -3.31
CA GLU A 30 -10.57 8.99 -3.70
C GLU A 30 -9.40 9.93 -3.97
N LYS A 31 -9.24 10.93 -3.14
CA LYS A 31 -8.13 11.92 -3.33
C LYS A 31 -7.32 12.07 -2.04
N ALA A 32 -6.21 12.75 -2.14
CA ALA A 32 -5.37 12.96 -0.94
C ALA A 32 -6.13 13.70 0.14
ZN ZN B . 0.42 1.91 -3.04
N ASP A 1 9.63 -11.84 1.76
CA ASP A 1 10.22 -10.56 1.28
C ASP A 1 9.12 -9.56 0.99
N ARG A 2 9.08 -8.52 1.78
CA ARG A 2 8.03 -7.49 1.56
C ARG A 2 6.66 -8.13 1.29
N PRO A 3 6.11 -8.80 2.30
CA PRO A 3 4.80 -9.45 2.16
C PRO A 3 3.67 -8.42 1.99
N TYR A 4 3.94 -7.18 2.35
CA TYR A 4 2.90 -6.12 2.23
C TYR A 4 3.10 -5.31 0.97
N SER A 5 2.90 -5.94 -0.15
CA SER A 5 3.08 -5.25 -1.46
C SER A 5 1.73 -5.05 -2.16
N CYS A 6 1.34 -3.82 -2.30
CA CYS A 6 0.04 -3.52 -2.96
C CYS A 6 0.15 -3.73 -4.46
N ASP A 7 -0.93 -3.47 -5.14
CA ASP A 7 -0.97 -3.63 -6.62
C ASP A 7 -1.90 -2.59 -7.25
N HIS A 8 -1.73 -1.32 -6.89
CA HIS A 8 -2.61 -0.26 -7.47
C HIS A 8 -1.87 0.45 -8.65
N PRO A 9 -2.56 0.75 -9.76
CA PRO A 9 -1.92 1.41 -10.90
C PRO A 9 -1.33 2.79 -10.52
N GLY A 10 -0.16 3.07 -11.04
CA GLY A 10 0.49 4.37 -10.74
C GLY A 10 0.89 4.50 -9.26
N CYS A 11 1.25 3.38 -8.65
CA CYS A 11 1.65 3.42 -7.20
C CYS A 11 3.09 2.94 -7.01
N ASP A 12 3.56 3.04 -5.77
CA ASP A 12 4.98 2.58 -5.46
C ASP A 12 5.05 1.32 -4.61
N LYS A 13 4.04 1.07 -3.85
CA LYS A 13 4.04 -0.15 -2.99
C LYS A 13 5.38 -0.44 -2.36
N ALA A 14 5.47 -1.63 -1.84
CA ALA A 14 6.71 -2.11 -1.16
C ALA A 14 6.69 -1.76 0.31
N PHE A 15 6.31 -2.71 1.13
CA PHE A 15 6.26 -2.45 2.60
C PHE A 15 6.60 -3.69 3.41
N VAL A 16 7.21 -3.48 4.54
CA VAL A 16 7.60 -4.64 5.41
C VAL A 16 6.61 -4.77 6.56
N ARG A 17 6.19 -3.64 7.07
CA ARG A 17 5.22 -3.65 8.21
C ARG A 17 3.81 -3.90 7.68
N ASN A 18 2.88 -4.09 8.59
CA ASN A 18 1.48 -4.34 8.17
C ASN A 18 0.69 -3.04 8.10
N HIS A 19 0.72 -2.29 9.17
CA HIS A 19 -0.01 -1.00 9.18
C HIS A 19 0.26 -0.22 7.91
N ASP A 20 1.42 -0.43 7.34
CA ASP A 20 1.75 0.30 6.10
C ASP A 20 0.67 0.02 5.06
N LEU A 21 0.51 -1.24 4.74
CA LEU A 21 -0.52 -1.63 3.74
C LEU A 21 -1.85 -0.96 4.08
N ILE A 22 -2.12 -0.86 5.36
CA ILE A 22 -3.40 -0.23 5.76
C ILE A 22 -3.37 1.26 5.49
N ARG A 23 -2.40 1.93 6.04
CA ARG A 23 -2.30 3.38 5.82
C ARG A 23 -1.88 3.67 4.39
N HIS A 24 -1.50 2.63 3.67
CA HIS A 24 -1.07 2.82 2.27
C HIS A 24 -2.25 2.64 1.30
N LYS A 25 -3.06 1.62 1.53
CA LYS A 25 -4.21 1.40 0.62
C LYS A 25 -5.33 2.41 0.89
N LYS A 26 -5.62 2.63 2.15
CA LYS A 26 -6.69 3.60 2.49
C LYS A 26 -6.53 4.90 1.69
N SER A 27 -5.37 5.07 1.10
CA SER A 27 -5.13 6.31 0.30
C SER A 27 -5.68 6.16 -1.12
N HIS A 28 -5.60 4.96 -1.64
CA HIS A 28 -6.11 4.74 -3.02
C HIS A 28 -7.58 5.12 -3.11
N GLN A 29 -8.16 5.46 -1.98
CA GLN A 29 -9.61 5.84 -1.97
C GLN A 29 -9.75 7.37 -1.95
N GLU A 30 -8.73 8.04 -2.43
CA GLU A 30 -8.77 9.52 -2.45
C GLU A 30 -9.88 10.02 -3.38
N LYS A 31 -10.97 10.45 -2.79
CA LYS A 31 -12.08 10.95 -3.62
C LYS A 31 -13.15 11.61 -2.74
N ALA A 32 -14.38 11.55 -3.18
CA ALA A 32 -15.46 12.18 -2.39
C ALA A 32 -16.83 11.79 -2.94
ZN ZN B . -0.70 1.17 -3.59
N ASP A 1 13.27 -7.37 1.47
CA ASP A 1 12.56 -7.62 2.75
C ASP A 1 11.31 -6.74 2.81
N ARG A 2 10.54 -6.76 1.75
CA ARG A 2 9.30 -5.93 1.73
C ARG A 2 8.24 -6.57 0.82
N PRO A 3 7.68 -7.68 1.27
CA PRO A 3 6.65 -8.39 0.50
C PRO A 3 5.35 -7.58 0.41
N TYR A 4 5.21 -6.59 1.25
CA TYR A 4 3.97 -5.77 1.23
C TYR A 4 4.03 -4.73 0.14
N SER A 5 4.06 -5.20 -1.07
CA SER A 5 4.11 -4.27 -2.23
C SER A 5 2.69 -3.94 -2.69
N CYS A 6 2.15 -2.87 -2.19
CA CYS A 6 0.76 -2.49 -2.59
C CYS A 6 0.53 -2.67 -4.08
N ASP A 7 -0.72 -2.78 -4.46
CA ASP A 7 -1.07 -2.97 -5.90
C ASP A 7 -2.08 -1.91 -6.34
N HIS A 8 -1.89 -0.71 -5.87
CA HIS A 8 -2.82 0.37 -6.26
C HIS A 8 -2.66 0.65 -7.77
N PRO A 9 -3.76 0.91 -8.50
CA PRO A 9 -3.66 1.18 -9.93
C PRO A 9 -2.49 2.12 -10.24
N GLY A 10 -1.36 1.54 -10.55
CA GLY A 10 -0.16 2.36 -10.87
C GLY A 10 0.65 2.64 -9.61
N CYS A 11 1.27 1.60 -9.08
CA CYS A 11 2.07 1.80 -7.84
C CYS A 11 3.02 0.64 -7.59
N ASP A 12 3.92 0.87 -6.68
CA ASP A 12 4.91 -0.17 -6.34
C ASP A 12 5.56 0.16 -5.00
N LYS A 13 4.86 0.94 -4.22
CA LYS A 13 5.38 1.33 -2.90
C LYS A 13 5.66 0.10 -2.03
N ALA A 14 6.90 -0.07 -1.66
CA ALA A 14 7.26 -1.23 -0.82
C ALA A 14 6.98 -0.93 0.66
N PHE A 15 6.89 -1.98 1.44
CA PHE A 15 6.61 -1.78 2.90
C PHE A 15 7.18 -2.95 3.71
N VAL A 16 6.80 -3.00 4.98
CA VAL A 16 7.30 -4.11 5.87
C VAL A 16 6.18 -4.70 6.72
N ARG A 17 5.05 -4.02 6.77
CA ARG A 17 3.92 -4.54 7.60
C ARG A 17 2.58 -4.26 6.90
N ASN A 18 1.63 -5.13 7.15
CA ASN A 18 0.30 -4.94 6.51
C ASN A 18 -0.28 -3.59 6.89
N HIS A 19 -0.17 -3.26 8.14
CA HIS A 19 -0.72 -1.95 8.61
C HIS A 19 -0.28 -0.82 7.65
N ASP A 20 1.01 -0.63 7.52
CA ASP A 20 1.48 0.45 6.61
C ASP A 20 0.74 0.36 5.28
N LEU A 21 0.52 -0.84 4.85
CA LEU A 21 -0.19 -1.06 3.57
C LEU A 21 -1.65 -0.66 3.72
N ILE A 22 -2.21 -0.95 4.86
CA ILE A 22 -3.62 -0.59 5.09
C ILE A 22 -3.73 0.92 5.26
N ARG A 23 -2.65 1.52 5.69
CA ARG A 23 -2.65 2.98 5.88
C ARG A 23 -2.20 3.67 4.59
N HIS A 24 -1.45 2.95 3.80
CA HIS A 24 -0.96 3.53 2.50
C HIS A 24 -1.99 3.30 1.42
N LYS A 25 -2.83 2.32 1.61
CA LYS A 25 -3.88 2.04 0.59
C LYS A 25 -5.24 2.47 1.13
N LYS A 26 -5.23 3.21 2.25
CA LYS A 26 -6.53 3.68 2.83
C LYS A 26 -7.41 4.19 1.72
N SER A 27 -6.73 4.56 0.72
CA SER A 27 -7.32 5.10 -0.50
C SER A 27 -6.20 5.85 -1.14
N HIS A 28 -5.05 5.21 -1.07
CA HIS A 28 -3.85 5.79 -1.62
C HIS A 28 -3.68 7.18 -1.06
N GLN A 29 -3.97 7.28 0.23
CA GLN A 29 -3.86 8.57 0.93
C GLN A 29 -2.42 8.85 1.35
N GLU A 30 -1.49 8.38 0.56
CA GLU A 30 -0.05 8.62 0.91
C GLU A 30 0.18 10.08 1.27
N LYS A 31 -0.04 10.95 0.33
CA LYS A 31 0.17 12.39 0.61
C LYS A 31 -0.97 12.95 1.45
N ALA A 32 -0.66 13.88 2.31
CA ALA A 32 -1.71 14.47 3.17
C ALA A 32 -2.57 15.44 2.37
ZN ZN B . 0.20 2.03 -3.42
N ASP A 1 11.81 -10.14 3.39
CA ASP A 1 10.68 -10.41 2.46
C ASP A 1 9.84 -9.16 2.29
N ARG A 2 8.80 -9.27 1.50
CA ARG A 2 7.91 -8.09 1.26
C ARG A 2 6.48 -8.54 0.93
N PRO A 3 5.79 -9.11 1.91
CA PRO A 3 4.42 -9.58 1.71
C PRO A 3 3.41 -8.41 1.63
N TYR A 4 3.78 -7.27 2.18
CA TYR A 4 2.84 -6.10 2.13
C TYR A 4 3.13 -5.19 0.95
N SER A 5 2.90 -5.72 -0.21
CA SER A 5 3.14 -4.94 -1.47
C SER A 5 1.80 -4.68 -2.16
N CYS A 6 1.38 -3.44 -2.17
CA CYS A 6 0.07 -3.13 -2.85
C CYS A 6 0.24 -2.83 -4.34
N ASP A 7 -0.31 -3.67 -5.16
CA ASP A 7 -0.19 -3.48 -6.64
C ASP A 7 -1.37 -2.69 -7.21
N HIS A 8 -1.55 -1.48 -6.73
CA HIS A 8 -2.68 -0.65 -7.25
C HIS A 8 -2.20 0.18 -8.47
N PRO A 9 -3.03 0.32 -9.52
CA PRO A 9 -2.61 1.09 -10.69
C PRO A 9 -1.97 2.42 -10.30
N GLY A 10 -0.75 2.63 -10.74
CA GLY A 10 -0.05 3.89 -10.39
C GLY A 10 0.36 3.87 -8.93
N CYS A 11 1.11 2.86 -8.55
CA CYS A 11 1.56 2.75 -7.13
C CYS A 11 3.02 2.26 -7.04
N ASP A 12 3.85 2.99 -6.30
CA ASP A 12 5.30 2.58 -6.15
C ASP A 12 5.59 2.08 -4.73
N LYS A 13 4.57 1.62 -4.09
CA LYS A 13 4.70 1.10 -2.70
C LYS A 13 5.84 0.13 -2.50
N ALA A 14 5.76 -0.51 -1.37
CA ALA A 14 6.76 -1.53 -0.93
C ALA A 14 6.85 -1.49 0.59
N PHE A 15 6.42 -2.55 1.23
CA PHE A 15 6.47 -2.58 2.73
C PHE A 15 6.86 -3.93 3.29
N VAL A 16 7.03 -3.94 4.59
CA VAL A 16 7.40 -5.18 5.32
C VAL A 16 6.39 -5.39 6.44
N ARG A 17 5.93 -4.30 6.99
CA ARG A 17 4.94 -4.38 8.11
C ARG A 17 3.52 -4.42 7.54
N ASN A 18 2.55 -4.64 8.39
CA ASN A 18 1.13 -4.70 7.91
C ASN A 18 0.47 -3.32 7.95
N HIS A 19 0.50 -2.69 9.09
CA HIS A 19 -0.13 -1.36 9.20
C HIS A 19 0.18 -0.48 7.99
N ASP A 20 1.36 -0.62 7.46
CA ASP A 20 1.71 0.20 6.28
C ASP A 20 0.66 0.00 5.19
N LEU A 21 0.47 -1.23 4.78
CA LEU A 21 -0.53 -1.51 3.72
C LEU A 21 -1.87 -0.85 4.09
N ILE A 22 -2.16 -0.80 5.37
CA ILE A 22 -3.43 -0.19 5.78
C ILE A 22 -3.39 1.31 5.58
N ARG A 23 -2.42 1.94 6.17
CA ARG A 23 -2.30 3.41 6.02
C ARG A 23 -1.92 3.77 4.59
N HIS A 24 -1.49 2.78 3.84
CA HIS A 24 -1.11 3.05 2.42
C HIS A 24 -2.31 2.86 1.48
N LYS A 25 -3.05 1.80 1.69
CA LYS A 25 -4.24 1.54 0.82
C LYS A 25 -5.26 2.67 0.96
N LYS A 26 -5.26 3.32 2.08
CA LYS A 26 -6.23 4.42 2.30
C LYS A 26 -6.10 5.49 1.22
N SER A 27 -4.95 5.55 0.60
CA SER A 27 -4.75 6.58 -0.46
C SER A 27 -5.40 6.15 -1.78
N HIS A 28 -5.83 4.92 -1.84
CA HIS A 28 -6.48 4.43 -3.10
C HIS A 28 -7.99 4.52 -3.01
N GLN A 29 -8.52 4.37 -1.81
CA GLN A 29 -10.02 4.44 -1.60
C GLN A 29 -10.77 3.96 -2.84
N GLU A 30 -10.58 2.70 -3.16
CA GLU A 30 -11.28 2.14 -4.35
C GLU A 30 -12.76 1.92 -4.07
N LYS A 31 -13.33 2.80 -3.29
CA LYS A 31 -14.77 2.66 -2.98
C LYS A 31 -15.09 1.25 -2.47
N ALA A 32 -14.62 0.93 -1.29
CA ALA A 32 -14.88 -0.41 -0.75
C ALA A 32 -14.50 -1.49 -1.75
ZN ZN B . -0.94 1.07 -3.41
N ASP A 1 11.24 -9.58 2.61
CA ASP A 1 11.30 -9.02 1.24
C ASP A 1 10.12 -8.08 0.99
N ARG A 2 9.69 -7.43 2.03
CA ARG A 2 8.54 -6.49 1.88
C ARG A 2 7.42 -7.12 1.03
N PRO A 3 6.82 -8.20 1.54
CA PRO A 3 5.74 -8.86 0.82
C PRO A 3 4.51 -7.97 0.69
N TYR A 4 4.48 -6.91 1.46
CA TYR A 4 3.31 -5.99 1.39
C TYR A 4 3.44 -5.03 0.24
N SER A 5 3.44 -5.58 -0.93
CA SER A 5 3.56 -4.73 -2.16
C SER A 5 2.17 -4.41 -2.69
N CYS A 6 1.66 -3.29 -2.29
CA CYS A 6 0.30 -2.89 -2.77
C CYS A 6 0.27 -2.77 -4.29
N ASP A 7 -0.62 -3.51 -4.90
CA ASP A 7 -0.74 -3.46 -6.39
C ASP A 7 -1.86 -2.51 -6.80
N HIS A 8 -1.82 -1.31 -6.28
CA HIS A 8 -2.86 -0.33 -6.63
C HIS A 8 -2.58 0.25 -8.04
N PRO A 9 -3.64 0.51 -8.84
CA PRO A 9 -3.43 1.05 -10.18
C PRO A 9 -2.39 2.16 -10.19
N GLY A 10 -1.19 1.81 -10.58
CA GLY A 10 -0.10 2.83 -10.62
C GLY A 10 0.55 2.97 -9.25
N CYS A 11 1.33 1.98 -8.86
CA CYS A 11 2.00 2.06 -7.53
C CYS A 11 3.34 1.36 -7.55
N ASP A 12 4.15 1.69 -6.58
CA ASP A 12 5.50 1.08 -6.48
C ASP A 12 6.07 1.27 -5.08
N LYS A 13 5.18 1.48 -4.13
CA LYS A 13 5.62 1.69 -2.72
C LYS A 13 5.64 0.35 -1.96
N ALA A 14 6.81 -0.16 -1.71
CA ALA A 14 6.92 -1.44 -0.96
C ALA A 14 6.68 -1.21 0.52
N PHE A 15 6.48 -2.28 1.24
CA PHE A 15 6.24 -2.14 2.71
C PHE A 15 6.67 -3.39 3.47
N VAL A 16 7.07 -3.19 4.70
CA VAL A 16 7.51 -4.34 5.56
C VAL A 16 6.38 -4.77 6.49
N ARG A 17 5.78 -3.80 7.14
CA ARG A 17 4.67 -4.13 8.08
C ARG A 17 3.35 -4.22 7.34
N ASN A 18 2.32 -4.66 8.04
CA ASN A 18 0.98 -4.77 7.40
C ASN A 18 0.22 -3.47 7.50
N HIS A 19 0.09 -2.95 8.70
CA HIS A 19 -0.65 -1.68 8.87
C HIS A 19 -0.25 -0.65 7.82
N ASP A 20 1.03 -0.51 7.61
CA ASP A 20 1.50 0.47 6.59
C ASP A 20 0.70 0.31 5.31
N LEU A 21 0.53 -0.90 4.89
CA LEU A 21 -0.23 -1.17 3.64
C LEU A 21 -1.69 -0.73 3.83
N ILE A 22 -2.20 -0.91 5.02
CA ILE A 22 -3.60 -0.51 5.28
C ILE A 22 -3.71 1.00 5.28
N ARG A 23 -2.71 1.65 5.80
CA ARG A 23 -2.73 3.13 5.86
C ARG A 23 -2.30 3.70 4.51
N HIS A 24 -1.53 2.93 3.79
CA HIS A 24 -1.05 3.41 2.46
C HIS A 24 -2.12 3.19 1.41
N LYS A 25 -2.98 2.22 1.63
CA LYS A 25 -4.06 1.94 0.64
C LYS A 25 -5.37 2.56 1.14
N LYS A 26 -5.31 3.31 2.24
CA LYS A 26 -6.56 3.96 2.78
C LYS A 26 -7.41 4.46 1.63
N SER A 27 -6.76 5.13 0.80
CA SER A 27 -7.35 5.73 -0.40
C SER A 27 -6.18 6.03 -1.25
N HIS A 28 -5.24 5.13 -1.09
CA HIS A 28 -4.00 5.21 -1.79
C HIS A 28 -3.33 6.49 -1.37
N GLN A 29 -3.21 6.58 -0.06
CA GLN A 29 -2.58 7.74 0.59
C GLN A 29 -1.10 7.83 0.23
N GLU A 30 -0.86 8.07 -1.02
CA GLU A 30 0.54 8.18 -1.51
C GLU A 30 1.26 9.35 -0.82
N LYS A 31 2.56 9.33 -0.88
CA LYS A 31 3.33 10.43 -0.24
C LYS A 31 2.93 11.78 -0.81
N ALA A 32 3.62 12.81 -0.39
CA ALA A 32 3.30 14.16 -0.89
C ALA A 32 1.81 14.47 -0.73
ZN ZN B . -0.05 1.51 -3.42
N ASP A 1 10.44 -11.34 2.48
CA ASP A 1 11.35 -10.20 2.24
C ASP A 1 10.54 -8.94 1.92
N ARG A 2 9.97 -8.36 2.95
CA ARG A 2 9.17 -7.13 2.73
C ARG A 2 8.20 -7.30 1.54
N PRO A 3 7.20 -8.16 1.71
CA PRO A 3 6.23 -8.40 0.64
C PRO A 3 5.29 -7.20 0.44
N TYR A 4 4.30 -7.11 1.33
CA TYR A 4 3.29 -5.98 1.29
C TYR A 4 3.51 -5.01 0.14
N SER A 5 3.31 -5.51 -1.04
CA SER A 5 3.51 -4.66 -2.26
C SER A 5 2.16 -4.22 -2.81
N CYS A 6 1.62 -3.16 -2.25
CA CYS A 6 0.31 -2.67 -2.72
C CYS A 6 0.28 -2.59 -4.24
N ASP A 7 -0.76 -3.13 -4.83
CA ASP A 7 -0.88 -3.11 -6.32
C ASP A 7 -1.92 -2.07 -6.76
N HIS A 8 -1.81 -0.89 -6.22
CA HIS A 8 -2.76 0.17 -6.60
C HIS A 8 -2.46 0.65 -8.04
N PRO A 9 -3.49 0.95 -8.84
CA PRO A 9 -3.25 1.40 -10.21
C PRO A 9 -2.13 2.43 -10.27
N GLY A 10 -0.96 1.98 -10.65
CA GLY A 10 0.20 2.92 -10.74
C GLY A 10 0.88 3.06 -9.37
N CYS A 11 1.50 2.00 -8.92
CA CYS A 11 2.18 2.06 -7.59
C CYS A 11 3.32 1.06 -7.50
N ASP A 12 4.12 1.25 -6.50
CA ASP A 12 5.27 0.34 -6.29
C ASP A 12 5.90 0.61 -4.93
N LYS A 13 5.10 1.13 -4.03
CA LYS A 13 5.61 1.44 -2.67
C LYS A 13 5.66 0.18 -1.80
N ALA A 14 6.75 -0.53 -1.87
CA ALA A 14 6.87 -1.76 -1.06
C ALA A 14 6.72 -1.44 0.42
N PHE A 15 6.47 -2.45 1.20
CA PHE A 15 6.29 -2.23 2.67
C PHE A 15 6.73 -3.47 3.45
N VAL A 16 6.98 -3.26 4.73
CA VAL A 16 7.41 -4.40 5.61
C VAL A 16 6.28 -4.74 6.57
N ARG A 17 5.76 -3.74 7.20
CA ARG A 17 4.65 -3.96 8.17
C ARG A 17 3.31 -3.94 7.44
N ASN A 18 2.36 -4.68 7.93
CA ASN A 18 1.04 -4.72 7.28
C ASN A 18 0.32 -3.38 7.40
N HIS A 19 0.15 -2.93 8.62
CA HIS A 19 -0.54 -1.62 8.85
C HIS A 19 -0.13 -0.58 7.82
N ASP A 20 1.15 -0.44 7.59
CA ASP A 20 1.60 0.55 6.58
C ASP A 20 0.77 0.42 5.31
N LEU A 21 0.53 -0.80 4.95
CA LEU A 21 -0.26 -1.08 3.72
C LEU A 21 -1.70 -0.60 3.91
N ILE A 22 -2.19 -0.66 5.12
CA ILE A 22 -3.59 -0.20 5.36
C ILE A 22 -3.63 1.32 5.31
N ARG A 23 -2.67 1.94 5.92
CA ARG A 23 -2.65 3.42 5.91
C ARG A 23 -2.24 3.92 4.54
N HIS A 24 -1.45 3.13 3.86
CA HIS A 24 -1.00 3.53 2.50
C HIS A 24 -2.09 3.27 1.49
N LYS A 25 -2.72 2.14 1.60
CA LYS A 25 -3.80 1.81 0.65
C LYS A 25 -5.12 2.21 1.28
N LYS A 26 -5.07 3.18 2.21
CA LYS A 26 -6.34 3.63 2.87
C LYS A 26 -7.35 3.86 1.79
N SER A 27 -6.78 4.04 0.66
CA SER A 27 -7.51 4.28 -0.59
C SER A 27 -6.61 5.14 -1.39
N HIS A 28 -5.31 4.87 -1.28
CA HIS A 28 -4.33 5.65 -2.01
C HIS A 28 -4.70 7.11 -1.78
N GLN A 29 -5.28 7.30 -0.60
CA GLN A 29 -5.73 8.63 -0.15
C GLN A 29 -4.79 9.73 -0.62
N GLU A 30 -3.88 10.10 0.22
CA GLU A 30 -2.93 11.19 -0.16
C GLU A 30 -1.68 11.14 0.72
N LYS A 31 -0.64 11.79 0.26
CA LYS A 31 0.62 11.81 1.05
C LYS A 31 1.41 13.08 0.76
N ALA A 32 1.47 13.96 1.72
CA ALA A 32 2.22 15.23 1.51
C ALA A 32 2.49 15.92 2.84
ZN ZN B . 0.01 1.82 -3.33
N ASP A 1 13.09 -9.97 3.06
CA ASP A 1 12.29 -9.59 4.26
C ASP A 1 11.55 -8.27 4.01
N ARG A 2 10.68 -8.28 3.04
CA ARG A 2 9.91 -7.05 2.72
C ARG A 2 8.77 -7.35 1.72
N PRO A 3 7.76 -8.09 2.18
CA PRO A 3 6.61 -8.46 1.33
C PRO A 3 5.55 -7.32 1.19
N TYR A 4 4.53 -7.34 2.06
CA TYR A 4 3.42 -6.30 2.03
C TYR A 4 3.54 -5.32 0.88
N SER A 5 3.22 -5.83 -0.29
CA SER A 5 3.29 -4.99 -1.53
C SER A 5 1.92 -4.93 -2.22
N CYS A 6 1.33 -3.76 -2.20
CA CYS A 6 -0.01 -3.62 -2.85
C CYS A 6 0.12 -3.73 -4.36
N ASP A 7 -1.02 -3.75 -5.02
CA ASP A 7 -1.02 -3.87 -6.52
C ASP A 7 -2.06 -2.95 -7.17
N HIS A 8 -1.94 -1.65 -6.95
CA HIS A 8 -2.92 -0.69 -7.54
C HIS A 8 -2.23 0.13 -8.68
N PRO A 9 -2.91 0.38 -9.80
CA PRO A 9 -2.32 1.15 -10.91
C PRO A 9 -1.72 2.48 -10.42
N GLY A 10 -0.59 2.85 -11.00
CA GLY A 10 0.07 4.13 -10.61
C GLY A 10 0.33 4.17 -9.11
N CYS A 11 0.89 3.09 -8.59
CA CYS A 11 1.19 3.03 -7.12
C CYS A 11 2.69 2.98 -6.84
N ASP A 12 3.04 3.21 -5.58
CA ASP A 12 4.50 3.20 -5.18
C ASP A 12 4.70 2.40 -3.87
N LYS A 13 3.85 1.44 -3.67
CA LYS A 13 3.94 0.59 -2.44
C LYS A 13 5.30 -0.06 -2.22
N ALA A 14 5.26 -1.01 -1.31
CA ALA A 14 6.48 -1.84 -0.89
C ALA A 14 6.65 -1.67 0.60
N PHE A 15 6.39 -2.72 1.37
CA PHE A 15 6.54 -2.58 2.85
C PHE A 15 7.05 -3.83 3.53
N VAL A 16 7.19 -3.70 4.85
CA VAL A 16 7.68 -4.85 5.68
C VAL A 16 6.63 -5.23 6.72
N ARG A 17 6.06 -4.23 7.38
CA ARG A 17 5.02 -4.51 8.41
C ARG A 17 3.64 -4.64 7.77
N ASN A 18 2.60 -4.51 8.56
CA ASN A 18 1.19 -4.62 8.00
C ASN A 18 0.51 -3.27 7.90
N HIS A 19 0.30 -2.64 9.03
CA HIS A 19 -0.37 -1.31 9.03
C HIS A 19 0.04 -0.46 7.84
N ASP A 20 1.27 -0.60 7.42
CA ASP A 20 1.72 0.19 6.25
C ASP A 20 0.75 0.00 5.10
N LEU A 21 0.44 -1.24 4.82
CA LEU A 21 -0.51 -1.54 3.72
C LEU A 21 -1.80 -0.78 3.96
N ILE A 22 -2.21 -0.69 5.19
CA ILE A 22 -3.47 0.03 5.49
C ILE A 22 -3.28 1.52 5.23
N ARG A 23 -2.30 2.08 5.87
CA ARG A 23 -2.04 3.52 5.68
C ARG A 23 -1.65 3.80 4.24
N HIS A 24 -1.28 2.76 3.53
CA HIS A 24 -0.89 2.93 2.11
C HIS A 24 -2.12 2.76 1.18
N LYS A 25 -2.93 1.78 1.47
CA LYS A 25 -4.14 1.55 0.64
C LYS A 25 -5.17 2.67 0.82
N LYS A 26 -5.22 3.20 2.02
CA LYS A 26 -6.18 4.29 2.30
C LYS A 26 -5.96 5.48 1.36
N SER A 27 -4.86 5.45 0.65
CA SER A 27 -4.56 6.57 -0.29
C SER A 27 -5.17 6.31 -1.67
N HIS A 28 -5.45 5.05 -1.94
CA HIS A 28 -6.05 4.71 -3.26
C HIS A 28 -7.54 5.02 -3.29
N GLN A 29 -7.98 5.81 -2.35
CA GLN A 29 -9.42 6.17 -2.29
C GLN A 29 -9.74 7.28 -3.28
N GLU A 30 -9.23 7.16 -4.48
CA GLU A 30 -9.48 8.20 -5.50
C GLU A 30 -10.97 8.58 -5.56
N LYS A 31 -11.80 7.60 -5.76
CA LYS A 31 -13.26 7.88 -5.84
C LYS A 31 -13.76 8.50 -4.54
N ALA A 32 -14.76 9.34 -4.66
CA ALA A 32 -15.32 10.00 -3.44
C ALA A 32 -16.66 10.63 -3.74
ZN ZN B . -0.86 0.78 -3.65
N ASP A 1 11.83 -10.06 5.84
CA ASP A 1 12.04 -9.21 4.64
C ASP A 1 11.04 -8.07 4.65
N ARG A 2 10.82 -7.48 3.49
CA ARG A 2 9.86 -6.34 3.41
C ARG A 2 9.06 -6.40 2.10
N PRO A 3 8.15 -7.37 2.00
CA PRO A 3 7.34 -7.55 0.80
C PRO A 3 6.20 -6.50 0.73
N TYR A 4 5.03 -6.84 1.26
CA TYR A 4 3.84 -5.91 1.24
C TYR A 4 3.93 -4.88 0.14
N SER A 5 3.78 -5.33 -1.08
CA SER A 5 3.85 -4.39 -2.25
C SER A 5 2.45 -4.10 -2.76
N CYS A 6 1.85 -3.09 -2.20
CA CYS A 6 0.49 -2.71 -2.65
C CYS A 6 0.41 -2.57 -4.16
N ASP A 7 -0.37 -3.42 -4.78
CA ASP A 7 -0.51 -3.35 -6.26
C ASP A 7 -1.68 -2.46 -6.65
N HIS A 8 -1.74 -1.29 -6.05
CA HIS A 8 -2.85 -0.36 -6.36
C HIS A 8 -2.67 0.18 -7.81
N PRO A 9 -3.78 0.42 -8.53
CA PRO A 9 -3.68 0.93 -9.89
C PRO A 9 -2.64 2.05 -10.00
N GLY A 10 -1.45 1.68 -10.40
CA GLY A 10 -0.36 2.69 -10.54
C GLY A 10 0.39 2.85 -9.21
N CYS A 11 1.14 1.83 -8.84
CA CYS A 11 1.89 1.90 -7.57
C CYS A 11 3.20 1.14 -7.64
N ASP A 12 4.01 1.33 -6.64
CA ASP A 12 5.31 0.64 -6.60
C ASP A 12 6.00 0.90 -5.26
N LYS A 13 5.21 1.17 -4.25
CA LYS A 13 5.78 1.44 -2.90
C LYS A 13 5.79 0.18 -2.04
N ALA A 14 6.97 -0.29 -1.71
CA ALA A 14 7.07 -1.51 -0.87
C ALA A 14 6.83 -1.17 0.59
N PHE A 15 6.72 -2.19 1.40
CA PHE A 15 6.48 -1.95 2.85
C PHE A 15 7.04 -3.10 3.69
N VAL A 16 6.82 -3.01 5.00
CA VAL A 16 7.33 -4.07 5.93
C VAL A 16 6.17 -4.83 6.60
N ARG A 17 5.16 -4.09 7.01
CA ARG A 17 3.98 -4.75 7.68
C ARG A 17 2.69 -4.46 6.92
N ASN A 18 1.65 -5.14 7.31
CA ASN A 18 0.35 -4.91 6.62
C ASN A 18 -0.23 -3.56 6.99
N HIS A 19 -0.18 -3.23 8.26
CA HIS A 19 -0.73 -1.92 8.70
C HIS A 19 -0.31 -0.81 7.75
N ASP A 20 0.98 -0.62 7.59
CA ASP A 20 1.45 0.44 6.67
C ASP A 20 0.68 0.35 5.35
N LEU A 21 0.38 -0.86 4.98
CA LEU A 21 -0.37 -1.10 3.73
C LEU A 21 -1.80 -0.58 3.88
N ILE A 22 -2.34 -0.73 5.07
CA ILE A 22 -3.71 -0.24 5.30
C ILE A 22 -3.73 1.28 5.26
N ARG A 23 -2.73 1.87 5.84
CA ARG A 23 -2.65 3.35 5.85
C ARG A 23 -2.21 3.86 4.49
N HIS A 24 -1.39 3.07 3.82
CA HIS A 24 -0.91 3.49 2.48
C HIS A 24 -1.98 3.25 1.44
N LYS A 25 -2.82 2.29 1.72
CA LYS A 25 -3.92 1.98 0.77
C LYS A 25 -5.21 2.57 1.31
N LYS A 26 -5.09 3.38 2.37
CA LYS A 26 -6.30 4.02 3.00
C LYS A 26 -7.24 4.45 1.90
N SER A 27 -6.63 4.70 0.84
CA SER A 27 -7.31 5.13 -0.39
C SER A 27 -6.23 5.71 -1.21
N HIS A 28 -5.10 5.03 -1.14
CA HIS A 28 -3.94 5.46 -1.88
C HIS A 28 -3.76 6.94 -1.63
N GLN A 29 -4.20 7.32 -0.42
CA GLN A 29 -4.15 8.72 0.08
C GLN A 29 -2.96 9.51 -0.51
N GLU A 30 -3.03 9.74 -1.78
CA GLU A 30 -1.97 10.50 -2.52
C GLU A 30 -2.21 10.38 -4.02
N LYS A 31 -3.45 10.18 -4.39
CA LYS A 31 -3.78 10.05 -5.84
C LYS A 31 -2.99 11.02 -6.70
N ALA A 32 -2.79 10.65 -7.94
CA ALA A 32 -2.01 11.53 -8.85
C ALA A 32 -2.26 11.16 -10.31
ZN ZN B . 0.08 1.58 -3.30
N ASP A 1 3.02 -8.10 8.82
CA ASP A 1 4.22 -7.26 8.61
C ASP A 1 5.19 -7.96 7.68
N ARG A 2 5.19 -7.56 6.42
CA ARG A 2 6.13 -8.20 5.44
C ARG A 2 6.04 -7.46 4.05
N PRO A 3 6.84 -7.85 3.01
CA PRO A 3 6.80 -7.19 1.70
C PRO A 3 5.47 -6.57 1.35
N TYR A 4 4.54 -7.34 0.92
CA TYR A 4 3.23 -6.75 0.57
C TYR A 4 3.40 -5.57 -0.34
N SER A 5 3.35 -5.83 -1.61
CA SER A 5 3.51 -4.73 -2.59
C SER A 5 2.16 -4.30 -3.10
N CYS A 6 1.55 -3.37 -2.43
CA CYS A 6 0.23 -2.91 -2.88
C CYS A 6 0.25 -2.60 -4.38
N ASP A 7 -0.26 -3.53 -5.16
CA ASP A 7 -0.27 -3.33 -6.63
C ASP A 7 -1.49 -2.52 -7.08
N HIS A 8 -1.64 -1.35 -6.55
CA HIS A 8 -2.80 -0.51 -6.95
C HIS A 8 -2.46 0.24 -8.26
N PRO A 9 -3.44 0.43 -9.15
CA PRO A 9 -3.17 1.12 -10.41
C PRO A 9 -2.36 2.41 -10.15
N GLY A 10 -1.10 2.36 -10.47
CA GLY A 10 -0.23 3.56 -10.25
C GLY A 10 0.38 3.51 -8.85
N CYS A 11 1.17 2.50 -8.60
CA CYS A 11 1.81 2.37 -7.26
C CYS A 11 3.10 1.57 -7.34
N ASP A 12 3.92 1.72 -6.33
CA ASP A 12 5.20 0.98 -6.31
C ASP A 12 5.90 1.16 -4.97
N LYS A 13 5.10 1.22 -3.91
CA LYS A 13 5.70 1.39 -2.55
C LYS A 13 5.73 0.08 -1.78
N ALA A 14 6.76 -0.70 -2.01
CA ALA A 14 6.85 -2.00 -1.29
C ALA A 14 6.67 -1.77 0.19
N PHE A 15 6.70 -2.83 0.95
CA PHE A 15 6.50 -2.65 2.42
C PHE A 15 7.20 -3.73 3.27
N VAL A 16 6.87 -3.70 4.54
CA VAL A 16 7.44 -4.68 5.53
C VAL A 16 6.51 -4.72 6.75
N ARG A 17 5.88 -3.58 7.02
CA ARG A 17 4.95 -3.50 8.17
C ARG A 17 3.53 -3.83 7.70
N ASN A 18 2.65 -4.09 8.64
CA ASN A 18 1.24 -4.42 8.26
C ASN A 18 0.35 -3.18 8.22
N HIS A 19 0.03 -2.66 9.38
CA HIS A 19 -0.84 -1.45 9.43
C HIS A 19 -0.48 -0.45 8.34
N ASP A 20 0.79 -0.31 8.06
CA ASP A 20 1.19 0.65 7.00
C ASP A 20 0.45 0.33 5.70
N LEU A 21 0.40 -0.94 5.38
CA LEU A 21 -0.30 -1.35 4.12
C LEU A 21 -1.77 -0.92 4.21
N ILE A 22 -2.28 -0.90 5.42
CA ILE A 22 -3.69 -0.49 5.61
C ILE A 22 -3.81 1.01 5.48
N ARG A 23 -2.87 1.71 6.07
CA ARG A 23 -2.90 3.18 6.00
C ARG A 23 -2.39 3.65 4.65
N HIS A 24 -1.65 2.79 3.99
CA HIS A 24 -1.10 3.15 2.65
C HIS A 24 -2.15 2.85 1.57
N LYS A 25 -2.95 1.87 1.82
CA LYS A 25 -4.00 1.50 0.84
C LYS A 25 -5.15 2.51 0.83
N LYS A 26 -5.65 2.83 1.99
CA LYS A 26 -6.77 3.80 2.03
C LYS A 26 -6.42 5.08 1.27
N SER A 27 -5.15 5.34 1.13
CA SER A 27 -4.74 6.57 0.40
C SER A 27 -5.14 6.49 -1.06
N HIS A 28 -5.14 5.29 -1.59
CA HIS A 28 -5.51 5.13 -3.01
C HIS A 28 -7.00 5.47 -3.23
N GLN A 29 -7.77 5.37 -2.19
CA GLN A 29 -9.22 5.68 -2.32
C GLN A 29 -9.43 6.99 -3.08
N GLU A 30 -8.67 7.99 -2.73
CA GLU A 30 -8.81 9.32 -3.41
C GLU A 30 -10.25 9.79 -3.39
N LYS A 31 -10.50 10.84 -2.65
CA LYS A 31 -11.89 11.37 -2.57
C LYS A 31 -12.54 11.41 -3.94
N ALA A 32 -13.63 10.71 -4.08
CA ALA A 32 -14.33 10.69 -5.38
C ALA A 32 -14.96 12.06 -5.69
ZN ZN B . -0.26 1.40 -3.12
N ASP A 1 10.28 -11.57 1.36
CA ASP A 1 10.77 -10.17 1.32
C ASP A 1 9.62 -9.22 1.01
N ARG A 2 9.32 -8.36 1.95
CA ARG A 2 8.21 -7.40 1.71
C ARG A 2 6.97 -8.12 1.17
N PRO A 3 6.34 -8.93 2.02
CA PRO A 3 5.15 -9.69 1.63
C PRO A 3 3.95 -8.76 1.36
N TYR A 4 4.05 -7.52 1.80
CA TYR A 4 2.92 -6.56 1.58
C TYR A 4 3.22 -5.62 0.43
N SER A 5 3.14 -6.12 -0.75
CA SER A 5 3.41 -5.26 -1.95
C SER A 5 2.13 -4.99 -2.72
N CYS A 6 1.39 -3.97 -2.31
CA CYS A 6 0.13 -3.65 -3.01
C CYS A 6 0.34 -3.66 -4.53
N ASP A 7 -0.74 -3.63 -5.27
CA ASP A 7 -0.60 -3.64 -6.75
C ASP A 7 -1.72 -2.83 -7.45
N HIS A 8 -1.73 -1.53 -7.19
CA HIS A 8 -2.77 -0.64 -7.81
C HIS A 8 -2.08 0.36 -8.81
N PRO A 9 -2.73 0.70 -9.94
CA PRO A 9 -2.12 1.63 -10.89
C PRO A 9 -1.52 2.86 -10.18
N GLY A 10 -0.27 3.15 -10.46
CA GLY A 10 0.36 4.34 -9.79
C GLY A 10 0.29 4.11 -8.28
N CYS A 11 1.06 3.16 -7.81
CA CYS A 11 1.09 2.84 -6.36
C CYS A 11 2.50 2.83 -5.74
N ASP A 12 2.59 3.29 -4.50
CA ASP A 12 3.91 3.33 -3.77
C ASP A 12 4.13 2.01 -3.01
N LYS A 13 3.58 0.96 -3.59
CA LYS A 13 3.67 -0.41 -3.01
C LYS A 13 5.02 -0.73 -2.36
N ALA A 14 5.09 -1.95 -1.85
CA ALA A 14 6.32 -2.46 -1.16
C ALA A 14 6.28 -2.12 0.32
N PHE A 15 6.19 -3.13 1.16
CA PHE A 15 6.13 -2.86 2.62
C PHE A 15 6.58 -4.05 3.45
N VAL A 16 7.16 -3.74 4.58
CA VAL A 16 7.65 -4.81 5.50
C VAL A 16 6.68 -4.95 6.66
N ARG A 17 6.25 -3.83 7.16
CA ARG A 17 5.29 -3.83 8.29
C ARG A 17 3.87 -3.95 7.76
N ASN A 18 2.91 -4.02 8.65
CA ASN A 18 1.49 -4.14 8.20
C ASN A 18 0.83 -2.78 8.05
N HIS A 19 0.64 -2.11 9.16
CA HIS A 19 -0.01 -0.75 9.12
C HIS A 19 0.37 0.03 7.87
N ASP A 20 1.54 -0.22 7.36
CA ASP A 20 1.96 0.51 6.14
C ASP A 20 0.98 0.26 5.00
N LEU A 21 0.73 -1.00 4.74
CA LEU A 21 -0.23 -1.33 3.64
C LEU A 21 -1.60 -0.75 3.95
N ILE A 22 -1.90 -0.56 5.21
CA ILE A 22 -3.23 0.00 5.55
C ILE A 22 -3.25 1.49 5.23
N ARG A 23 -2.22 2.17 5.65
CA ARG A 23 -2.17 3.63 5.38
C ARG A 23 -1.85 3.88 3.91
N HIS A 24 -1.18 2.92 3.30
CA HIS A 24 -0.82 3.07 1.87
C HIS A 24 -2.05 2.76 0.99
N LYS A 25 -2.77 1.72 1.32
CA LYS A 25 -3.97 1.37 0.51
C LYS A 25 -5.05 2.43 0.66
N LYS A 26 -5.29 2.86 1.87
CA LYS A 26 -6.33 3.88 2.08
C LYS A 26 -6.13 5.08 1.16
N SER A 27 -4.93 5.23 0.67
CA SER A 27 -4.64 6.37 -0.24
C SER A 27 -5.29 6.15 -1.60
N HIS A 28 -5.42 4.91 -1.97
CA HIS A 28 -6.04 4.59 -3.29
C HIS A 28 -7.51 4.98 -3.30
N GLN A 29 -7.95 5.62 -2.26
CA GLN A 29 -9.37 6.02 -2.19
C GLN A 29 -9.63 7.25 -3.06
N GLU A 30 -8.97 8.33 -2.74
CA GLU A 30 -9.16 9.58 -3.53
C GLU A 30 -8.24 9.61 -4.76
N LYS A 31 -8.79 9.24 -5.89
CA LYS A 31 -7.96 9.24 -7.13
C LYS A 31 -6.69 8.41 -6.94
N ALA A 32 -5.99 8.16 -8.01
CA ALA A 32 -4.75 7.36 -7.90
C ALA A 32 -3.84 7.92 -6.82
ZN ZN B . -1.07 0.41 -3.59
N ASP A 1 10.21 -11.77 7.01
CA ASP A 1 10.67 -11.07 5.79
C ASP A 1 10.01 -9.70 5.69
N ARG A 2 9.89 -9.19 4.49
CA ARG A 2 9.27 -7.85 4.30
C ARG A 2 8.52 -7.78 2.95
N PRO A 3 7.41 -8.49 2.86
CA PRO A 3 6.61 -8.53 1.64
C PRO A 3 5.67 -7.29 1.52
N TYR A 4 4.45 -7.46 2.00
CA TYR A 4 3.44 -6.36 1.95
C TYR A 4 3.64 -5.47 0.74
N SER A 5 3.06 -5.87 -0.36
CA SER A 5 3.18 -5.08 -1.62
C SER A 5 1.82 -4.90 -2.28
N CYS A 6 1.25 -3.75 -2.08
CA CYS A 6 -0.08 -3.48 -2.68
C CYS A 6 -0.03 -3.73 -4.18
N ASP A 7 -1.12 -3.45 -4.82
CA ASP A 7 -1.18 -3.65 -6.31
C ASP A 7 -2.06 -2.59 -6.98
N HIS A 8 -1.74 -1.31 -6.76
CA HIS A 8 -2.55 -0.22 -7.38
C HIS A 8 -1.73 0.47 -8.52
N PRO A 9 -2.37 0.79 -9.66
CA PRO A 9 -1.65 1.44 -10.76
C PRO A 9 -1.15 2.85 -10.39
N GLY A 10 0.00 3.19 -10.91
CA GLY A 10 0.57 4.55 -10.62
C GLY A 10 0.95 4.71 -9.14
N CYS A 11 1.19 3.60 -8.46
CA CYS A 11 1.57 3.68 -7.00
C CYS A 11 2.99 3.10 -6.76
N ASP A 12 3.56 3.44 -5.62
CA ASP A 12 4.95 2.93 -5.29
C ASP A 12 4.98 1.50 -4.76
N LYS A 13 4.17 1.23 -3.79
CA LYS A 13 4.12 -0.14 -3.21
C LYS A 13 5.43 -0.57 -2.56
N ALA A 14 5.38 -1.78 -2.01
CA ALA A 14 6.56 -2.39 -1.32
C ALA A 14 6.60 -1.96 0.13
N PHE A 15 6.44 -2.92 1.03
CA PHE A 15 6.47 -2.57 2.48
C PHE A 15 7.02 -3.71 3.32
N VAL A 16 7.03 -3.52 4.63
CA VAL A 16 7.56 -4.59 5.55
C VAL A 16 6.51 -5.01 6.57
N ARG A 17 5.86 -4.05 7.17
CA ARG A 17 4.81 -4.37 8.20
C ARG A 17 3.42 -4.35 7.57
N ASN A 18 2.40 -4.47 8.39
CA ASN A 18 1.00 -4.46 7.87
C ASN A 18 0.39 -3.07 7.96
N HIS A 19 0.55 -2.44 9.11
CA HIS A 19 -0.02 -1.08 9.28
C HIS A 19 0.27 -0.21 8.06
N ASP A 20 1.45 -0.35 7.50
CA ASP A 20 1.76 0.47 6.31
C ASP A 20 0.71 0.21 5.26
N LEU A 21 0.54 -1.04 4.94
CA LEU A 21 -0.47 -1.43 3.92
C LEU A 21 -1.81 -0.77 4.25
N ILE A 22 -2.08 -0.59 5.52
CA ILE A 22 -3.36 0.05 5.91
C ILE A 22 -3.33 1.53 5.60
N ARG A 23 -2.39 2.21 6.18
CA ARG A 23 -2.29 3.66 5.94
C ARG A 23 -1.87 3.91 4.50
N HIS A 24 -1.46 2.85 3.84
CA HIS A 24 -1.02 3.01 2.42
C HIS A 24 -2.22 2.81 1.46
N LYS A 25 -2.98 1.77 1.69
CA LYS A 25 -4.16 1.52 0.81
C LYS A 25 -5.28 2.54 1.04
N LYS A 26 -5.23 3.21 2.15
CA LYS A 26 -6.30 4.21 2.43
C LYS A 26 -6.33 5.29 1.34
N SER A 27 -5.31 5.34 0.52
CA SER A 27 -5.27 6.35 -0.56
C SER A 27 -5.78 5.77 -1.88
N HIS A 28 -6.19 4.52 -1.84
CA HIS A 28 -6.71 3.86 -3.09
C HIS A 28 -8.21 3.73 -3.05
N GLN A 29 -8.68 2.81 -2.25
CA GLN A 29 -10.16 2.59 -2.12
C GLN A 29 -10.67 1.80 -3.32
N GLU A 30 -9.79 1.01 -3.90
CA GLU A 30 -10.20 0.20 -5.08
C GLU A 30 -10.72 1.11 -6.19
N LYS A 31 -11.64 0.61 -6.96
CA LYS A 31 -12.20 1.44 -8.07
C LYS A 31 -11.10 1.86 -9.04
N ALA A 32 -11.46 1.98 -10.29
CA ALA A 32 -10.44 2.39 -11.30
C ALA A 32 -11.10 2.64 -12.65
ZN ZN B . -0.65 1.25 -3.39
N ASP A 1 13.67 -8.38 5.87
CA ASP A 1 12.42 -8.81 5.20
C ASP A 1 11.50 -7.62 4.97
N ARG A 2 11.02 -7.48 3.75
CA ARG A 2 10.11 -6.33 3.44
C ARG A 2 9.01 -6.77 2.46
N PRO A 3 8.04 -7.55 2.96
CA PRO A 3 6.96 -8.04 2.14
C PRO A 3 5.88 -6.95 1.94
N TYR A 4 4.69 -7.39 1.76
CA TYR A 4 3.54 -6.49 1.56
C TYR A 4 3.76 -5.56 0.37
N SER A 5 3.05 -5.85 -0.68
CA SER A 5 3.16 -5.03 -1.92
C SER A 5 1.77 -4.84 -2.53
N CYS A 6 1.17 -3.71 -2.28
CA CYS A 6 -0.19 -3.46 -2.85
C CYS A 6 -0.20 -3.68 -4.35
N ASP A 7 -1.32 -3.42 -4.94
CA ASP A 7 -1.44 -3.59 -6.42
C ASP A 7 -2.29 -2.47 -7.04
N HIS A 8 -1.99 -1.23 -6.68
CA HIS A 8 -2.79 -0.10 -7.24
C HIS A 8 -2.08 0.47 -8.50
N PRO A 9 -2.83 0.80 -9.57
CA PRO A 9 -2.21 1.35 -10.79
C PRO A 9 -1.32 2.57 -10.52
N GLY A 10 -0.14 2.54 -11.09
CA GLY A 10 0.82 3.67 -10.91
C GLY A 10 1.07 4.02 -9.44
N CYS A 11 1.43 3.03 -8.65
CA CYS A 11 1.70 3.30 -7.20
C CYS A 11 3.09 2.77 -6.78
N ASP A 12 3.66 3.35 -5.74
CA ASP A 12 5.02 2.91 -5.26
C ASP A 12 5.06 1.48 -4.75
N LYS A 13 4.19 1.18 -3.85
CA LYS A 13 4.15 -0.20 -3.28
C LYS A 13 5.43 -0.58 -2.55
N ALA A 14 5.38 -1.80 -2.04
CA ALA A 14 6.54 -2.36 -1.27
C ALA A 14 6.44 -1.93 0.18
N PHE A 15 6.53 -2.86 1.11
CA PHE A 15 6.43 -2.46 2.54
C PHE A 15 7.09 -3.43 3.51
N VAL A 16 6.94 -3.11 4.77
CA VAL A 16 7.53 -3.96 5.84
C VAL A 16 6.51 -4.16 6.97
N ARG A 17 5.98 -3.06 7.45
CA ARG A 17 4.97 -3.14 8.54
C ARG A 17 3.58 -3.37 7.95
N ASN A 18 2.80 -4.17 8.63
CA ASN A 18 1.44 -4.44 8.12
C ASN A 18 0.64 -3.16 8.06
N HIS A 19 0.54 -2.50 9.19
CA HIS A 19 -0.23 -1.23 9.22
C HIS A 19 0.10 -0.37 8.01
N ASP A 20 1.23 -0.64 7.40
CA ASP A 20 1.60 0.17 6.22
C ASP A 20 0.63 -0.13 5.09
N LEU A 21 0.61 -1.37 4.64
CA LEU A 21 -0.32 -1.73 3.54
C LEU A 21 -1.73 -1.26 3.89
N ILE A 22 -2.03 -1.23 5.17
CA ILE A 22 -3.39 -0.79 5.58
C ILE A 22 -3.54 0.72 5.39
N ARG A 23 -2.70 1.46 6.05
CA ARG A 23 -2.80 2.93 5.91
C ARG A 23 -2.41 3.35 4.52
N HIS A 24 -1.78 2.44 3.81
CA HIS A 24 -1.36 2.74 2.43
C HIS A 24 -2.55 2.62 1.47
N LYS A 25 -3.28 1.54 1.60
CA LYS A 25 -4.46 1.36 0.71
C LYS A 25 -5.43 2.52 0.86
N LYS A 26 -5.68 2.91 2.08
CA LYS A 26 -6.61 4.02 2.31
C LYS A 26 -6.16 5.27 1.53
N SER A 27 -4.91 5.27 1.15
CA SER A 27 -4.39 6.44 0.39
C SER A 27 -4.98 6.47 -1.02
N HIS A 28 -5.34 5.31 -1.51
CA HIS A 28 -5.92 5.25 -2.87
C HIS A 28 -7.35 5.77 -2.86
N GLN A 29 -7.67 6.57 -1.86
CA GLN A 29 -9.05 7.13 -1.75
C GLN A 29 -8.97 8.62 -1.41
N GLU A 30 -7.79 9.18 -1.57
CA GLU A 30 -7.62 10.62 -1.26
C GLU A 30 -7.99 10.92 0.20
N LYS A 31 -7.04 11.44 0.93
CA LYS A 31 -7.31 11.76 2.35
C LYS A 31 -6.29 12.75 2.89
N ALA A 32 -6.15 12.77 4.20
CA ALA A 32 -5.17 13.71 4.81
C ALA A 32 -3.77 13.45 4.26
ZN ZN B . -0.84 1.25 -3.54
#